data_8Z9A
#
_entry.id   8Z9A
#
loop_
_entity.id
_entity.type
_entity.pdbx_description
1 polymer 'Odorant receptor, ApisOrco'
2 polymer 'Odorant receptor, ApisOR5'
3 non-polymer 1,2-DIACYL-SN-GLYCERO-3-PHOSPHOCHOLINE
4 non-polymer '[(2E)-3,7-dimethylocta-2,6-dienyl] ethanoate'
#
loop_
_entity_poly.entity_id
_entity_poly.type
_entity_poly.pdbx_seq_one_letter_code
_entity_poly.pdbx_strand_id
1 'polypeptide(L)'
;MGYKKDGLIKDLWPNIRLIQLSGLFISEYYDDYSGLAVLFRKIYSWITAIIIYSQFIFIVIFMVTKSNDSDQLAAGVVTT
LFFTHSMIKFVYFSTGTKSFYRTLSCWNNTSPHPLFAESHSRFHAKSLSRMRQLLIIVSIVTIFTTISWTTITFFGESVW
KVPDPETFNQTMYVPVPRLMLHSWYPWDSGHGLGYIVAFVLQFYWVFITLSHSNLMELLFSSFLVHACEQLQHLKEILNP
LIELSATLDSSVHNPAEIFRANSAKNQSINGIDHDYNGSYVNEITEYGTKGENEPNRKGPNNLTSNQEVLVRSAIKYWVE
RHKHVVKYVSLITECYGSALLFHMLVSTVILTILAYQATKINGVNVFAFSTIGYLMYSFAQIFMFCIHGNELIEESSSVM
EAAYGCHWYDGSEEAKTFVQIVCQQCQKPLIVSGAKFFNVSLDLFASVLGAVVTYFMVLVQLK
;
A,B,C
2 'polypeptide(L)'
;MQRIDTINMFLQMTGCTDSKAMLYLTYFEFLITFYYLIATYASIVHFEQSVTIQLFALLCMLIECVILLNITFRLYHKNH
IREMHQYSRRLGIPDSYRSVINVITKYHLIASNIFVVFPVTYAIFCDSVRVGDPFTFPFLDVLPMHTDNLAIYACKYLVY
AISVYIAHVELCFINTTFIYYVGVLKHRLETIVQTIGEAFADNDEQKFKYAIIQHQKLLSYFNTMKIVFSKPILLSMSFN
AIYFGLTTSFVIQAIRGYINQAILSICIASSAAAVINITIYTFYGSELMDLHDKILHVLFDNAFFYVSKSFKSSILIMMT
RVTIPLKFTVGYIFTINLNLLLKILKMSYTVLNVLLSSETIKPHKLS
;
D
#
# COMPACT_ATOMS: atom_id res chain seq x y z
N LYS A 5 17.13 -1.01 43.32
CA LYS A 5 16.80 -0.61 41.96
C LYS A 5 15.56 0.28 41.93
N ASP A 6 15.43 1.05 40.86
CA ASP A 6 14.28 1.93 40.70
C ASP A 6 14.09 2.21 39.22
N GLY A 7 12.88 2.67 38.88
CA GLY A 7 12.53 2.96 37.50
C GLY A 7 12.00 1.75 36.76
N LEU A 8 12.40 1.60 35.49
CA LEU A 8 11.94 0.48 34.69
C LEU A 8 12.55 -0.84 35.15
N ILE A 9 13.69 -0.81 35.85
CA ILE A 9 14.31 -2.03 36.35
C ILE A 9 13.42 -2.70 37.39
N LYS A 10 12.86 -1.91 38.30
CA LYS A 10 12.00 -2.47 39.34
C LYS A 10 10.74 -3.09 38.76
N ASP A 11 10.15 -2.45 37.75
CA ASP A 11 8.96 -3.00 37.11
C ASP A 11 9.27 -4.31 36.41
N LEU A 12 10.42 -4.38 35.72
CA LEU A 12 10.83 -5.58 35.01
C LEU A 12 11.80 -6.43 35.82
N TRP A 13 11.70 -6.40 37.14
CA TRP A 13 12.62 -7.22 37.95
C TRP A 13 12.42 -8.71 37.74
N PRO A 14 11.19 -9.26 37.73
CA PRO A 14 11.07 -10.70 37.44
C PRO A 14 11.65 -11.10 36.11
N ASN A 15 11.49 -10.27 35.07
CA ASN A 15 12.05 -10.58 33.78
C ASN A 15 13.58 -10.62 33.84
N ILE A 16 14.18 -9.63 34.49
CA ILE A 16 15.64 -9.59 34.57
C ILE A 16 16.17 -10.73 35.41
N ARG A 17 15.46 -11.09 36.48
CA ARG A 17 15.88 -12.22 37.30
C ARG A 17 15.79 -13.53 36.53
N LEU A 18 14.72 -13.71 35.75
CA LEU A 18 14.62 -14.92 34.93
C LEU A 18 15.70 -14.95 33.86
N ILE A 19 16.03 -13.80 33.28
CA ILE A 19 17.11 -13.73 32.30
C ILE A 19 18.44 -14.11 32.95
N GLN A 20 18.70 -13.60 34.16
CA GLN A 20 19.93 -13.92 34.85
C GLN A 20 20.01 -15.40 35.20
N LEU A 21 18.90 -15.98 35.68
CA LEU A 21 18.90 -17.40 36.04
C LEU A 21 18.91 -18.30 34.82
N SER A 22 18.48 -17.80 33.66
CA SER A 22 18.32 -18.67 32.51
C SER A 22 19.66 -19.05 31.88
N GLY A 23 20.68 -18.21 32.04
CA GLY A 23 22.00 -18.48 31.51
C GLY A 23 22.48 -17.50 30.45
N LEU A 24 21.70 -16.48 30.10
CA LEU A 24 22.15 -15.50 29.14
C LEU A 24 23.31 -14.67 29.70
N PHE A 25 24.14 -14.16 28.81
CA PHE A 25 25.31 -13.37 29.19
C PHE A 25 24.83 -11.99 29.62
N ILE A 26 24.47 -11.88 30.91
CA ILE A 26 24.07 -10.63 31.52
C ILE A 26 24.93 -10.40 32.74
N SER A 27 25.46 -9.18 32.88
CA SER A 27 26.40 -8.88 33.95
C SER A 27 25.90 -7.83 34.94
N GLU A 28 24.95 -6.99 34.58
CA GLU A 28 24.49 -5.92 35.45
C GLU A 28 23.35 -6.40 36.34
N TYR A 29 22.87 -5.49 37.19
CA TYR A 29 21.70 -5.73 38.05
C TYR A 29 21.94 -6.88 39.03
N TYR A 30 23.13 -6.98 39.58
CA TYR A 30 23.47 -7.92 40.63
C TYR A 30 23.77 -7.17 41.91
N ASP A 31 24.04 -7.94 42.97
CA ASP A 31 24.40 -7.35 44.26
C ASP A 31 25.56 -8.11 44.90
N ASP A 32 26.27 -8.91 44.12
CA ASP A 32 27.36 -9.74 44.61
C ASP A 32 28.58 -9.62 43.70
N TYR A 33 28.99 -8.39 43.42
CA TYR A 33 30.10 -8.14 42.50
C TYR A 33 31.41 -8.49 43.21
N SER A 34 31.65 -9.79 43.32
CA SER A 34 32.89 -10.32 43.86
C SER A 34 33.53 -11.24 42.83
N GLY A 35 34.84 -11.45 42.98
CA GLY A 35 35.57 -12.25 42.00
C GLY A 35 35.04 -13.66 41.88
N LEU A 36 34.78 -14.31 43.03
CA LEU A 36 34.26 -15.67 43.01
C LEU A 36 32.89 -15.73 42.36
N ALA A 37 32.00 -14.80 42.73
CA ALA A 37 30.65 -14.80 42.17
C ALA A 37 30.68 -14.53 40.67
N VAL A 38 31.50 -13.57 40.24
CA VAL A 38 31.59 -13.27 38.81
C VAL A 38 32.14 -14.46 38.04
N LEU A 39 33.18 -15.11 38.59
CA LEU A 39 33.74 -16.28 37.92
C LEU A 39 32.72 -17.41 37.83
N PHE A 40 31.99 -17.67 38.91
CA PHE A 40 30.96 -18.71 38.88
C PHE A 40 29.88 -18.38 37.86
N ARG A 41 29.46 -17.12 37.81
CA ARG A 41 28.42 -16.71 36.87
C ARG A 41 28.89 -16.89 35.43
N LYS A 42 30.12 -16.47 35.13
CA LYS A 42 30.65 -16.63 33.79
C LYS A 42 30.79 -18.10 33.42
N ILE A 43 31.23 -18.93 34.37
CA ILE A 43 31.38 -20.36 34.10
C ILE A 43 30.03 -20.98 33.80
N TYR A 44 29.00 -20.64 34.59
CA TYR A 44 27.67 -21.19 34.37
C TYR A 44 27.11 -20.76 33.03
N SER A 45 27.27 -19.48 32.67
CA SER A 45 26.77 -19.00 31.39
C SER A 45 27.49 -19.66 30.22
N TRP A 46 28.82 -19.84 30.33
CA TRP A 46 29.57 -20.49 29.28
C TRP A 46 29.19 -21.96 29.14
N ILE A 47 28.95 -22.64 30.25
CA ILE A 47 28.50 -24.03 30.20
C ILE A 47 27.14 -24.11 29.50
N THR A 48 26.24 -23.19 29.85
CA THR A 48 24.94 -23.16 29.19
C THR A 48 25.08 -22.95 27.69
N ALA A 49 25.91 -21.98 27.29
CA ALA A 49 26.10 -21.73 25.86
C ALA A 49 26.68 -22.93 25.14
N ILE A 50 27.67 -23.58 25.75
CA ILE A 50 28.30 -24.74 25.15
C ILE A 50 27.28 -25.85 24.95
N ILE A 51 26.49 -26.13 25.99
CA ILE A 51 25.49 -27.19 25.87
C ILE A 51 24.47 -26.86 24.79
N ILE A 52 23.99 -25.61 24.78
CA ILE A 52 22.97 -25.21 23.82
C ILE A 52 23.46 -25.41 22.40
N TYR A 53 24.66 -24.89 22.10
CA TYR A 53 25.12 -24.93 20.71
C TYR A 53 25.60 -26.32 20.33
N SER A 54 26.13 -27.10 21.27
CA SER A 54 26.46 -28.49 20.96
C SER A 54 25.23 -29.29 20.61
N GLN A 55 24.14 -29.12 21.36
CA GLN A 55 22.92 -29.85 21.03
C GLN A 55 22.33 -29.37 19.72
N PHE A 56 22.43 -28.07 19.43
CA PHE A 56 21.96 -27.58 18.13
C PHE A 56 22.75 -28.21 16.99
N ILE A 57 24.08 -28.30 17.15
CA ILE A 57 24.91 -28.92 16.12
C ILE A 57 24.57 -30.40 15.98
N PHE A 58 24.24 -31.05 17.10
CA PHE A 58 23.88 -32.47 17.05
C PHE A 58 22.59 -32.69 16.26
N ILE A 59 21.57 -31.86 16.51
CA ILE A 59 20.32 -32.02 15.77
C ILE A 59 20.48 -31.58 14.31
N VAL A 60 21.46 -30.71 14.02
CA VAL A 60 21.75 -30.41 12.63
C VAL A 60 22.43 -31.60 11.95
N ILE A 61 23.35 -32.27 12.66
CA ILE A 61 24.02 -33.44 12.12
C ILE A 61 23.02 -34.54 11.82
N PHE A 62 22.09 -34.79 12.75
CA PHE A 62 21.02 -35.74 12.47
C PHE A 62 19.94 -35.01 11.67
N MET A 63 20.35 -34.34 10.60
CA MET A 63 19.42 -33.79 9.62
C MET A 63 19.90 -33.95 8.19
N VAL A 64 21.20 -34.11 7.96
CA VAL A 64 21.76 -34.22 6.62
C VAL A 64 22.40 -35.58 6.45
N THR A 65 22.83 -36.19 7.55
CA THR A 65 23.48 -37.49 7.51
C THR A 65 22.52 -38.66 7.67
N LYS A 66 21.26 -38.40 8.06
CA LYS A 66 20.30 -39.46 8.28
C LYS A 66 18.95 -39.14 7.62
N SER A 67 18.92 -38.23 6.67
CA SER A 67 17.71 -37.85 5.95
C SER A 67 17.77 -38.42 4.55
N ASN A 68 16.76 -39.22 4.18
CA ASN A 68 16.69 -39.83 2.86
C ASN A 68 15.52 -39.28 2.05
N ASP A 69 14.30 -39.36 2.58
CA ASP A 69 13.13 -38.83 1.90
C ASP A 69 13.08 -37.32 2.01
N SER A 70 12.31 -36.69 1.12
CA SER A 70 12.09 -35.25 1.22
C SER A 70 11.22 -34.89 2.41
N ASP A 71 10.34 -35.81 2.83
CA ASP A 71 9.54 -35.56 4.03
C ASP A 71 10.41 -35.49 5.28
N GLN A 72 11.39 -36.41 5.38
CA GLN A 72 12.30 -36.37 6.52
C GLN A 72 13.13 -35.10 6.50
N LEU A 73 13.57 -34.66 5.31
CA LEU A 73 14.29 -33.40 5.20
C LEU A 73 13.42 -32.24 5.65
N ALA A 74 12.15 -32.23 5.26
CA ALA A 74 11.25 -31.15 5.66
C ALA A 74 11.08 -31.11 7.17
N ALA A 75 10.86 -32.28 7.79
CA ALA A 75 10.68 -32.32 9.23
C ALA A 75 11.94 -31.87 9.97
N GLY A 76 13.10 -32.36 9.55
CA GLY A 76 14.34 -31.95 10.18
C GLY A 76 14.61 -30.47 10.03
N VAL A 77 14.35 -29.92 8.84
CA VAL A 77 14.55 -28.50 8.62
C VAL A 77 13.58 -27.69 9.46
N VAL A 78 12.35 -28.18 9.62
CA VAL A 78 11.37 -27.46 10.44
C VAL A 78 11.86 -27.40 11.89
N THR A 79 12.32 -28.52 12.43
CA THR A 79 12.81 -28.50 13.81
C THR A 79 14.04 -27.61 13.96
N THR A 80 14.98 -27.71 13.01
CA THR A 80 16.20 -26.93 13.09
C THR A 80 15.91 -25.43 13.02
N LEU A 81 15.02 -25.02 12.11
CA LEU A 81 14.67 -23.61 12.02
C LEU A 81 13.81 -23.17 13.20
N PHE A 82 13.06 -24.09 13.80
CA PHE A 82 12.29 -23.76 14.99
C PHE A 82 13.20 -23.40 16.14
N PHE A 83 14.30 -24.13 16.31
CA PHE A 83 15.23 -23.80 17.38
C PHE A 83 16.30 -22.80 16.97
N THR A 84 16.40 -22.48 15.68
CA THR A 84 17.29 -21.42 15.25
C THR A 84 16.87 -20.08 15.82
N HIS A 85 15.58 -19.91 16.15
CA HIS A 85 15.14 -18.70 16.83
C HIS A 85 15.89 -18.50 18.14
N SER A 86 15.90 -19.53 18.99
CA SER A 86 16.64 -19.44 20.25
C SER A 86 18.13 -19.34 20.01
N MET A 87 18.64 -20.04 19.00
CA MET A 87 20.07 -19.96 18.71
C MET A 87 20.49 -18.54 18.36
N ILE A 88 19.68 -17.85 17.54
CA ILE A 88 19.99 -16.47 17.17
C ILE A 88 19.80 -15.54 18.35
N LYS A 89 18.72 -15.72 19.12
CA LYS A 89 18.41 -14.79 20.19
C LYS A 89 19.43 -14.88 21.33
N PHE A 90 19.95 -16.06 21.62
CA PHE A 90 20.96 -16.18 22.67
C PHE A 90 22.18 -15.32 22.36
N VAL A 91 22.71 -15.44 21.15
CA VAL A 91 23.88 -14.64 20.77
C VAL A 91 23.52 -13.20 20.50
N TYR A 92 22.26 -12.91 20.19
CA TYR A 92 21.84 -11.52 20.02
C TYR A 92 21.84 -10.78 21.34
N PHE A 93 21.24 -11.37 22.37
CA PHE A 93 21.25 -10.73 23.69
C PHE A 93 22.63 -10.76 24.31
N SER A 94 23.35 -11.88 24.17
CA SER A 94 24.61 -12.04 24.88
C SER A 94 25.64 -11.00 24.45
N THR A 95 25.74 -10.73 23.15
CA THR A 95 26.72 -9.79 22.63
C THR A 95 26.13 -8.42 22.35
N GLY A 96 24.88 -8.17 22.73
CA GLY A 96 24.27 -6.89 22.49
C GLY A 96 23.56 -6.34 23.71
N THR A 97 24.10 -6.60 24.89
CA THR A 97 23.45 -6.16 26.13
C THR A 97 23.48 -4.64 26.31
N LYS A 98 24.37 -3.93 25.61
CA LYS A 98 24.46 -2.49 25.81
C LYS A 98 23.17 -1.79 25.40
N SER A 99 22.57 -2.22 24.29
CA SER A 99 21.31 -1.63 23.85
C SER A 99 20.19 -1.91 24.85
N PHE A 100 20.14 -3.12 25.39
CA PHE A 100 19.12 -3.45 26.37
C PHE A 100 19.30 -2.64 27.65
N TYR A 101 20.56 -2.45 28.07
CA TYR A 101 20.83 -1.62 29.24
C TYR A 101 20.42 -0.17 29.00
N ARG A 102 20.69 0.35 27.81
CA ARG A 102 20.27 1.71 27.49
C ARG A 102 18.76 1.84 27.50
N THR A 103 18.05 0.85 26.95
CA THR A 103 16.59 0.89 26.93
C THR A 103 16.02 0.81 28.34
N LEU A 104 16.59 -0.06 29.18
CA LEU A 104 16.10 -0.24 30.54
C LEU A 104 16.41 0.92 31.45
N SER A 105 17.28 1.84 31.05
CA SER A 105 17.72 2.94 31.89
C SER A 105 17.15 4.29 31.45
N CYS A 106 16.19 4.30 30.52
CA CYS A 106 15.65 5.57 30.05
C CYS A 106 14.79 6.24 31.12
N TRP A 107 13.93 5.46 31.78
CA TRP A 107 13.03 5.98 32.80
C TRP A 107 13.65 5.82 34.19
N ASN A 108 14.82 6.41 34.38
CA ASN A 108 15.57 6.23 35.62
C ASN A 108 15.27 7.32 36.63
N ASN A 109 15.52 8.58 36.27
CA ASN A 109 15.38 9.69 37.20
C ASN A 109 14.10 10.50 36.96
N THR A 110 13.23 10.05 36.06
CA THR A 110 12.00 10.78 35.80
C THR A 110 11.07 10.67 37.01
N SER A 111 10.42 11.78 37.34
CA SER A 111 9.45 11.83 38.42
C SER A 111 8.21 12.57 37.95
N PRO A 112 7.02 12.14 38.36
CA PRO A 112 5.80 12.80 37.90
C PRO A 112 5.67 14.20 38.49
N HIS A 113 4.98 15.05 37.74
CA HIS A 113 4.65 16.38 38.23
C HIS A 113 3.67 16.26 39.39
N PRO A 114 3.80 17.10 40.43
CA PRO A 114 2.92 16.95 41.60
C PRO A 114 1.45 17.07 41.27
N LEU A 115 1.10 17.80 40.20
CA LEU A 115 -0.30 17.88 39.80
C LEU A 115 -0.81 16.57 39.22
N PHE A 116 0.06 15.82 38.54
CA PHE A 116 -0.34 14.60 37.84
C PHE A 116 0.27 13.35 38.47
N ALA A 117 0.57 13.39 39.77
CA ALA A 117 1.17 12.23 40.43
C ALA A 117 0.17 11.09 40.58
N GLU A 118 -1.09 11.42 40.88
CA GLU A 118 -2.10 10.38 41.06
C GLU A 118 -2.34 9.60 39.77
N SER A 119 -2.49 10.32 38.65
CA SER A 119 -2.69 9.66 37.38
C SER A 119 -1.47 8.82 36.99
N HIS A 120 -0.27 9.35 37.24
CA HIS A 120 0.93 8.60 36.92
C HIS A 120 1.01 7.31 37.74
N SER A 121 0.67 7.38 39.02
CA SER A 121 0.67 6.17 39.84
C SER A 121 -0.36 5.17 39.35
N ARG A 122 -1.55 5.66 38.96
CA ARG A 122 -2.59 4.77 38.43
C ARG A 122 -2.11 4.04 37.19
N PHE A 123 -1.53 4.77 36.23
CA PHE A 123 -1.11 4.13 34.99
C PHE A 123 0.14 3.28 35.19
N HIS A 124 0.99 3.64 36.16
CA HIS A 124 2.11 2.77 36.51
C HIS A 124 1.62 1.44 37.06
N ALA A 125 0.58 1.47 37.91
CA ALA A 125 0.00 0.23 38.41
C ALA A 125 -0.59 -0.58 37.28
N LYS A 126 -1.27 0.07 36.34
CA LYS A 126 -1.83 -0.65 35.19
C LYS A 126 -0.73 -1.31 34.37
N SER A 127 0.37 -0.58 34.13
CA SER A 127 1.49 -1.14 33.37
C SER A 127 2.11 -2.33 34.10
N LEU A 128 2.28 -2.22 35.42
CA LEU A 128 2.82 -3.33 36.19
C LEU A 128 1.92 -4.56 36.10
N SER A 129 0.61 -4.36 36.21
CA SER A 129 -0.31 -5.49 36.11
C SER A 129 -0.24 -6.14 34.74
N ARG A 130 -0.19 -5.33 33.68
CA ARG A 130 -0.09 -5.90 32.33
C ARG A 130 1.20 -6.68 32.15
N MET A 131 2.32 -6.15 32.67
CA MET A 131 3.60 -6.84 32.55
C MET A 131 3.57 -8.18 33.29
N ARG A 132 2.99 -8.20 34.49
CA ARG A 132 2.91 -9.45 35.25
C ARG A 132 2.02 -10.46 34.53
N GLN A 133 0.91 -10.01 33.96
CA GLN A 133 0.04 -10.92 33.22
C GLN A 133 0.75 -11.50 32.00
N LEU A 134 1.53 -10.67 31.30
CA LEU A 134 2.30 -11.17 30.16
C LEU A 134 3.32 -12.20 30.61
N LEU A 135 4.01 -11.93 31.72
CA LEU A 135 4.97 -12.90 32.23
C LEU A 135 4.31 -14.23 32.56
N ILE A 136 3.14 -14.18 33.20
CA ILE A 136 2.44 -15.41 33.56
C ILE A 136 2.04 -16.18 32.31
N ILE A 137 1.53 -15.47 31.30
CA ILE A 137 1.10 -16.14 30.07
C ILE A 137 2.27 -16.79 29.35
N VAL A 138 3.40 -16.07 29.28
CA VAL A 138 4.59 -16.63 28.63
C VAL A 138 5.07 -17.86 29.37
N SER A 139 5.14 -17.80 30.70
CA SER A 139 5.59 -18.95 31.46
C SER A 139 4.67 -20.14 31.26
N ILE A 140 3.35 -19.91 31.26
CA ILE A 140 2.40 -21.00 31.07
C ILE A 140 2.58 -21.62 29.68
N VAL A 141 2.74 -20.78 28.65
CA VAL A 141 2.90 -21.30 27.30
C VAL A 141 4.18 -22.09 27.16
N THR A 142 5.28 -21.59 27.73
CA THR A 142 6.56 -22.30 27.66
C THR A 142 6.49 -23.65 28.37
N ILE A 143 5.91 -23.68 29.58
CA ILE A 143 5.80 -24.94 30.30
C ILE A 143 4.89 -25.92 29.57
N PHE A 144 3.79 -25.43 29.01
CA PHE A 144 2.89 -26.30 28.26
C PHE A 144 3.58 -26.86 27.01
N THR A 145 4.36 -26.03 26.31
CA THR A 145 5.08 -26.52 25.14
C THR A 145 6.10 -27.58 25.53
N THR A 146 6.83 -27.35 26.63
CA THR A 146 7.81 -28.33 27.08
C THR A 146 7.14 -29.65 27.48
N ILE A 147 5.98 -29.57 28.12
CA ILE A 147 5.28 -30.78 28.54
C ILE A 147 4.76 -31.54 27.32
N SER A 148 4.14 -30.82 26.37
CA SER A 148 3.58 -31.48 25.19
C SER A 148 4.67 -32.06 24.31
N TRP A 149 5.85 -31.45 24.28
CA TRP A 149 6.94 -32.02 23.49
C TRP A 149 7.36 -33.38 24.01
N THR A 150 7.42 -33.56 25.33
CA THR A 150 7.71 -34.87 25.90
C THR A 150 6.54 -35.83 25.78
N THR A 151 5.31 -35.33 25.84
CA THR A 151 4.13 -36.16 25.72
C THR A 151 3.94 -36.74 24.32
N ILE A 152 4.19 -35.97 23.27
CA ILE A 152 3.95 -36.46 21.91
C ILE A 152 4.98 -37.50 21.47
N THR A 153 6.10 -37.63 22.19
CA THR A 153 7.09 -38.63 21.81
C THR A 153 6.67 -40.05 22.15
N PHE A 154 5.68 -40.22 23.03
CA PHE A 154 5.24 -41.53 23.46
C PHE A 154 3.94 -41.96 22.80
N PHE A 155 3.50 -41.27 21.75
CA PHE A 155 2.25 -41.58 21.07
C PHE A 155 2.47 -41.96 19.61
N GLY A 156 3.66 -42.44 19.28
CA GLY A 156 3.95 -42.86 17.93
C GLY A 156 4.90 -44.04 17.94
N GLU A 157 5.25 -44.50 16.74
CA GLU A 157 6.22 -45.56 16.56
C GLU A 157 7.58 -44.95 16.26
N SER A 158 8.58 -45.28 17.07
CA SER A 158 9.92 -44.73 16.92
C SER A 158 10.64 -45.51 15.82
N VAL A 159 10.28 -45.19 14.58
CA VAL A 159 10.85 -45.84 13.41
C VAL A 159 11.42 -44.78 12.49
N TRP A 160 12.42 -45.19 11.71
CA TRP A 160 13.07 -44.30 10.76
C TRP A 160 13.15 -45.00 9.40
N LYS A 161 12.93 -44.22 8.33
CA LYS A 161 12.85 -44.73 6.97
C LYS A 161 14.25 -44.73 6.37
N VAL A 162 14.86 -45.91 6.29
CA VAL A 162 16.22 -46.06 5.79
C VAL A 162 16.18 -46.91 4.54
N PRO A 163 16.95 -46.60 3.49
CA PRO A 163 16.97 -47.45 2.30
C PRO A 163 17.39 -48.88 2.65
N ASP A 164 16.73 -49.84 2.02
CA ASP A 164 16.97 -51.24 2.33
C ASP A 164 18.35 -51.66 1.81
N PRO A 165 19.20 -52.25 2.66
CA PRO A 165 20.54 -52.63 2.22
C PRO A 165 20.61 -53.95 1.47
N GLU A 166 19.47 -54.60 1.19
CA GLU A 166 19.44 -55.85 0.46
C GLU A 166 18.92 -55.70 -0.96
N THR A 167 17.77 -55.03 -1.12
CA THR A 167 17.19 -54.81 -2.44
C THR A 167 17.81 -53.59 -3.09
N PHE A 168 17.22 -53.15 -4.21
CA PHE A 168 17.75 -52.03 -4.97
C PHE A 168 17.09 -50.71 -4.58
N ASN A 169 15.77 -50.63 -4.70
CA ASN A 169 15.04 -49.37 -4.51
C ASN A 169 13.86 -49.57 -3.56
N GLN A 170 14.12 -50.22 -2.43
CA GLN A 170 13.13 -50.40 -1.39
C GLN A 170 13.63 -49.75 -0.10
N THR A 171 12.69 -49.46 0.79
CA THR A 171 12.98 -48.74 2.03
C THR A 171 12.32 -49.46 3.19
N MET A 172 13.03 -49.50 4.33
CA MET A 172 12.57 -50.23 5.50
C MET A 172 12.58 -49.33 6.73
N TYR A 173 11.77 -49.71 7.71
CA TYR A 173 11.67 -48.97 8.97
C TYR A 173 12.60 -49.60 10.00
N VAL A 174 13.53 -48.82 10.52
CA VAL A 174 14.47 -49.28 11.54
C VAL A 174 14.03 -48.71 12.88
N PRO A 175 14.08 -49.48 13.96
CA PRO A 175 13.81 -48.89 15.28
C PRO A 175 14.81 -47.80 15.61
N VAL A 176 14.31 -46.73 16.22
CA VAL A 176 15.12 -45.55 16.53
C VAL A 176 14.90 -45.23 18.01
N PRO A 177 15.85 -44.62 18.70
CA PRO A 177 15.60 -44.22 20.09
C PRO A 177 14.41 -43.29 20.19
N ARG A 178 13.61 -43.49 21.23
CA ARG A 178 12.41 -42.68 21.47
C ARG A 178 12.82 -41.48 22.31
N LEU A 179 13.14 -40.38 21.65
CA LEU A 179 13.61 -39.17 22.30
C LEU A 179 12.76 -37.99 21.86
N MET A 180 12.96 -36.86 22.54
CA MET A 180 12.22 -35.65 22.19
C MET A 180 12.63 -35.12 20.83
N LEU A 181 13.90 -35.26 20.48
CA LEU A 181 14.45 -34.76 19.23
C LEU A 181 15.28 -35.83 18.54
N HIS A 182 15.33 -35.78 17.22
CA HIS A 182 16.22 -36.63 16.45
C HIS A 182 17.59 -35.96 16.43
N SER A 183 18.56 -36.54 17.14
CA SER A 183 19.88 -35.93 17.24
C SER A 183 20.93 -37.02 17.39
N TRP A 184 22.07 -36.81 16.72
CA TRP A 184 23.20 -37.70 16.81
C TRP A 184 24.00 -37.43 18.08
N TYR A 185 24.58 -38.47 18.65
CA TYR A 185 25.35 -38.35 19.87
C TYR A 185 26.67 -39.10 19.75
N PRO A 186 27.72 -38.60 20.41
CA PRO A 186 28.98 -39.37 20.45
C PRO A 186 28.83 -40.74 21.10
N TRP A 187 27.95 -40.87 22.09
CA TRP A 187 27.73 -42.13 22.77
C TRP A 187 26.54 -42.85 22.15
N ASP A 188 26.12 -43.95 22.75
CA ASP A 188 25.00 -44.75 22.28
C ASP A 188 23.77 -44.35 23.08
N SER A 189 22.89 -43.57 22.45
CA SER A 189 21.66 -43.11 23.08
C SER A 189 20.48 -44.04 22.85
N GLY A 190 20.75 -45.31 22.56
CA GLY A 190 19.68 -46.25 22.25
C GLY A 190 19.08 -46.92 23.47
N HIS A 191 19.86 -47.08 24.53
CA HIS A 191 19.40 -47.79 25.71
C HIS A 191 20.26 -47.41 26.90
N GLY A 192 19.71 -47.64 28.09
CA GLY A 192 20.46 -47.52 29.32
C GLY A 192 20.83 -46.08 29.66
N LEU A 193 21.94 -45.95 30.40
CA LEU A 193 22.37 -44.65 30.90
C LEU A 193 22.55 -43.65 29.77
N GLY A 194 23.00 -44.11 28.60
CA GLY A 194 23.06 -43.22 27.44
C GLY A 194 21.70 -42.67 27.08
N TYR A 195 20.67 -43.53 27.08
CA TYR A 195 19.32 -43.08 26.76
C TYR A 195 18.80 -42.10 27.80
N ILE A 196 19.01 -42.40 29.09
CA ILE A 196 18.55 -41.49 30.13
C ILE A 196 19.25 -40.14 30.03
N VAL A 197 20.56 -40.15 29.79
CA VAL A 197 21.30 -38.91 29.67
C VAL A 197 20.81 -38.11 28.47
N ALA A 198 20.58 -38.78 27.34
CA ALA A 198 20.08 -38.09 26.16
C ALA A 198 18.71 -37.48 26.40
N PHE A 199 17.82 -38.23 27.07
CA PHE A 199 16.48 -37.71 27.32
C PHE A 199 16.53 -36.50 28.25
N VAL A 200 17.32 -36.58 29.33
CA VAL A 200 17.41 -35.47 30.27
C VAL A 200 18.01 -34.25 29.58
N LEU A 201 19.07 -34.46 28.79
CA LEU A 201 19.71 -33.34 28.10
C LEU A 201 18.75 -32.69 27.10
N GLN A 202 17.98 -33.51 26.37
CA GLN A 202 17.05 -32.94 25.40
C GLN A 202 15.93 -32.17 26.10
N PHE A 203 15.43 -32.68 27.23
CA PHE A 203 14.41 -31.96 27.97
C PHE A 203 14.93 -30.61 28.43
N TYR A 204 16.12 -30.59 29.04
CA TYR A 204 16.70 -29.33 29.49
C TYR A 204 16.93 -28.39 28.32
N TRP A 205 17.44 -28.91 27.20
CA TRP A 205 17.74 -28.07 26.05
C TRP A 205 16.48 -27.44 25.49
N VAL A 206 15.43 -28.23 25.30
CA VAL A 206 14.18 -27.69 24.75
C VAL A 206 13.61 -26.63 25.70
N PHE A 207 13.56 -26.94 26.99
CA PHE A 207 12.98 -26.00 27.95
C PHE A 207 13.75 -24.68 27.95
N ILE A 208 15.08 -24.76 28.01
CA ILE A 208 15.85 -23.53 28.17
C ILE A 208 15.94 -22.75 26.87
N THR A 209 15.90 -23.41 25.71
CA THR A 209 15.87 -22.67 24.46
C THR A 209 14.55 -21.94 24.27
N LEU A 210 13.43 -22.62 24.59
CA LEU A 210 12.15 -21.93 24.58
C LEU A 210 12.15 -20.78 25.58
N SER A 211 12.78 -20.98 26.73
CA SER A 211 12.87 -19.91 27.73
C SER A 211 13.62 -18.70 27.19
N HIS A 212 14.75 -18.92 26.52
CA HIS A 212 15.49 -17.81 25.94
C HIS A 212 14.64 -17.06 24.91
N SER A 213 14.09 -17.80 23.95
CA SER A 213 13.36 -17.17 22.86
C SER A 213 12.10 -16.48 23.37
N ASN A 214 11.51 -16.96 24.46
CA ASN A 214 10.31 -16.34 25.01
C ASN A 214 10.62 -15.18 25.94
N LEU A 215 11.75 -15.22 26.64
CA LEU A 215 12.15 -14.10 27.46
C LEU A 215 12.48 -12.88 26.61
N MET A 216 13.10 -13.10 25.45
CA MET A 216 13.33 -11.97 24.54
C MET A 216 12.01 -11.33 24.11
N GLU A 217 11.05 -12.15 23.66
CA GLU A 217 9.77 -11.62 23.22
C GLU A 217 9.03 -10.93 24.36
N LEU A 218 9.10 -11.51 25.55
CA LEU A 218 8.44 -10.93 26.71
C LEU A 218 9.04 -9.59 27.07
N LEU A 219 10.38 -9.48 27.00
CA LEU A 219 11.03 -8.20 27.28
C LEU A 219 10.62 -7.15 26.27
N PHE A 220 10.58 -7.51 24.98
CA PHE A 220 10.15 -6.55 23.96
C PHE A 220 8.73 -6.08 24.20
N SER A 221 7.82 -7.02 24.45
CA SER A 221 6.43 -6.64 24.66
C SER A 221 6.24 -5.86 25.95
N SER A 222 7.07 -6.11 26.97
CA SER A 222 6.98 -5.33 28.19
C SER A 222 7.47 -3.91 27.98
N PHE A 223 8.54 -3.74 27.19
CA PHE A 223 8.96 -2.40 26.81
C PHE A 223 7.82 -1.65 26.12
N LEU A 224 7.17 -2.30 25.16
CA LEU A 224 6.08 -1.66 24.45
C LEU A 224 4.90 -1.36 25.37
N VAL A 225 4.63 -2.25 26.33
CA VAL A 225 3.54 -2.03 27.28
C VAL A 225 3.81 -0.78 28.10
N HIS A 226 5.04 -0.62 28.58
CA HIS A 226 5.39 0.57 29.35
C HIS A 226 5.25 1.83 28.52
N ALA A 227 5.71 1.78 27.26
CA ALA A 227 5.58 2.96 26.39
C ALA A 227 4.12 3.32 26.17
N CYS A 228 3.27 2.32 25.92
CA CYS A 228 1.86 2.59 25.69
C CYS A 228 1.20 3.15 26.94
N GLU A 229 1.59 2.66 28.12
CA GLU A 229 0.97 3.17 29.33
C GLU A 229 1.41 4.60 29.61
N GLN A 230 2.66 4.94 29.30
CA GLN A 230 3.09 6.33 29.44
C GLN A 230 2.33 7.23 28.47
N LEU A 231 2.09 6.74 27.25
CA LEU A 231 1.28 7.51 26.30
C LEU A 231 -0.14 7.71 26.81
N GLN A 232 -0.72 6.67 27.44
CA GLN A 232 -2.05 6.81 28.02
C GLN A 232 -2.05 7.85 29.13
N HIS A 233 -1.03 7.83 29.98
CA HIS A 233 -0.94 8.81 31.06
C HIS A 233 -0.86 10.23 30.49
N LEU A 234 -0.07 10.42 29.43
CA LEU A 234 -0.01 11.73 28.79
C LEU A 234 -1.36 12.12 28.21
N LYS A 235 -2.06 11.17 27.59
CA LYS A 235 -3.35 11.47 26.98
C LYS A 235 -4.39 11.87 28.01
N GLU A 236 -4.36 11.25 29.19
CA GLU A 236 -5.38 11.50 30.18
C GLU A 236 -5.23 12.84 30.89
N ILE A 237 -4.00 13.33 31.06
CA ILE A 237 -3.76 14.52 31.86
C ILE A 237 -3.87 15.79 31.03
N LEU A 238 -4.30 15.66 29.78
CA LEU A 238 -4.43 16.84 28.94
C LEU A 238 -5.57 17.74 29.40
N ASN A 239 -6.68 17.15 29.85
CA ASN A 239 -7.80 17.96 30.33
C ASN A 239 -7.44 18.80 31.55
N PRO A 240 -6.86 18.27 32.63
CA PRO A 240 -6.45 19.15 33.73
C PRO A 240 -5.39 20.16 33.33
N LEU A 241 -4.48 19.79 32.43
CA LEU A 241 -3.45 20.73 31.98
C LEU A 241 -4.08 21.92 31.27
N ILE A 242 -5.08 21.66 30.42
CA ILE A 242 -5.75 22.75 29.72
C ILE A 242 -6.60 23.56 30.68
N GLU A 243 -7.30 22.89 31.60
CA GLU A 243 -8.12 23.61 32.57
C GLU A 243 -7.28 24.47 33.49
N LEU A 244 -5.99 24.13 33.66
CA LEU A 244 -5.09 24.97 34.43
C LEU A 244 -4.93 26.33 33.78
N SER A 245 -4.94 26.40 32.45
CA SER A 245 -4.77 27.64 31.71
C SER A 245 -6.06 28.41 31.53
N ALA A 246 -7.18 27.91 32.04
CA ALA A 246 -8.45 28.61 31.88
C ALA A 246 -8.42 29.93 32.62
N THR A 247 -9.08 30.93 32.05
CA THR A 247 -9.15 32.28 32.60
C THR A 247 -10.43 32.51 33.39
N LEU A 248 -10.90 31.49 34.09
CA LEU A 248 -12.12 31.61 34.88
C LEU A 248 -11.92 32.62 36.01
N ASP A 249 -12.96 33.38 36.30
CA ASP A 249 -12.90 34.38 37.36
C ASP A 249 -12.93 33.73 38.74
N LEU A 303 -4.77 35.61 33.50
CA LEU A 303 -3.97 34.75 34.38
C LEU A 303 -2.87 35.53 35.08
N THR A 304 -2.63 35.20 36.34
CA THR A 304 -1.60 35.85 37.12
C THR A 304 -0.22 35.27 36.78
N SER A 305 0.81 35.81 37.42
CA SER A 305 2.15 35.27 37.24
C SER A 305 2.25 33.85 37.77
N ASN A 306 1.64 33.58 38.93
CA ASN A 306 1.69 32.24 39.51
C ASN A 306 0.99 31.23 38.61
N GLN A 307 -0.20 31.58 38.11
CA GLN A 307 -0.91 30.68 37.21
C GLN A 307 -0.12 30.47 35.92
N GLU A 308 0.50 31.53 35.40
CA GLU A 308 1.27 31.41 34.17
C GLU A 308 2.46 30.48 34.37
N VAL A 309 3.18 30.61 35.49
CA VAL A 309 4.33 29.74 35.70
C VAL A 309 3.87 28.30 35.98
N LEU A 310 2.72 28.13 36.64
CA LEU A 310 2.20 26.79 36.85
C LEU A 310 1.87 26.11 35.53
N VAL A 311 1.20 26.84 34.63
CA VAL A 311 0.85 26.28 33.34
C VAL A 311 2.11 26.00 32.53
N ARG A 312 3.10 26.88 32.60
CA ARG A 312 4.35 26.64 31.89
C ARG A 312 5.04 25.39 32.41
N SER A 313 5.06 25.19 33.73
CA SER A 313 5.68 24.01 34.30
C SER A 313 4.93 22.73 33.88
N ALA A 314 3.61 22.78 33.87
CA ALA A 314 2.84 21.61 33.44
C ALA A 314 3.10 21.30 31.97
N ILE A 315 3.16 22.32 31.13
CA ILE A 315 3.45 22.12 29.72
C ILE A 315 4.85 21.54 29.56
N LYS A 316 5.81 22.03 30.33
CA LYS A 316 7.16 21.50 30.27
C LYS A 316 7.19 20.03 30.66
N TYR A 317 6.48 19.67 31.72
CA TYR A 317 6.43 18.27 32.13
C TYR A 317 5.83 17.39 31.04
N TRP A 318 4.72 17.84 30.44
CA TRP A 318 4.09 17.06 29.38
C TRP A 318 5.04 16.88 28.20
N VAL A 319 5.70 17.96 27.78
CA VAL A 319 6.60 17.88 26.63
C VAL A 319 7.79 16.97 26.93
N GLU A 320 8.37 17.09 28.12
CA GLU A 320 9.51 16.25 28.47
C GLU A 320 9.12 14.78 28.51
N ARG A 321 7.96 14.46 29.09
CA ARG A 321 7.53 13.07 29.15
C ARG A 321 7.26 12.53 27.74
N HIS A 322 6.65 13.34 26.87
CA HIS A 322 6.41 12.88 25.51
C HIS A 322 7.72 12.66 24.75
N LYS A 323 8.69 13.55 24.92
CA LYS A 323 9.99 13.35 24.30
C LYS A 323 10.66 12.09 24.85
N HIS A 324 10.47 11.83 26.14
CA HIS A 324 10.98 10.58 26.71
C HIS A 324 10.35 9.37 26.03
N VAL A 325 9.05 9.42 25.79
CA VAL A 325 8.38 8.31 25.12
C VAL A 325 8.94 8.12 23.71
N VAL A 326 9.13 9.22 22.99
CA VAL A 326 9.63 9.13 21.61
C VAL A 326 11.04 8.55 21.59
N LYS A 327 11.91 9.07 22.45
CA LYS A 327 13.28 8.56 22.52
C LYS A 327 13.31 7.11 22.97
N TYR A 328 12.41 6.74 23.87
CA TYR A 328 12.32 5.36 24.34
C TYR A 328 11.90 4.42 23.22
N VAL A 329 10.95 4.83 22.38
CA VAL A 329 10.55 4.00 21.26
C VAL A 329 11.69 3.86 20.25
N SER A 330 12.43 4.96 20.03
CA SER A 330 13.59 4.86 19.14
C SER A 330 14.65 3.91 19.71
N LEU A 331 14.84 3.94 21.04
CA LEU A 331 15.78 3.02 21.66
C LEU A 331 15.31 1.58 21.53
N ILE A 332 14.01 1.33 21.66
CA ILE A 332 13.47 0.00 21.45
C ILE A 332 13.76 -0.48 20.04
N THR A 333 13.52 0.40 19.05
CA THR A 333 13.80 0.02 17.67
C THR A 333 15.27 -0.28 17.46
N GLU A 334 16.16 0.53 18.03
CA GLU A 334 17.60 0.29 17.87
C GLU A 334 18.03 -1.00 18.56
N CYS A 335 17.40 -1.34 19.69
CA CYS A 335 17.80 -2.51 20.46
C CYS A 335 17.27 -3.80 19.85
N TYR A 336 15.96 -3.90 19.69
CA TYR A 336 15.29 -5.13 19.29
C TYR A 336 14.73 -4.99 17.87
N GLY A 337 15.48 -4.34 17.00
CA GLY A 337 15.02 -4.11 15.64
C GLY A 337 15.48 -5.18 14.66
N SER A 338 16.77 -5.49 14.67
CA SER A 338 17.29 -6.55 13.82
C SER A 338 16.90 -7.94 14.32
N ALA A 339 16.60 -8.06 15.62
CA ALA A 339 16.11 -9.34 16.13
C ALA A 339 14.77 -9.70 15.49
N LEU A 340 13.89 -8.71 15.31
CA LEU A 340 12.63 -8.96 14.61
C LEU A 340 12.88 -9.33 13.15
N LEU A 341 13.88 -8.72 12.52
CA LEU A 341 14.21 -9.06 11.15
C LEU A 341 14.66 -10.51 11.03
N PHE A 342 15.54 -10.94 11.94
CA PHE A 342 15.99 -12.33 11.92
C PHE A 342 14.82 -13.27 12.22
N HIS A 343 13.96 -12.90 13.16
CA HIS A 343 12.81 -13.72 13.50
C HIS A 343 11.91 -13.91 12.28
N MET A 344 11.65 -12.83 11.55
CA MET A 344 10.77 -12.93 10.38
C MET A 344 11.46 -13.71 9.26
N LEU A 345 12.77 -13.55 9.10
CA LEU A 345 13.48 -14.30 8.08
C LEU A 345 13.39 -15.81 8.35
N VAL A 346 13.58 -16.22 9.60
CA VAL A 346 13.49 -17.65 9.92
C VAL A 346 12.04 -18.13 9.82
N SER A 347 11.10 -17.34 10.33
CA SER A 347 9.70 -17.76 10.34
C SER A 347 9.10 -17.82 8.96
N THR A 348 9.61 -17.07 7.98
CA THR A 348 9.11 -17.19 6.62
C THR A 348 9.34 -18.59 6.07
N VAL A 349 10.58 -19.08 6.18
CA VAL A 349 10.89 -20.44 5.74
C VAL A 349 10.13 -21.45 6.58
N ILE A 350 10.06 -21.23 7.89
CA ILE A 350 9.34 -22.14 8.78
C ILE A 350 7.90 -22.29 8.31
N LEU A 351 7.23 -21.17 8.03
CA LEU A 351 5.82 -21.20 7.68
C LEU A 351 5.60 -21.77 6.29
N THR A 352 6.52 -21.52 5.35
CA THR A 352 6.41 -22.14 4.04
C THR A 352 6.46 -23.67 4.15
N ILE A 353 7.49 -24.18 4.84
CA ILE A 353 7.62 -25.62 4.97
C ILE A 353 6.48 -26.19 5.80
N LEU A 354 5.96 -25.43 6.76
CA LEU A 354 4.87 -25.93 7.59
C LEU A 354 3.55 -25.96 6.82
N ALA A 355 3.33 -25.01 5.91
CA ALA A 355 2.17 -25.11 5.02
C ALA A 355 2.29 -26.34 4.14
N TYR A 356 3.48 -26.59 3.59
CA TYR A 356 3.67 -27.81 2.81
C TYR A 356 3.39 -29.05 3.65
N GLN A 357 3.85 -29.07 4.89
CA GLN A 357 3.60 -30.21 5.77
C GLN A 357 2.11 -30.36 6.05
N ALA A 358 1.40 -29.23 6.22
CA ALA A 358 -0.02 -29.28 6.49
C ALA A 358 -0.81 -29.81 5.31
N THR A 359 -0.30 -29.62 4.09
CA THR A 359 -0.97 -30.22 2.94
C THR A 359 -0.97 -31.75 2.98
N LYS A 360 -0.11 -32.36 3.79
CA LYS A 360 0.00 -33.81 3.89
C LYS A 360 -0.68 -34.37 5.13
N ILE A 361 -1.52 -33.58 5.79
CA ILE A 361 -2.19 -34.02 7.01
C ILE A 361 -3.40 -34.87 6.63
N ASN A 362 -3.47 -36.08 7.19
CA ASN A 362 -4.62 -36.95 7.00
C ASN A 362 -4.99 -37.57 8.34
N GLY A 363 -6.28 -37.54 8.66
CA GLY A 363 -6.73 -38.14 9.90
C GLY A 363 -6.22 -37.41 11.13
N VAL A 364 -6.27 -38.11 12.26
CA VAL A 364 -5.75 -37.61 13.53
C VAL A 364 -4.65 -38.56 13.99
N ASN A 365 -3.45 -38.03 14.13
CA ASN A 365 -2.30 -38.84 14.52
C ASN A 365 -1.20 -37.90 15.03
N VAL A 366 0.00 -38.44 15.21
CA VAL A 366 1.10 -37.65 15.75
C VAL A 366 1.51 -36.57 14.76
N PHE A 367 1.50 -36.87 13.46
CA PHE A 367 1.96 -35.91 12.47
C PHE A 367 1.07 -34.67 12.44
N ALA A 368 -0.25 -34.87 12.47
CA ALA A 368 -1.17 -33.74 12.45
C ALA A 368 -0.99 -32.86 13.67
N PHE A 369 -0.88 -33.47 14.86
CA PHE A 369 -0.67 -32.71 16.07
C PHE A 369 0.64 -31.95 16.04
N SER A 370 1.71 -32.59 15.56
CA SER A 370 3.01 -31.92 15.49
C SER A 370 2.97 -30.73 14.56
N THR A 371 2.37 -30.90 13.37
CA THR A 371 2.31 -29.79 12.43
C THR A 371 1.44 -28.66 12.97
N ILE A 372 0.31 -28.99 13.58
CA ILE A 372 -0.56 -27.95 14.14
C ILE A 372 0.15 -27.21 15.27
N GLY A 373 0.87 -27.94 16.12
CA GLY A 373 1.59 -27.28 17.20
C GLY A 373 2.70 -26.37 16.69
N TYR A 374 3.46 -26.83 15.70
CA TYR A 374 4.51 -26.00 15.11
C TYR A 374 3.91 -24.73 14.51
N LEU A 375 2.84 -24.88 13.75
CA LEU A 375 2.21 -23.73 13.11
C LEU A 375 1.65 -22.76 14.14
N MET A 376 0.98 -23.27 15.17
CA MET A 376 0.40 -22.40 16.19
C MET A 376 1.46 -21.67 16.99
N TYR A 377 2.54 -22.36 17.37
CA TYR A 377 3.61 -21.68 18.10
C TYR A 377 4.28 -20.62 17.23
N SER A 378 4.54 -20.94 15.96
CA SER A 378 5.17 -19.98 15.08
C SER A 378 4.30 -18.76 14.81
N PHE A 379 2.98 -18.94 14.74
CA PHE A 379 2.10 -17.79 14.58
C PHE A 379 1.90 -17.00 15.86
N ALA A 380 1.87 -17.67 17.01
CA ALA A 380 1.74 -16.98 18.28
C ALA A 380 2.96 -16.11 18.57
N GLN A 381 4.15 -16.59 18.19
CA GLN A 381 5.36 -15.79 18.38
C GLN A 381 5.27 -14.47 17.61
N ILE A 382 4.79 -14.53 16.37
CA ILE A 382 4.65 -13.33 15.56
C ILE A 382 3.56 -12.43 16.13
N PHE A 383 2.42 -13.03 16.52
CA PHE A 383 1.31 -12.25 17.05
C PHE A 383 1.69 -11.51 18.32
N MET A 384 2.55 -12.11 19.15
CA MET A 384 2.88 -11.49 20.44
C MET A 384 3.48 -10.11 20.26
N PHE A 385 4.42 -9.95 19.32
CA PHE A 385 4.98 -8.63 19.13
C PHE A 385 4.20 -7.78 18.14
N CYS A 386 3.48 -8.40 17.20
CA CYS A 386 2.64 -7.62 16.30
C CYS A 386 1.54 -6.88 17.06
N ILE A 387 0.92 -7.54 18.04
CA ILE A 387 -0.18 -6.91 18.77
C ILE A 387 0.32 -5.70 19.56
N HIS A 388 1.50 -5.80 20.17
CA HIS A 388 2.00 -4.70 20.97
C HIS A 388 2.53 -3.56 20.11
N GLY A 389 3.14 -3.89 18.96
CA GLY A 389 3.49 -2.84 18.02
C GLY A 389 2.27 -2.09 17.52
N ASN A 390 1.20 -2.83 17.21
CA ASN A 390 -0.03 -2.18 16.75
C ASN A 390 -0.63 -1.31 17.85
N GLU A 391 -0.60 -1.80 19.10
CA GLU A 391 -1.12 -1.00 20.20
C GLU A 391 -0.33 0.28 20.37
N LEU A 392 1.00 0.21 20.25
CA LEU A 392 1.81 1.42 20.32
C LEU A 392 1.45 2.38 19.18
N ILE A 393 1.28 1.86 17.97
CA ILE A 393 0.92 2.72 16.84
C ILE A 393 -0.38 3.45 17.11
N GLU A 394 -1.41 2.70 17.54
CA GLU A 394 -2.71 3.31 17.78
C GLU A 394 -2.65 4.33 18.91
N GLU A 395 -1.96 4.00 20.00
CA GLU A 395 -2.00 4.87 21.16
C GLU A 395 -1.13 6.10 20.95
N SER A 396 -0.13 6.02 20.07
CA SER A 396 0.62 7.22 19.71
C SER A 396 -0.15 8.08 18.73
N SER A 397 -0.93 7.47 17.83
CA SER A 397 -1.71 8.26 16.88
C SER A 397 -2.92 8.93 17.52
N SER A 398 -3.45 8.36 18.62
CA SER A 398 -4.64 8.94 19.25
C SER A 398 -4.33 10.13 20.14
N VAL A 399 -3.07 10.53 20.27
CA VAL A 399 -2.73 11.66 21.13
C VAL A 399 -3.29 12.96 20.57
N MET A 400 -3.25 13.12 19.24
CA MET A 400 -3.85 14.31 18.63
C MET A 400 -5.36 14.34 18.84
N GLU A 401 -6.01 13.18 18.71
CA GLU A 401 -7.44 13.12 18.95
C GLU A 401 -7.77 13.48 20.39
N ALA A 402 -6.93 13.06 21.33
CA ALA A 402 -7.15 13.43 22.73
C ALA A 402 -6.87 14.90 22.98
N ALA A 403 -5.86 15.48 22.32
CA ALA A 403 -5.51 16.88 22.52
C ALA A 403 -6.47 17.83 21.82
N TYR A 404 -7.20 17.36 20.81
CA TYR A 404 -8.23 18.18 20.18
C TYR A 404 -9.55 18.11 20.92
N GLY A 405 -9.81 17.04 21.65
CA GLY A 405 -11.04 16.86 22.37
C GLY A 405 -11.11 17.55 23.72
N CYS A 406 -10.05 18.23 24.13
CA CYS A 406 -10.06 18.96 25.38
C CYS A 406 -10.64 20.35 25.18
N HIS A 407 -10.85 21.06 26.29
CA HIS A 407 -11.45 22.39 26.25
C HIS A 407 -10.39 23.46 25.99
N TRP A 408 -9.71 23.31 24.85
CA TRP A 408 -8.63 24.22 24.50
C TRP A 408 -9.12 25.56 23.99
N TYR A 409 -10.36 25.63 23.50
CA TYR A 409 -10.84 26.91 22.94
C TYR A 409 -10.89 27.98 24.01
N ASP A 410 -11.37 27.64 25.20
CA ASP A 410 -11.38 28.57 26.33
C ASP A 410 -10.12 28.45 27.20
N GLY A 411 -8.96 28.49 26.54
CA GLY A 411 -7.69 28.41 27.23
C GLY A 411 -6.78 29.55 26.82
N SER A 412 -5.67 29.67 27.54
CA SER A 412 -4.72 30.74 27.29
C SER A 412 -4.01 30.53 25.96
N GLU A 413 -3.31 31.58 25.52
CA GLU A 413 -2.60 31.51 24.24
C GLU A 413 -1.48 30.48 24.29
N GLU A 414 -0.80 30.36 25.43
CA GLU A 414 0.24 29.34 25.56
C GLU A 414 -0.36 27.94 25.47
N ALA A 415 -1.53 27.73 26.08
CA ALA A 415 -2.19 26.44 25.98
C ALA A 415 -2.58 26.14 24.54
N LYS A 416 -3.08 27.14 23.81
CA LYS A 416 -3.44 26.93 22.41
C LYS A 416 -2.21 26.61 21.56
N THR A 417 -1.10 27.30 21.82
CA THR A 417 0.14 27.00 21.08
C THR A 417 0.62 25.59 21.39
N PHE A 418 0.54 25.18 22.66
CA PHE A 418 0.93 23.83 23.04
C PHE A 418 0.05 22.80 22.34
N VAL A 419 -1.27 23.04 22.31
CA VAL A 419 -2.18 22.11 21.64
C VAL A 419 -1.90 22.04 20.15
N GLN A 420 -1.61 23.19 19.54
CA GLN A 420 -1.31 23.20 18.11
C GLN A 420 -0.05 22.42 17.80
N ILE A 421 1.00 22.61 18.58
CA ILE A 421 2.25 21.89 18.32
C ILE A 421 2.06 20.40 18.58
N VAL A 422 1.30 20.04 19.62
CA VAL A 422 1.02 18.63 19.89
C VAL A 422 0.24 18.01 18.75
N CYS A 423 -0.77 18.72 18.23
CA CYS A 423 -1.50 18.21 17.09
C CYS A 423 -0.61 18.06 15.87
N GLN A 424 0.34 18.98 15.69
CA GLN A 424 1.24 18.89 14.55
C GLN A 424 2.15 17.68 14.66
N GLN A 425 2.72 17.41 15.84
CA GLN A 425 3.64 16.28 15.93
C GLN A 425 2.90 14.96 16.11
N CYS A 426 1.93 14.89 17.02
CA CYS A 426 1.28 13.62 17.28
C CYS A 426 0.31 13.30 16.16
N GLN A 427 0.83 13.34 14.94
CA GLN A 427 0.10 13.03 13.72
C GLN A 427 0.71 11.86 12.97
N LYS A 428 2.02 11.71 13.02
CA LYS A 428 2.68 10.49 12.55
C LYS A 428 2.77 9.51 13.70
N PRO A 429 2.27 8.29 13.57
CA PRO A 429 2.32 7.33 14.68
C PRO A 429 3.75 6.94 15.02
N LEU A 430 3.97 6.61 16.29
CA LEU A 430 5.23 6.04 16.72
C LEU A 430 5.27 4.58 16.30
N ILE A 431 6.28 4.19 15.54
CA ILE A 431 6.35 2.89 14.90
C ILE A 431 7.65 2.21 15.31
N VAL A 432 7.55 0.95 15.72
CA VAL A 432 8.72 0.11 15.94
C VAL A 432 8.95 -0.69 14.68
N SER A 433 10.04 -0.39 13.97
CA SER A 433 10.33 -1.01 12.69
C SER A 433 11.43 -2.06 12.86
N GLY A 434 11.30 -3.17 12.12
CA GLY A 434 12.29 -4.21 12.18
C GLY A 434 13.43 -3.98 11.22
N ALA A 435 14.52 -3.39 11.71
CA ALA A 435 15.71 -3.11 10.91
C ALA A 435 15.38 -2.29 9.66
N LYS A 436 14.39 -1.41 9.77
CA LYS A 436 13.97 -0.47 8.74
C LYS A 436 13.33 -1.15 7.53
N PHE A 437 12.98 -2.44 7.64
CA PHE A 437 12.40 -3.16 6.52
C PHE A 437 10.87 -3.20 6.57
N PHE A 438 10.30 -3.34 7.76
CA PHE A 438 8.86 -3.40 7.92
C PHE A 438 8.49 -2.78 9.25
N ASN A 439 7.20 -2.45 9.38
CA ASN A 439 6.66 -1.89 10.62
C ASN A 439 6.00 -3.00 11.42
N VAL A 440 6.29 -3.06 12.70
CA VAL A 440 5.70 -4.07 13.58
C VAL A 440 4.29 -3.62 13.93
N SER A 441 3.30 -4.35 13.43
CA SER A 441 1.88 -4.04 13.64
C SER A 441 1.09 -5.27 13.24
N LEU A 442 -0.22 -5.22 13.46
CA LEU A 442 -1.06 -6.33 13.05
C LEU A 442 -1.21 -6.42 11.54
N ASP A 443 -0.82 -5.37 10.81
CA ASP A 443 -0.78 -5.46 9.35
C ASP A 443 0.24 -6.51 8.91
N LEU A 444 1.40 -6.54 9.57
CA LEU A 444 2.40 -7.55 9.26
C LEU A 444 1.89 -8.95 9.57
N PHE A 445 1.21 -9.12 10.70
CA PHE A 445 0.66 -10.43 11.04
C PHE A 445 -0.40 -10.85 10.03
N ALA A 446 -1.26 -9.92 9.62
CA ALA A 446 -2.28 -10.24 8.64
C ALA A 446 -1.66 -10.60 7.29
N SER A 447 -0.62 -9.87 6.89
CA SER A 447 0.06 -10.19 5.64
C SER A 447 0.70 -11.57 5.69
N VAL A 448 1.35 -11.90 6.81
CA VAL A 448 1.96 -13.21 6.96
C VAL A 448 0.91 -14.31 6.91
N LEU A 449 -0.19 -14.11 7.64
CA LEU A 449 -1.25 -15.12 7.66
C LEU A 449 -1.88 -15.30 6.29
N GLY A 450 -2.12 -14.19 5.58
CA GLY A 450 -2.68 -14.29 4.24
C GLY A 450 -1.75 -14.99 3.27
N ALA A 451 -0.44 -14.67 3.35
CA ALA A 451 0.52 -15.34 2.48
C ALA A 451 0.57 -16.83 2.77
N VAL A 452 0.56 -17.21 4.05
CA VAL A 452 0.60 -18.62 4.40
C VAL A 452 -0.65 -19.35 3.91
N VAL A 453 -1.82 -18.74 4.11
CA VAL A 453 -3.06 -19.36 3.66
C VAL A 453 -3.10 -19.49 2.15
N THR A 454 -2.67 -18.45 1.44
CA THR A 454 -2.64 -18.50 -0.02
C THR A 454 -1.68 -19.58 -0.51
N TYR A 455 -0.50 -19.68 0.09
CA TYR A 455 0.45 -20.71 -0.30
C TYR A 455 -0.11 -22.10 -0.03
N PHE A 456 -0.77 -22.28 1.11
CA PHE A 456 -1.37 -23.58 1.42
C PHE A 456 -2.46 -23.93 0.41
N MET A 457 -3.29 -22.96 0.05
CA MET A 457 -4.34 -23.20 -0.94
C MET A 457 -3.74 -23.54 -2.30
N VAL A 458 -2.68 -22.84 -2.70
CA VAL A 458 -2.03 -23.11 -3.97
C VAL A 458 -1.44 -24.51 -3.97
N LEU A 459 -0.80 -24.91 -2.86
CA LEU A 459 -0.23 -26.25 -2.78
C LEU A 459 -1.31 -27.32 -2.82
N VAL A 460 -2.44 -27.08 -2.14
CA VAL A 460 -3.52 -28.05 -2.16
C VAL A 460 -4.11 -28.17 -3.57
N GLN A 461 -4.32 -27.05 -4.23
CA GLN A 461 -4.94 -27.06 -5.55
C GLN A 461 -4.03 -27.64 -6.63
N LEU A 462 -2.76 -27.23 -6.65
CA LEU A 462 -1.83 -27.71 -7.67
C LEU A 462 -1.48 -29.18 -7.48
N LYS A 463 -1.15 -29.57 -6.26
CA LYS A 463 -0.75 -30.94 -5.98
C LYS A 463 -1.95 -31.83 -5.74
N LYS B 5 -17.40 33.93 -26.79
CA LYS B 5 -16.67 32.90 -26.05
C LYS B 5 -15.68 33.53 -25.07
N ASP B 6 -15.63 33.00 -23.86
CA ASP B 6 -14.68 33.45 -22.85
C ASP B 6 -14.54 32.38 -21.78
N GLY B 7 -13.35 32.31 -21.19
CA GLY B 7 -13.08 31.35 -20.14
C GLY B 7 -12.53 30.04 -20.64
N LEU B 8 -12.91 28.95 -19.98
CA LEU B 8 -12.41 27.63 -20.35
C LEU B 8 -13.05 27.13 -21.65
N ILE B 9 -14.23 27.63 -22.00
CA ILE B 9 -14.87 27.21 -23.25
C ILE B 9 -14.04 27.65 -24.45
N LYS B 10 -13.53 28.88 -24.42
CA LYS B 10 -12.70 29.37 -25.51
C LYS B 10 -11.40 28.58 -25.62
N ASP B 11 -10.80 28.23 -24.49
CA ASP B 11 -9.56 27.45 -24.52
C ASP B 11 -9.78 26.08 -25.14
N LEU B 12 -10.90 25.44 -24.81
CA LEU B 12 -11.24 24.12 -25.34
C LEU B 12 -12.22 24.21 -26.50
N TRP B 13 -12.16 25.28 -27.29
CA TRP B 13 -13.10 25.42 -28.40
C TRP B 13 -12.95 24.35 -29.46
N PRO B 14 -11.75 24.00 -29.94
CA PRO B 14 -11.67 22.90 -30.91
C PRO B 14 -12.23 21.59 -30.38
N ASN B 15 -12.03 21.29 -29.10
CA ASN B 15 -12.58 20.07 -28.51
C ASN B 15 -14.10 20.10 -28.54
N ILE B 16 -14.70 21.22 -28.15
CA ILE B 16 -16.15 21.32 -28.11
C ILE B 16 -16.72 21.28 -29.53
N ARG B 17 -16.04 21.92 -30.48
CA ARG B 17 -16.49 21.87 -31.86
C ARG B 17 -16.42 20.45 -32.43
N LEU B 18 -15.34 19.72 -32.11
CA LEU B 18 -15.25 18.33 -32.55
C LEU B 18 -16.33 17.48 -31.90
N ILE B 19 -16.65 17.72 -30.63
CA ILE B 19 -17.72 16.99 -29.97
C ILE B 19 -19.05 17.28 -30.65
N GLN B 20 -19.30 18.54 -30.98
CA GLN B 20 -20.55 18.92 -31.64
C GLN B 20 -20.65 18.27 -33.02
N LEU B 21 -19.57 18.29 -33.80
CA LEU B 21 -19.58 17.65 -35.11
C LEU B 21 -19.56 16.14 -35.02
N SER B 22 -19.25 15.58 -33.85
CA SER B 22 -19.05 14.14 -33.73
C SER B 22 -20.34 13.38 -33.47
N GLY B 23 -21.47 14.07 -33.32
CA GLY B 23 -22.75 13.42 -33.13
C GLY B 23 -23.19 13.24 -31.70
N LEU B 24 -22.34 13.58 -30.72
CA LEU B 24 -22.73 13.48 -29.33
C LEU B 24 -23.82 14.49 -29.02
N PHE B 25 -24.66 14.16 -28.03
CA PHE B 25 -25.82 14.98 -27.67
C PHE B 25 -25.34 16.17 -26.85
N ILE B 26 -24.85 17.18 -27.55
CA ILE B 26 -24.46 18.46 -26.94
C ILE B 26 -25.31 19.55 -27.56
N SER B 27 -25.97 20.33 -26.71
CA SER B 27 -26.92 21.33 -27.16
C SER B 27 -26.50 22.76 -26.88
N GLU B 28 -25.45 22.98 -26.10
CA GLU B 28 -25.00 24.32 -25.77
C GLU B 28 -23.86 24.74 -26.69
N TYR B 29 -23.38 25.96 -26.49
CA TYR B 29 -22.23 26.51 -27.21
C TYR B 29 -22.49 26.61 -28.71
N TYR B 30 -23.74 26.84 -29.10
CA TYR B 30 -24.10 27.15 -30.47
C TYR B 30 -24.49 28.61 -30.59
N ASP B 31 -24.74 29.05 -31.82
CA ASP B 31 -25.16 30.43 -32.07
C ASP B 31 -26.25 30.49 -33.12
N ASP B 32 -27.00 29.41 -33.31
CA ASP B 32 -28.04 29.35 -34.32
C ASP B 32 -29.29 28.66 -33.77
N TYR B 33 -29.70 29.06 -32.57
CA TYR B 33 -30.82 28.43 -31.88
C TYR B 33 -32.13 28.82 -32.57
N SER B 34 -32.41 28.13 -33.67
CA SER B 34 -33.64 28.30 -34.42
C SER B 34 -34.53 27.08 -34.25
N GLY B 35 -35.70 27.10 -34.88
CA GLY B 35 -36.59 25.97 -34.82
C GLY B 35 -36.16 24.79 -35.67
N LEU B 36 -35.33 25.03 -36.68
CA LEU B 36 -34.87 23.97 -37.57
C LEU B 36 -33.45 23.52 -37.27
N ALA B 37 -32.57 24.43 -36.87
CA ALA B 37 -31.19 24.04 -36.56
C ALA B 37 -31.16 23.09 -35.38
N VAL B 38 -31.94 23.38 -34.33
CA VAL B 38 -32.03 22.46 -33.20
C VAL B 38 -32.60 21.12 -33.66
N LEU B 39 -33.63 21.16 -34.50
CA LEU B 39 -34.21 19.92 -35.02
C LEU B 39 -33.20 19.14 -35.85
N PHE B 40 -32.45 19.84 -36.72
CA PHE B 40 -31.46 19.15 -37.54
C PHE B 40 -30.37 18.52 -36.69
N ARG B 41 -29.89 19.25 -35.67
CA ARG B 41 -28.87 18.70 -34.79
C ARG B 41 -29.39 17.49 -34.03
N LYS B 42 -30.64 17.55 -33.54
CA LYS B 42 -31.22 16.43 -32.84
C LYS B 42 -31.35 15.21 -33.75
N ILE B 43 -31.79 15.43 -34.99
CA ILE B 43 -31.92 14.32 -35.93
C ILE B 43 -30.56 13.70 -36.23
N TYR B 44 -29.54 14.55 -36.43
CA TYR B 44 -28.21 14.03 -36.72
C TYR B 44 -27.68 13.21 -35.55
N SER B 45 -27.83 13.72 -34.33
CA SER B 45 -27.37 12.98 -33.15
C SER B 45 -28.12 11.67 -33.00
N TRP B 46 -29.44 11.68 -33.26
CA TRP B 46 -30.22 10.48 -33.08
C TRP B 46 -29.89 9.42 -34.12
N ILE B 47 -29.70 9.82 -35.38
CA ILE B 47 -29.31 8.83 -36.38
C ILE B 47 -27.90 8.31 -36.10
N THR B 48 -27.00 9.17 -35.58
CA THR B 48 -25.68 8.69 -35.20
C THR B 48 -25.79 7.64 -34.10
N ALA B 49 -26.59 7.90 -33.07
CA ALA B 49 -26.76 6.93 -32.00
C ALA B 49 -27.37 5.64 -32.51
N ILE B 50 -28.35 5.74 -33.42
CA ILE B 50 -28.98 4.56 -33.98
C ILE B 50 -27.96 3.71 -34.72
N ILE B 51 -27.16 4.35 -35.57
CA ILE B 51 -26.15 3.62 -36.33
C ILE B 51 -25.14 2.95 -35.39
N ILE B 52 -24.67 3.70 -34.39
CA ILE B 52 -23.64 3.20 -33.50
C ILE B 52 -24.14 1.98 -32.74
N TYR B 53 -25.31 2.09 -32.13
CA TYR B 53 -25.79 0.98 -31.31
C TYR B 53 -26.29 -0.18 -32.15
N SER B 54 -26.80 0.08 -33.35
CA SER B 54 -27.15 -1.01 -34.25
C SER B 54 -25.92 -1.81 -34.66
N GLN B 55 -24.83 -1.12 -35.00
CA GLN B 55 -23.62 -1.84 -35.36
C GLN B 55 -23.06 -2.60 -34.16
N PHE B 56 -23.12 -2.01 -32.96
CA PHE B 56 -22.65 -2.73 -31.78
C PHE B 56 -23.49 -3.99 -31.55
N ILE B 57 -24.81 -3.88 -31.71
CA ILE B 57 -25.67 -5.06 -31.58
C ILE B 57 -25.31 -6.11 -32.62
N PHE B 58 -24.96 -5.67 -33.83
CA PHE B 58 -24.57 -6.62 -34.88
C PHE B 58 -23.30 -7.37 -34.51
N ILE B 59 -22.29 -6.64 -34.00
CA ILE B 59 -21.07 -7.32 -33.55
C ILE B 59 -21.38 -8.29 -32.41
N VAL B 60 -22.25 -7.88 -31.48
CA VAL B 60 -22.62 -8.78 -30.38
C VAL B 60 -23.31 -10.02 -30.92
N ILE B 61 -24.18 -9.86 -31.90
CA ILE B 61 -24.89 -11.00 -32.50
C ILE B 61 -23.91 -11.96 -33.13
N PHE B 62 -22.95 -11.44 -33.91
CA PHE B 62 -21.99 -12.32 -34.55
C PHE B 62 -21.10 -12.98 -33.50
N MET B 63 -20.90 -12.32 -32.37
CA MET B 63 -20.10 -12.89 -31.30
C MET B 63 -20.74 -14.07 -30.59
N VAL B 64 -22.06 -14.23 -30.64
CA VAL B 64 -22.72 -15.32 -29.92
C VAL B 64 -23.35 -16.35 -30.84
N THR B 65 -23.76 -15.99 -32.05
CA THR B 65 -24.38 -16.93 -32.98
C THR B 65 -23.41 -17.47 -34.01
N LYS B 66 -22.12 -17.13 -33.93
CA LYS B 66 -21.15 -17.62 -34.90
C LYS B 66 -19.82 -18.01 -34.26
N SER B 67 -19.79 -18.18 -32.94
CA SER B 67 -18.58 -18.55 -32.22
C SER B 67 -18.66 -20.01 -31.81
N ASN B 68 -17.63 -20.78 -32.17
CA ASN B 68 -17.60 -22.21 -31.87
C ASN B 68 -16.49 -22.55 -30.88
N ASP B 69 -15.24 -22.21 -31.18
CA ASP B 69 -14.13 -22.52 -30.30
C ASP B 69 -13.96 -21.42 -29.26
N SER B 70 -13.11 -21.70 -28.26
CA SER B 70 -12.82 -20.69 -27.25
C SER B 70 -11.97 -19.57 -27.82
N ASP B 71 -11.11 -19.87 -28.81
CA ASP B 71 -10.30 -18.82 -29.42
C ASP B 71 -11.18 -17.81 -30.16
N GLN B 72 -12.17 -18.30 -30.91
CA GLN B 72 -13.09 -17.40 -31.59
C GLN B 72 -13.91 -16.58 -30.60
N LEU B 73 -14.33 -17.21 -29.50
CA LEU B 73 -15.06 -16.48 -28.47
C LEU B 73 -14.21 -15.37 -27.87
N ALA B 74 -12.95 -15.67 -27.57
CA ALA B 74 -12.06 -14.64 -27.02
C ALA B 74 -11.84 -13.52 -28.01
N ALA B 75 -11.65 -13.85 -29.29
CA ALA B 75 -11.45 -12.83 -30.30
C ALA B 75 -12.66 -11.93 -30.43
N GLY B 76 -13.87 -12.50 -30.39
CA GLY B 76 -15.07 -11.68 -30.46
C GLY B 76 -15.27 -10.83 -29.22
N VAL B 77 -15.01 -11.41 -28.05
CA VAL B 77 -15.22 -10.68 -26.79
C VAL B 77 -14.26 -9.52 -26.69
N VAL B 78 -13.02 -9.69 -27.17
CA VAL B 78 -12.05 -8.60 -27.10
C VAL B 78 -12.54 -7.39 -27.89
N THR B 79 -13.05 -7.62 -29.10
CA THR B 79 -13.58 -6.52 -29.90
C THR B 79 -14.83 -5.91 -29.27
N THR B 80 -15.73 -6.76 -28.77
CA THR B 80 -16.95 -6.24 -28.16
C THR B 80 -16.65 -5.36 -26.96
N LEU B 81 -15.71 -5.79 -26.11
CA LEU B 81 -15.32 -4.98 -24.96
C LEU B 81 -14.47 -3.78 -25.37
N PHE B 82 -13.76 -3.87 -26.50
CA PHE B 82 -13.02 -2.72 -27.00
C PHE B 82 -13.97 -1.59 -27.39
N PHE B 83 -15.11 -1.93 -27.98
CA PHE B 83 -16.05 -0.89 -28.40
C PHE B 83 -17.13 -0.59 -27.36
N THR B 84 -17.27 -1.42 -26.33
CA THR B 84 -18.18 -1.06 -25.25
C THR B 84 -17.69 0.17 -24.49
N HIS B 85 -16.39 0.48 -24.56
CA HIS B 85 -15.90 1.75 -24.03
C HIS B 85 -16.59 2.91 -24.72
N SER B 86 -16.61 2.91 -26.05
CA SER B 86 -17.26 3.97 -26.80
C SER B 86 -18.76 3.99 -26.54
N MET B 87 -19.36 2.80 -26.43
CA MET B 87 -20.79 2.74 -26.14
C MET B 87 -21.12 3.42 -24.81
N ILE B 88 -20.40 3.04 -23.75
CA ILE B 88 -20.63 3.61 -22.43
C ILE B 88 -20.36 5.10 -22.43
N LYS B 89 -19.28 5.53 -23.09
CA LYS B 89 -18.93 6.95 -23.08
C LYS B 89 -19.95 7.78 -23.83
N PHE B 90 -20.48 7.25 -24.94
CA PHE B 90 -21.55 7.97 -25.65
C PHE B 90 -22.78 8.12 -24.76
N VAL B 91 -23.27 7.01 -24.20
CA VAL B 91 -24.47 7.08 -23.38
C VAL B 91 -24.24 7.80 -22.06
N TYR B 92 -22.99 8.01 -21.68
CA TYR B 92 -22.62 8.72 -20.45
C TYR B 92 -22.55 10.22 -20.68
N PHE B 93 -21.90 10.64 -21.76
CA PHE B 93 -21.85 12.06 -22.09
C PHE B 93 -23.22 12.58 -22.50
N SER B 94 -23.96 11.80 -23.30
CA SER B 94 -25.23 12.28 -23.83
C SER B 94 -26.22 12.56 -22.71
N THR B 95 -26.26 11.72 -21.69
CA THR B 95 -27.19 11.87 -20.58
C THR B 95 -26.54 12.48 -19.35
N GLY B 96 -25.33 13.02 -19.47
CA GLY B 96 -24.66 13.63 -18.35
C GLY B 96 -23.97 14.94 -18.69
N THR B 97 -24.53 15.67 -19.65
CA THR B 97 -23.94 16.94 -20.05
C THR B 97 -24.06 18.02 -18.98
N LYS B 98 -24.97 17.85 -18.02
CA LYS B 98 -25.14 18.86 -16.98
C LYS B 98 -23.89 19.05 -16.13
N SER B 99 -23.07 18.02 -15.99
CA SER B 99 -21.83 18.14 -15.24
C SER B 99 -20.68 18.69 -16.09
N PHE B 100 -20.63 18.31 -17.37
CA PHE B 100 -19.62 18.87 -18.25
C PHE B 100 -19.81 20.36 -18.43
N TYR B 101 -21.06 20.81 -18.55
CA TYR B 101 -21.33 22.24 -18.67
C TYR B 101 -20.90 22.98 -17.41
N ARG B 102 -21.17 22.41 -16.24
CA ARG B 102 -20.74 23.04 -14.99
C ARG B 102 -19.23 23.12 -14.89
N THR B 103 -18.53 22.04 -15.27
CA THR B 103 -17.07 22.05 -15.21
C THR B 103 -16.49 23.06 -16.18
N LEU B 104 -17.05 23.16 -17.38
CA LEU B 104 -16.52 24.07 -18.38
C LEU B 104 -16.75 25.54 -18.00
N SER B 105 -17.72 25.83 -17.15
CA SER B 105 -18.08 27.20 -16.81
C SER B 105 -17.58 27.64 -15.46
N CYS B 106 -16.70 26.86 -14.81
CA CYS B 106 -16.20 27.25 -13.50
C CYS B 106 -15.35 28.52 -13.59
N TRP B 107 -14.50 28.61 -14.60
CA TRP B 107 -13.63 29.78 -14.80
C TRP B 107 -14.26 30.78 -15.75
N ASN B 108 -15.50 31.18 -15.47
CA ASN B 108 -16.24 32.02 -16.39
C ASN B 108 -15.92 33.51 -16.21
N ASN B 109 -16.11 34.02 -14.99
CA ASN B 109 -15.94 35.44 -14.72
C ASN B 109 -14.69 35.75 -13.92
N THR B 110 -13.79 34.78 -13.76
CA THR B 110 -12.56 35.02 -13.01
C THR B 110 -11.60 35.89 -13.83
N SER B 111 -10.92 36.81 -13.13
CA SER B 111 -9.93 37.66 -13.76
C SER B 111 -8.68 37.73 -12.88
N PRO B 112 -7.50 37.69 -13.47
CA PRO B 112 -6.27 37.74 -12.67
C PRO B 112 -6.07 39.10 -12.02
N HIS B 113 -5.41 39.09 -10.87
CA HIS B 113 -5.05 40.34 -10.20
C HIS B 113 -4.02 41.08 -11.04
N PRO B 114 -4.09 42.41 -11.11
CA PRO B 114 -3.17 43.14 -11.98
C PRO B 114 -1.70 42.87 -11.69
N LEU B 115 -1.32 42.79 -10.42
CA LEU B 115 0.08 42.53 -10.08
C LEU B 115 0.54 41.20 -10.64
N PHE B 116 -0.36 40.22 -10.71
CA PHE B 116 -0.07 38.92 -11.27
C PHE B 116 -0.69 38.74 -12.66
N ALA B 117 -1.01 39.84 -13.34
CA ALA B 117 -1.59 39.73 -14.67
C ALA B 117 -0.58 39.23 -15.69
N GLU B 118 0.71 39.42 -15.42
CA GLU B 118 1.74 38.93 -16.34
C GLU B 118 1.89 37.42 -16.24
N SER B 119 2.24 36.94 -15.04
CA SER B 119 2.54 35.51 -14.86
C SER B 119 1.36 34.65 -15.30
N HIS B 120 0.15 35.04 -14.93
CA HIS B 120 -1.04 34.30 -15.35
C HIS B 120 -1.04 34.08 -16.85
N SER B 121 -0.79 35.14 -17.62
CA SER B 121 -0.72 35.00 -19.07
C SER B 121 0.31 33.96 -19.45
N ARG B 122 1.52 34.06 -18.90
CA ARG B 122 2.59 33.12 -19.24
C ARG B 122 2.15 31.69 -18.98
N PHE B 123 1.27 31.47 -18.00
CA PHE B 123 0.80 30.11 -17.77
C PHE B 123 -0.45 29.81 -18.58
N HIS B 124 -1.33 30.80 -18.78
CA HIS B 124 -2.57 30.53 -19.50
C HIS B 124 -2.27 30.03 -20.90
N ALA B 125 -1.47 30.78 -21.65
CA ALA B 125 -1.04 30.32 -22.96
C ALA B 125 -0.34 28.97 -22.86
N LYS B 126 0.43 28.77 -21.80
CA LYS B 126 1.10 27.49 -21.61
C LYS B 126 0.09 26.35 -21.59
N SER B 127 -1.01 26.53 -20.86
CA SER B 127 -2.04 25.50 -20.84
C SER B 127 -2.56 25.24 -22.24
N LEU B 128 -2.80 26.30 -23.01
CA LEU B 128 -3.20 26.12 -24.39
C LEU B 128 -2.17 25.30 -25.15
N SER B 129 -0.89 25.64 -25.00
CA SER B 129 0.14 24.93 -25.73
C SER B 129 0.18 23.46 -25.35
N ARG B 130 -0.39 23.08 -24.21
CA ARG B 130 -0.51 21.68 -23.88
C ARG B 130 -1.80 21.08 -24.43
N MET B 131 -2.92 21.80 -24.29
CA MET B 131 -4.19 21.27 -24.78
C MET B 131 -4.12 21.00 -26.28
N ARG B 132 -3.71 22.01 -27.06
CA ARG B 132 -3.55 21.84 -28.49
C ARG B 132 -2.55 20.74 -28.81
N GLN B 133 -1.60 20.47 -27.91
CA GLN B 133 -0.72 19.33 -28.10
C GLN B 133 -1.50 18.03 -27.97
N LEU B 134 -2.26 17.89 -26.87
CA LEU B 134 -3.01 16.66 -26.65
C LEU B 134 -4.07 16.46 -27.71
N LEU B 135 -4.63 17.55 -28.23
CA LEU B 135 -5.58 17.43 -29.33
C LEU B 135 -4.91 16.82 -30.56
N ILE B 136 -3.66 17.20 -30.84
CA ILE B 136 -3.01 16.71 -32.04
C ILE B 136 -2.65 15.24 -31.90
N ILE B 137 -2.02 14.87 -30.78
CA ILE B 137 -1.54 13.50 -30.61
C ILE B 137 -2.70 12.51 -30.73
N VAL B 138 -3.77 12.77 -29.99
CA VAL B 138 -4.96 11.93 -30.09
C VAL B 138 -5.48 11.92 -31.52
N SER B 139 -5.54 13.10 -32.15
CA SER B 139 -6.04 13.17 -33.52
C SER B 139 -5.21 12.32 -34.47
N ILE B 140 -3.97 12.02 -34.11
CA ILE B 140 -3.19 11.04 -34.87
C ILE B 140 -3.48 9.64 -34.41
N VAL B 141 -3.43 9.41 -33.09
CA VAL B 141 -3.56 8.06 -32.55
C VAL B 141 -4.89 7.45 -32.97
N THR B 142 -5.96 8.25 -32.98
CA THR B 142 -7.23 7.79 -33.51
C THR B 142 -7.11 7.45 -34.99
N ILE B 143 -6.67 8.42 -35.80
CA ILE B 143 -6.70 8.24 -37.26
C ILE B 143 -5.82 7.06 -37.65
N PHE B 144 -4.59 7.03 -37.15
CA PHE B 144 -3.70 5.89 -37.39
C PHE B 144 -4.39 4.60 -36.99
N THR B 145 -5.04 4.58 -35.83
CA THR B 145 -5.68 3.35 -35.36
C THR B 145 -6.75 2.89 -36.35
N THR B 146 -7.47 3.83 -36.95
CA THR B 146 -8.41 3.46 -37.98
C THR B 146 -7.70 2.89 -39.20
N ILE B 147 -6.64 3.57 -39.65
CA ILE B 147 -5.98 3.19 -40.89
C ILE B 147 -5.40 1.78 -40.76
N SER B 148 -4.71 1.51 -39.65
CA SER B 148 -4.22 0.15 -39.42
C SER B 148 -5.37 -0.84 -39.41
N TRP B 149 -6.48 -0.50 -38.76
CA TRP B 149 -7.64 -1.38 -38.75
C TRP B 149 -8.15 -1.63 -40.15
N THR B 150 -7.96 -0.69 -41.08
CA THR B 150 -8.33 -0.90 -42.46
C THR B 150 -7.32 -1.76 -43.21
N THR B 151 -6.04 -1.71 -42.85
CA THR B 151 -5.02 -2.43 -43.59
C THR B 151 -4.74 -3.83 -43.05
N ILE B 152 -5.11 -4.13 -41.81
CA ILE B 152 -4.92 -5.47 -41.28
C ILE B 152 -5.98 -6.44 -41.76
N THR B 153 -7.06 -5.96 -42.35
CA THR B 153 -8.09 -6.85 -42.88
C THR B 153 -7.65 -7.51 -44.17
N PHE B 154 -6.81 -6.84 -44.96
CA PHE B 154 -6.35 -7.34 -46.24
C PHE B 154 -5.03 -8.09 -46.15
N PHE B 155 -4.54 -8.33 -44.93
CA PHE B 155 -3.25 -8.98 -44.74
C PHE B 155 -3.38 -10.38 -44.16
N GLY B 156 -4.56 -11.00 -44.27
CA GLY B 156 -4.75 -12.34 -43.77
C GLY B 156 -5.75 -13.09 -44.63
N GLU B 157 -5.98 -14.34 -44.26
CA GLU B 157 -6.97 -15.17 -44.93
C GLU B 157 -8.30 -15.05 -44.19
N SER B 158 -9.31 -14.50 -44.86
CA SER B 158 -10.61 -14.27 -44.25
C SER B 158 -11.40 -15.58 -44.28
N VAL B 159 -11.10 -16.43 -43.30
CA VAL B 159 -11.74 -17.73 -43.17
C VAL B 159 -12.21 -17.92 -41.74
N TRP B 160 -13.40 -18.50 -41.59
CA TRP B 160 -13.98 -18.79 -40.29
C TRP B 160 -14.06 -20.30 -40.10
N LYS B 161 -13.66 -20.78 -38.93
CA LYS B 161 -13.66 -22.21 -38.64
C LYS B 161 -15.02 -22.61 -38.10
N VAL B 162 -15.72 -23.49 -38.82
CA VAL B 162 -17.04 -23.94 -38.41
C VAL B 162 -17.04 -25.47 -38.39
N PRO B 163 -17.92 -26.10 -37.60
CA PRO B 163 -17.98 -27.57 -37.62
C PRO B 163 -18.36 -28.09 -38.99
N ASP B 164 -17.76 -29.21 -39.36
CA ASP B 164 -18.02 -29.79 -40.68
C ASP B 164 -19.40 -30.44 -40.69
N PRO B 165 -20.26 -30.09 -41.65
CA PRO B 165 -21.60 -30.69 -41.70
C PRO B 165 -21.64 -32.08 -42.31
N GLU B 166 -20.50 -32.69 -42.61
CA GLU B 166 -20.43 -34.02 -43.18
C GLU B 166 -19.90 -35.07 -42.21
N THR B 167 -19.00 -34.68 -41.31
CA THR B 167 -18.40 -35.59 -40.34
C THR B 167 -18.87 -35.23 -38.94
N PHE B 168 -18.44 -36.04 -37.97
CA PHE B 168 -18.87 -35.84 -36.59
C PHE B 168 -18.01 -34.81 -35.87
N ASN B 169 -16.70 -35.07 -35.76
CA ASN B 169 -15.84 -34.24 -34.92
C ASN B 169 -14.72 -33.58 -35.72
N GLN B 170 -15.05 -33.00 -36.87
CA GLN B 170 -14.09 -32.28 -37.68
C GLN B 170 -14.59 -30.87 -37.93
N THR B 171 -13.64 -29.94 -38.07
CA THR B 171 -13.94 -28.54 -38.30
C THR B 171 -13.23 -28.07 -39.56
N MET B 172 -13.93 -27.27 -40.36
CA MET B 172 -13.41 -26.84 -41.65
C MET B 172 -13.52 -25.31 -41.77
N TYR B 173 -12.69 -24.76 -42.65
CA TYR B 173 -12.66 -23.33 -42.89
C TYR B 173 -13.64 -22.96 -43.99
N VAL B 174 -14.36 -21.87 -43.79
CA VAL B 174 -15.32 -21.35 -44.76
C VAL B 174 -14.96 -19.90 -45.05
N PRO B 175 -14.95 -19.48 -46.31
CA PRO B 175 -14.66 -18.07 -46.61
C PRO B 175 -15.67 -17.14 -45.97
N VAL B 176 -15.18 -16.01 -45.48
CA VAL B 176 -16.02 -15.01 -44.83
C VAL B 176 -15.71 -13.66 -45.48
N PRO B 177 -16.65 -12.71 -45.50
CA PRO B 177 -16.37 -11.43 -46.14
C PRO B 177 -15.17 -10.73 -45.50
N ARG B 178 -14.39 -10.05 -46.35
CA ARG B 178 -13.20 -9.34 -45.89
C ARG B 178 -13.63 -7.96 -45.41
N LEU B 179 -14.10 -7.91 -44.17
CA LEU B 179 -14.56 -6.69 -43.53
C LEU B 179 -13.71 -6.40 -42.31
N MET B 180 -13.83 -5.17 -41.82
CA MET B 180 -13.04 -4.76 -40.67
C MET B 180 -13.47 -5.46 -39.39
N LEU B 181 -14.76 -5.78 -39.27
CA LEU B 181 -15.29 -6.43 -38.08
C LEU B 181 -16.18 -7.60 -38.48
N HIS B 182 -16.14 -8.65 -37.66
CA HIS B 182 -17.03 -9.79 -37.83
C HIS B 182 -18.40 -9.40 -37.30
N SER B 183 -19.31 -9.05 -38.21
CA SER B 183 -20.61 -8.55 -37.82
C SER B 183 -21.70 -9.21 -38.65
N TRP B 184 -22.89 -9.29 -38.06
CA TRP B 184 -24.07 -9.82 -38.75
C TRP B 184 -24.86 -8.67 -39.36
N TYR B 185 -25.37 -8.89 -40.57
CA TYR B 185 -26.16 -7.87 -41.24
C TYR B 185 -27.41 -8.49 -41.83
N PRO B 186 -28.52 -7.76 -41.84
CA PRO B 186 -29.74 -8.28 -42.50
C PRO B 186 -29.56 -8.53 -43.98
N TRP B 187 -28.74 -7.74 -44.66
CA TRP B 187 -28.48 -7.94 -46.08
C TRP B 187 -27.31 -8.89 -46.27
N ASP B 188 -27.07 -9.26 -47.52
CA ASP B 188 -25.95 -10.14 -47.86
C ASP B 188 -24.69 -9.29 -47.97
N SER B 189 -23.80 -9.41 -46.98
CA SER B 189 -22.57 -8.63 -46.94
C SER B 189 -21.40 -9.36 -47.58
N GLY B 190 -21.66 -10.25 -48.54
CA GLY B 190 -20.61 -11.05 -49.12
C GLY B 190 -19.97 -10.44 -50.36
N HIS B 191 -20.75 -9.74 -51.17
CA HIS B 191 -20.23 -9.23 -52.43
C HIS B 191 -21.09 -8.08 -52.92
N GLY B 192 -20.51 -7.28 -53.80
CA GLY B 192 -21.27 -6.23 -54.49
C GLY B 192 -21.66 -5.09 -53.57
N LEU B 193 -22.88 -4.59 -53.80
CA LEU B 193 -23.36 -3.43 -53.06
C LEU B 193 -23.43 -3.72 -51.56
N GLY B 194 -23.84 -4.94 -51.19
CA GLY B 194 -23.88 -5.28 -49.79
C GLY B 194 -22.51 -5.20 -49.14
N TYR B 195 -21.49 -5.74 -49.81
CA TYR B 195 -20.13 -5.69 -49.28
C TYR B 195 -19.63 -4.26 -49.19
N ILE B 196 -19.90 -3.45 -50.22
CA ILE B 196 -19.43 -2.06 -50.22
C ILE B 196 -20.07 -1.29 -49.06
N VAL B 197 -21.38 -1.45 -48.90
CA VAL B 197 -22.09 -0.74 -47.83
C VAL B 197 -21.61 -1.21 -46.47
N ALA B 198 -21.41 -2.53 -46.31
CA ALA B 198 -20.93 -3.04 -45.04
C ALA B 198 -19.55 -2.49 -44.70
N PHE B 199 -18.64 -2.46 -45.69
CA PHE B 199 -17.30 -1.96 -45.42
C PHE B 199 -17.32 -0.48 -45.08
N VAL B 200 -18.09 0.31 -45.82
CA VAL B 200 -18.15 1.75 -45.55
C VAL B 200 -18.74 1.99 -44.16
N LEU B 201 -19.82 1.27 -43.83
CA LEU B 201 -20.44 1.44 -42.52
C LEU B 201 -19.50 1.04 -41.40
N GLN B 202 -18.77 -0.06 -41.56
CA GLN B 202 -17.82 -0.47 -40.54
C GLN B 202 -16.69 0.54 -40.37
N PHE B 203 -16.18 1.07 -41.48
CA PHE B 203 -15.12 2.08 -41.40
C PHE B 203 -15.61 3.31 -40.64
N TYR B 204 -16.79 3.83 -41.03
CA TYR B 204 -17.33 5.00 -40.35
C TYR B 204 -17.59 4.71 -38.88
N TRP B 205 -18.14 3.53 -38.57
CA TRP B 205 -18.46 3.20 -37.19
C TRP B 205 -17.20 3.12 -36.34
N VAL B 206 -16.15 2.47 -36.85
CA VAL B 206 -14.91 2.37 -36.08
C VAL B 206 -14.32 3.75 -35.85
N PHE B 207 -14.26 4.57 -36.90
CA PHE B 207 -13.69 5.90 -36.75
C PHE B 207 -14.47 6.73 -35.74
N ILE B 208 -15.80 6.72 -35.85
CA ILE B 208 -16.61 7.59 -35.01
C ILE B 208 -16.66 7.09 -33.56
N THR B 209 -16.60 5.77 -33.34
CA THR B 209 -16.58 5.29 -31.96
C THR B 209 -15.25 5.57 -31.29
N LEU B 210 -14.14 5.41 -32.02
CA LEU B 210 -12.85 5.79 -31.47
C LEU B 210 -12.81 7.29 -31.18
N SER B 211 -13.41 8.09 -32.05
CA SER B 211 -13.51 9.52 -31.78
C SER B 211 -14.35 9.80 -30.54
N HIS B 212 -15.46 9.07 -30.38
CA HIS B 212 -16.33 9.29 -29.22
C HIS B 212 -15.59 9.02 -27.92
N SER B 213 -14.80 7.95 -27.88
CA SER B 213 -14.05 7.66 -26.67
C SER B 213 -12.90 8.64 -26.45
N ASN B 214 -12.17 8.94 -27.53
CA ASN B 214 -10.99 9.78 -27.41
C ASN B 214 -11.34 11.22 -27.08
N LEU B 215 -12.50 11.71 -27.55
CA LEU B 215 -12.89 13.07 -27.22
C LEU B 215 -13.15 13.24 -25.74
N MET B 216 -13.80 12.26 -25.11
CA MET B 216 -14.03 12.32 -23.67
C MET B 216 -12.74 12.19 -22.90
N GLU B 217 -11.86 11.25 -23.30
CA GLU B 217 -10.58 11.15 -22.61
C GLU B 217 -9.78 12.43 -22.74
N LEU B 218 -9.80 13.04 -23.92
CA LEU B 218 -9.07 14.28 -24.17
C LEU B 218 -9.66 15.44 -23.38
N LEU B 219 -10.99 15.48 -23.23
CA LEU B 219 -11.61 16.52 -22.43
C LEU B 219 -11.21 16.40 -20.97
N PHE B 220 -11.19 15.18 -20.43
CA PHE B 220 -10.74 14.97 -19.06
C PHE B 220 -9.28 15.41 -18.89
N SER B 221 -8.42 15.01 -19.83
CA SER B 221 -7.01 15.39 -19.74
C SER B 221 -6.84 16.90 -19.83
N SER B 222 -7.63 17.56 -20.67
CA SER B 222 -7.53 19.01 -20.80
C SER B 222 -7.99 19.72 -19.53
N PHE B 223 -9.05 19.21 -18.90
CA PHE B 223 -9.46 19.73 -17.60
C PHE B 223 -8.33 19.65 -16.60
N LEU B 224 -7.69 18.48 -16.50
CA LEU B 224 -6.60 18.33 -15.55
C LEU B 224 -5.40 19.20 -15.90
N VAL B 225 -5.12 19.39 -17.20
CA VAL B 225 -4.02 20.26 -17.62
C VAL B 225 -4.28 21.69 -17.17
N HIS B 226 -5.51 22.18 -17.36
CA HIS B 226 -5.85 23.53 -16.91
C HIS B 226 -5.69 23.65 -15.39
N ALA B 227 -6.15 22.64 -14.65
CA ALA B 227 -5.99 22.69 -13.19
C ALA B 227 -4.52 22.75 -12.78
N CYS B 228 -3.69 21.93 -13.42
CA CYS B 228 -2.27 21.90 -13.08
C CYS B 228 -1.60 23.23 -13.41
N GLU B 229 -1.98 23.85 -14.53
CA GLU B 229 -1.38 25.14 -14.87
C GLU B 229 -1.83 26.23 -13.91
N GLN B 230 -3.07 26.19 -13.45
CA GLN B 230 -3.50 27.15 -12.44
C GLN B 230 -2.72 26.96 -11.14
N LEU B 231 -2.49 25.71 -10.75
CA LEU B 231 -1.70 25.45 -9.55
C LEU B 231 -0.26 25.94 -9.71
N GLN B 232 0.31 25.76 -10.90
CA GLN B 232 1.66 26.26 -11.15
C GLN B 232 1.72 27.78 -11.09
N HIS B 233 0.69 28.44 -11.62
CA HIS B 233 0.61 29.91 -11.52
C HIS B 233 0.56 30.34 -10.06
N LEU B 234 -0.26 29.65 -9.26
CA LEU B 234 -0.34 29.98 -7.84
C LEU B 234 1.00 29.78 -7.15
N LYS B 235 1.70 28.69 -7.46
CA LYS B 235 3.01 28.47 -6.87
C LYS B 235 4.00 29.55 -7.26
N GLU B 236 3.97 29.97 -8.52
CA GLU B 236 4.92 30.98 -8.99
C GLU B 236 4.68 32.32 -8.33
N ILE B 237 3.43 32.74 -8.20
CA ILE B 237 3.16 34.11 -7.71
C ILE B 237 3.39 34.23 -6.21
N LEU B 238 3.85 33.15 -5.57
CA LEU B 238 4.07 33.20 -4.13
C LEU B 238 5.22 34.13 -3.76
N ASN B 239 6.32 34.08 -4.51
CA ASN B 239 7.48 34.91 -4.17
C ASN B 239 7.18 36.40 -4.24
N PRO B 240 6.62 36.95 -5.33
CA PRO B 240 6.25 38.38 -5.28
C PRO B 240 5.21 38.69 -4.22
N LEU B 241 4.32 37.74 -3.93
CA LEU B 241 3.31 37.95 -2.90
C LEU B 241 3.93 38.11 -1.53
N ILE B 242 4.92 37.27 -1.19
CA ILE B 242 5.59 37.40 0.10
C ILE B 242 6.48 38.63 0.14
N GLU B 243 7.21 38.90 -0.95
CA GLU B 243 8.03 40.10 -1.01
C GLU B 243 7.19 41.38 -0.94
N LEU B 244 5.91 41.31 -1.30
CA LEU B 244 5.03 42.46 -1.10
C LEU B 244 4.88 42.78 0.38
N SER B 245 4.73 41.74 1.21
CA SER B 245 4.55 41.93 2.65
C SER B 245 5.86 42.19 3.38
N ALA B 246 6.97 42.30 2.66
CA ALA B 246 8.26 42.54 3.29
C ALA B 246 8.27 43.88 4.01
N THR B 247 8.94 43.91 5.16
CA THR B 247 9.05 45.11 5.97
C THR B 247 10.28 45.94 5.65
N LEU B 248 10.76 45.87 4.41
CA LEU B 248 11.94 46.63 4.01
C LEU B 248 11.63 48.12 4.02
N ASP B 249 12.54 48.89 4.63
CA ASP B 249 12.37 50.34 4.75
C ASP B 249 12.70 51.04 3.44
N LEU B 303 3.79 48.48 7.41
CA LEU B 303 3.24 48.62 6.06
C LEU B 303 2.33 49.85 5.98
N THR B 304 2.53 50.65 4.94
CA THR B 304 1.70 51.82 4.73
C THR B 304 0.32 51.40 4.22
N SER B 305 -0.61 52.37 4.20
CA SER B 305 -1.99 52.07 3.82
C SER B 305 -2.06 51.51 2.41
N ASN B 306 -1.34 52.11 1.46
CA ASN B 306 -1.31 51.57 0.10
C ASN B 306 -0.69 50.19 0.08
N GLN B 307 0.41 50.00 0.80
CA GLN B 307 1.02 48.67 0.89
C GLN B 307 0.05 47.68 1.53
N GLU B 308 -0.65 48.10 2.59
CA GLU B 308 -1.58 47.21 3.26
C GLU B 308 -2.70 46.77 2.32
N VAL B 309 -3.30 47.72 1.61
CA VAL B 309 -4.43 47.37 0.75
C VAL B 309 -3.97 46.53 -0.42
N LEU B 310 -2.78 46.83 -0.98
CA LEU B 310 -2.28 46.03 -2.09
C LEU B 310 -1.99 44.60 -1.64
N VAL B 311 -1.35 44.44 -0.49
CA VAL B 311 -1.03 43.10 0.01
C VAL B 311 -2.31 42.33 0.32
N ARG B 312 -3.29 42.99 0.94
CA ARG B 312 -4.54 42.31 1.26
C ARG B 312 -5.28 41.89 0.00
N SER B 313 -5.32 42.75 -1.02
CA SER B 313 -5.99 42.39 -2.27
C SER B 313 -5.27 41.22 -2.96
N ALA B 314 -3.94 41.23 -2.95
CA ALA B 314 -3.20 40.14 -3.57
C ALA B 314 -3.41 38.83 -2.82
N ILE B 315 -3.43 38.88 -1.49
CA ILE B 315 -3.69 37.67 -0.70
C ILE B 315 -5.11 37.17 -0.95
N LYS B 316 -6.07 38.08 -1.06
CA LYS B 316 -7.43 37.69 -1.41
C LYS B 316 -7.48 37.00 -2.75
N TYR B 317 -6.75 37.53 -3.73
CA TYR B 317 -6.70 36.90 -5.05
C TYR B 317 -6.13 35.50 -4.96
N TRP B 318 -5.03 35.32 -4.23
CA TRP B 318 -4.42 34.00 -4.10
C TRP B 318 -5.39 33.01 -3.45
N VAL B 319 -6.02 33.43 -2.35
CA VAL B 319 -6.91 32.52 -1.63
C VAL B 319 -8.11 32.14 -2.50
N GLU B 320 -8.71 33.12 -3.17
CA GLU B 320 -9.86 32.83 -4.00
C GLU B 320 -9.49 31.95 -5.19
N ARG B 321 -8.31 32.17 -5.77
CA ARG B 321 -7.88 31.33 -6.89
C ARG B 321 -7.64 29.90 -6.44
N HIS B 322 -7.05 29.70 -5.26
CA HIS B 322 -6.88 28.34 -4.77
C HIS B 322 -8.22 27.68 -4.47
N LYS B 323 -9.16 28.44 -3.91
CA LYS B 323 -10.51 27.90 -3.70
C LYS B 323 -11.15 27.49 -5.03
N HIS B 324 -10.96 28.31 -6.06
CA HIS B 324 -11.46 27.97 -7.39
C HIS B 324 -10.84 26.67 -7.90
N VAL B 325 -9.53 26.51 -7.70
CA VAL B 325 -8.86 25.30 -8.17
C VAL B 325 -9.42 24.07 -7.45
N VAL B 326 -9.62 24.18 -6.14
CA VAL B 326 -10.14 23.05 -5.38
C VAL B 326 -11.56 22.69 -5.83
N LYS B 327 -12.41 23.72 -6.00
CA LYS B 327 -13.77 23.48 -6.46
C LYS B 327 -13.79 22.89 -7.86
N TYR B 328 -12.89 23.36 -8.73
CA TYR B 328 -12.80 22.86 -10.09
C TYR B 328 -12.39 21.39 -10.10
N VAL B 329 -11.44 21.01 -9.25
CA VAL B 329 -11.05 19.61 -9.18
C VAL B 329 -12.19 18.74 -8.66
N SER B 330 -12.94 19.23 -7.68
CA SER B 330 -14.09 18.48 -7.20
C SER B 330 -15.14 18.33 -8.31
N LEU B 331 -15.34 19.38 -9.11
CA LEU B 331 -16.27 19.30 -10.23
C LEU B 331 -15.80 18.29 -11.26
N ILE B 332 -14.49 18.25 -11.52
CA ILE B 332 -13.94 17.26 -12.44
C ILE B 332 -14.21 15.84 -11.93
N THR B 333 -14.00 15.62 -10.63
CA THR B 333 -14.27 14.31 -10.06
C THR B 333 -15.74 13.94 -10.19
N GLU B 334 -16.64 14.90 -9.94
CA GLU B 334 -18.07 14.62 -10.08
C GLU B 334 -18.43 14.31 -11.53
N CYS B 335 -17.87 15.07 -12.48
CA CYS B 335 -18.27 14.94 -13.87
C CYS B 335 -17.75 13.65 -14.49
N TYR B 336 -16.47 13.36 -14.30
CA TYR B 336 -15.79 12.26 -15.00
C TYR B 336 -15.23 11.27 -13.98
N GLY B 337 -16.04 10.92 -12.97
CA GLY B 337 -15.61 9.97 -11.98
C GLY B 337 -16.09 8.57 -12.28
N SER B 338 -17.39 8.44 -12.57
CA SER B 338 -17.93 7.12 -12.90
C SER B 338 -17.42 6.63 -14.25
N ALA B 339 -17.11 7.55 -15.17
CA ALA B 339 -16.58 7.15 -16.47
C ALA B 339 -15.26 6.42 -16.33
N LEU B 340 -14.37 6.91 -15.44
CA LEU B 340 -13.13 6.21 -15.19
C LEU B 340 -13.37 4.85 -14.56
N LEU B 341 -14.36 4.75 -13.69
CA LEU B 341 -14.69 3.48 -13.06
C LEU B 341 -15.13 2.45 -14.09
N PHE B 342 -16.04 2.85 -14.99
CA PHE B 342 -16.48 1.94 -16.03
C PHE B 342 -15.34 1.60 -16.99
N HIS B 343 -14.50 2.58 -17.30
CA HIS B 343 -13.36 2.35 -18.17
C HIS B 343 -12.45 1.28 -17.59
N MET B 344 -12.11 1.39 -16.31
CA MET B 344 -11.27 0.38 -15.68
C MET B 344 -11.97 -0.95 -15.54
N LEU B 345 -13.29 -0.94 -15.29
CA LEU B 345 -14.04 -2.18 -15.20
C LEU B 345 -13.97 -2.97 -16.50
N VAL B 346 -14.15 -2.28 -17.62
CA VAL B 346 -14.05 -2.96 -18.92
C VAL B 346 -12.60 -3.33 -19.23
N SER B 347 -11.65 -2.43 -18.94
CA SER B 347 -10.26 -2.67 -19.29
C SER B 347 -9.67 -3.82 -18.51
N THR B 348 -10.15 -4.09 -17.29
CA THR B 348 -9.68 -5.25 -16.56
C THR B 348 -9.95 -6.54 -17.32
N VAL B 349 -11.19 -6.69 -17.81
CA VAL B 349 -11.54 -7.88 -18.57
C VAL B 349 -10.80 -7.92 -19.89
N ILE B 350 -10.70 -6.76 -20.56
CA ILE B 350 -9.98 -6.72 -21.84
C ILE B 350 -8.54 -7.17 -21.65
N LEU B 351 -7.87 -6.66 -20.62
CA LEU B 351 -6.48 -6.98 -20.40
C LEU B 351 -6.29 -8.41 -19.93
N THR B 352 -7.26 -8.96 -19.18
CA THR B 352 -7.17 -10.37 -18.81
C THR B 352 -7.25 -11.26 -20.05
N ILE B 353 -8.24 -11.01 -20.92
CA ILE B 353 -8.36 -11.84 -22.12
C ILE B 353 -7.19 -11.61 -23.06
N LEU B 354 -6.66 -10.40 -23.12
CA LEU B 354 -5.51 -10.13 -23.97
C LEU B 354 -4.24 -10.77 -23.42
N ALA B 355 -4.11 -10.84 -22.10
CA ALA B 355 -2.99 -11.58 -21.51
C ALA B 355 -3.10 -13.07 -21.84
N TYR B 356 -4.32 -13.59 -21.85
CA TYR B 356 -4.50 -14.97 -22.31
C TYR B 356 -4.11 -15.12 -23.78
N GLN B 357 -4.52 -14.17 -24.62
CA GLN B 357 -4.27 -14.29 -26.05
C GLN B 357 -2.80 -14.12 -26.40
N ALA B 358 -2.07 -13.31 -25.62
CA ALA B 358 -0.66 -13.07 -25.92
C ALA B 358 0.17 -14.34 -25.77
N THR B 359 -0.26 -15.26 -24.91
CA THR B 359 0.46 -16.52 -24.75
C THR B 359 0.42 -17.38 -26.00
N LYS B 360 -0.51 -17.11 -26.91
CA LYS B 360 -0.65 -17.87 -28.14
C LYS B 360 0.05 -17.20 -29.32
N ILE B 361 0.91 -16.23 -29.06
CA ILE B 361 1.62 -15.52 -30.12
C ILE B 361 2.80 -16.37 -30.57
N ASN B 362 2.88 -16.65 -31.87
CA ASN B 362 3.97 -17.42 -32.44
C ASN B 362 4.50 -16.68 -33.66
N GLY B 363 5.75 -16.24 -33.60
CA GLY B 363 6.35 -15.53 -34.71
C GLY B 363 5.64 -14.22 -34.98
N VAL B 364 5.62 -13.83 -36.26
CA VAL B 364 4.95 -12.62 -36.70
C VAL B 364 3.86 -13.01 -37.70
N ASN B 365 2.66 -12.50 -37.48
CA ASN B 365 1.50 -12.78 -38.33
C ASN B 365 0.42 -11.77 -37.98
N VAL B 366 -0.78 -11.97 -38.51
CA VAL B 366 -1.88 -11.06 -38.24
C VAL B 366 -2.26 -11.10 -36.77
N PHE B 367 -2.32 -12.30 -36.18
CA PHE B 367 -2.77 -12.44 -34.79
C PHE B 367 -1.86 -11.69 -33.82
N ALA B 368 -0.54 -11.82 -34.01
CA ALA B 368 0.39 -11.16 -33.10
C ALA B 368 0.26 -9.65 -33.17
N PHE B 369 0.17 -9.11 -34.39
CA PHE B 369 0.01 -7.67 -34.54
C PHE B 369 -1.32 -7.20 -33.96
N SER B 370 -2.38 -7.98 -34.15
CA SER B 370 -3.69 -7.61 -33.60
C SER B 370 -3.65 -7.56 -32.08
N THR B 371 -3.08 -8.58 -31.45
CA THR B 371 -3.02 -8.59 -29.99
C THR B 371 -2.14 -7.47 -29.46
N ILE B 372 -0.99 -7.23 -30.12
CA ILE B 372 -0.10 -6.16 -29.68
C ILE B 372 -0.80 -4.81 -29.81
N GLY B 373 -1.53 -4.60 -30.91
CA GLY B 373 -2.25 -3.35 -31.08
C GLY B 373 -3.33 -3.15 -30.03
N TYR B 374 -4.08 -4.21 -29.72
CA TYR B 374 -5.10 -4.11 -28.69
C TYR B 374 -4.48 -3.75 -27.33
N LEU B 375 -3.40 -4.45 -26.97
CA LEU B 375 -2.74 -4.18 -25.70
C LEU B 375 -2.20 -2.75 -25.65
N MET B 376 -1.57 -2.30 -26.74
CA MET B 376 -1.00 -0.97 -26.77
C MET B 376 -2.08 0.09 -26.64
N TYR B 377 -3.20 -0.08 -27.35
CA TYR B 377 -4.28 0.89 -27.26
C TYR B 377 -4.88 0.94 -25.86
N SER B 378 -5.10 -0.23 -25.25
CA SER B 378 -5.68 -0.25 -23.91
C SER B 378 -4.76 0.42 -22.90
N PHE B 379 -3.48 0.08 -22.94
CA PHE B 379 -2.54 0.67 -21.99
C PHE B 379 -2.35 2.15 -22.23
N ALA B 380 -2.37 2.60 -23.50
CA ALA B 380 -2.29 4.02 -23.78
C ALA B 380 -3.51 4.76 -23.24
N GLN B 381 -4.70 4.17 -23.39
CA GLN B 381 -5.90 4.80 -22.86
C GLN B 381 -5.83 4.94 -21.35
N ILE B 382 -5.33 3.93 -20.66
CA ILE B 382 -5.19 4.03 -19.20
C ILE B 382 -4.13 5.09 -18.85
N PHE B 383 -3.00 5.06 -19.55
CA PHE B 383 -1.89 5.95 -19.25
C PHE B 383 -2.26 7.40 -19.47
N MET B 384 -3.10 7.70 -20.46
CA MET B 384 -3.39 9.09 -20.80
C MET B 384 -4.01 9.83 -19.64
N PHE B 385 -4.92 9.20 -18.90
CA PHE B 385 -5.49 9.87 -17.75
C PHE B 385 -4.72 9.59 -16.46
N CYS B 386 -4.00 8.46 -16.38
CA CYS B 386 -3.18 8.24 -15.19
C CYS B 386 -2.08 9.29 -15.07
N ILE B 387 -1.43 9.64 -16.18
CA ILE B 387 -0.32 10.59 -16.13
C ILE B 387 -0.82 11.96 -15.68
N HIS B 388 -2.00 12.37 -16.16
CA HIS B 388 -2.52 13.69 -15.82
C HIS B 388 -3.04 13.74 -14.39
N GLY B 389 -3.68 12.66 -13.92
CA GLY B 389 -4.03 12.59 -12.51
C GLY B 389 -2.82 12.67 -11.61
N ASN B 390 -1.75 11.95 -11.97
CA ASN B 390 -0.52 12.00 -11.17
C ASN B 390 0.10 13.38 -11.21
N GLU B 391 0.05 14.05 -12.37
CA GLU B 391 0.55 15.41 -12.46
C GLU B 391 -0.22 16.34 -11.54
N LEU B 392 -1.55 16.19 -11.49
CA LEU B 392 -2.34 17.00 -10.56
C LEU B 392 -1.95 16.73 -9.12
N ILE B 393 -1.76 15.46 -8.76
CA ILE B 393 -1.39 15.13 -7.38
C ILE B 393 -0.06 15.77 -7.02
N GLU B 394 0.94 15.64 -7.90
CA GLU B 394 2.25 16.21 -7.62
C GLU B 394 2.20 17.73 -7.56
N GLU B 395 1.44 18.38 -8.46
CA GLU B 395 1.38 19.83 -8.46
C GLU B 395 0.66 20.35 -7.23
N SER B 396 -0.40 19.66 -6.78
CA SER B 396 -1.14 20.14 -5.63
C SER B 396 -0.37 19.91 -4.33
N SER B 397 0.30 18.77 -4.20
CA SER B 397 1.02 18.47 -2.97
C SER B 397 2.24 19.36 -2.77
N SER B 398 2.80 19.91 -3.85
CA SER B 398 4.04 20.67 -3.78
C SER B 398 3.81 22.17 -3.60
N VAL B 399 2.57 22.60 -3.36
CA VAL B 399 2.33 24.02 -3.13
C VAL B 399 2.92 24.45 -1.78
N MET B 400 2.85 23.56 -0.78
CA MET B 400 3.39 23.91 0.53
C MET B 400 4.91 23.99 0.49
N GLU B 401 5.57 23.21 -0.37
CA GLU B 401 7.02 23.32 -0.51
C GLU B 401 7.41 24.65 -1.14
N ALA B 402 6.58 25.19 -2.03
CA ALA B 402 6.84 26.51 -2.59
C ALA B 402 6.50 27.62 -1.60
N ALA B 403 5.49 27.41 -0.75
CA ALA B 403 5.19 28.38 0.28
C ALA B 403 6.24 28.40 1.38
N TYR B 404 6.90 27.27 1.61
CA TYR B 404 8.00 27.23 2.57
C TYR B 404 9.26 27.84 2.00
N GLY B 405 9.40 27.86 0.67
CA GLY B 405 10.62 28.30 0.02
C GLY B 405 10.76 29.80 -0.16
N CYS B 406 9.74 30.58 0.15
CA CYS B 406 9.84 32.02 0.02
C CYS B 406 10.37 32.62 1.33
N HIS B 407 10.47 33.95 1.37
CA HIS B 407 11.11 34.64 2.49
C HIS B 407 10.05 35.09 3.49
N TRP B 408 9.46 34.10 4.16
CA TRP B 408 8.47 34.41 5.20
C TRP B 408 9.13 34.92 6.48
N TYR B 409 10.33 34.45 6.79
CA TYR B 409 11.07 34.99 7.93
C TYR B 409 11.42 36.46 7.71
N ASP B 410 11.73 36.83 6.48
CA ASP B 410 11.98 38.22 6.12
C ASP B 410 10.69 38.90 5.67
N GLY B 411 9.65 38.81 6.50
CA GLY B 411 8.37 39.41 6.20
C GLY B 411 7.63 39.74 7.47
N SER B 412 6.50 40.42 7.31
CA SER B 412 5.69 40.83 8.45
C SER B 412 4.99 39.62 9.06
N GLU B 413 4.24 39.88 10.13
CA GLU B 413 3.41 38.83 10.71
C GLU B 413 2.35 38.35 9.73
N GLU B 414 1.89 39.24 8.85
CA GLU B 414 0.91 38.85 7.85
C GLU B 414 1.46 37.80 6.90
N ALA B 415 2.72 37.97 6.47
CA ALA B 415 3.33 36.99 5.57
C ALA B 415 3.50 35.64 6.27
N LYS B 416 3.91 35.65 7.53
CA LYS B 416 4.07 34.40 8.26
C LYS B 416 2.74 33.70 8.48
N THR B 417 1.68 34.45 8.80
CA THR B 417 0.36 33.85 8.95
C THR B 417 -0.13 33.28 7.62
N PHE B 418 0.12 34.01 6.53
CA PHE B 418 -0.26 33.50 5.21
C PHE B 418 0.46 32.21 4.89
N VAL B 419 1.76 32.15 5.18
CA VAL B 419 2.52 30.92 4.95
C VAL B 419 1.99 29.79 5.81
N GLN B 420 1.69 30.07 7.08
CA GLN B 420 1.15 29.05 7.96
C GLN B 420 -0.14 28.47 7.40
N ILE B 421 -1.10 29.33 7.06
CA ILE B 421 -2.39 28.82 6.60
C ILE B 421 -2.25 28.13 5.25
N VAL B 422 -1.37 28.63 4.38
CA VAL B 422 -1.20 28.01 3.07
C VAL B 422 -0.57 26.64 3.19
N CYS B 423 0.46 26.51 4.03
CA CYS B 423 1.10 25.22 4.23
C CYS B 423 0.18 24.24 4.94
N GLN B 424 -0.73 24.74 5.79
CA GLN B 424 -1.68 23.86 6.44
C GLN B 424 -2.78 23.42 5.49
N GLN B 425 -3.18 24.29 4.57
CA GLN B 425 -4.24 23.95 3.62
C GLN B 425 -3.72 23.03 2.53
N CYS B 426 -2.63 23.41 1.88
CA CYS B 426 -2.07 22.66 0.75
C CYS B 426 -1.10 21.58 1.23
N GLN B 427 -1.55 20.79 2.20
CA GLN B 427 -0.82 19.64 2.68
C GLN B 427 -1.38 18.33 2.13
N LYS B 428 -2.71 18.22 2.07
CA LYS B 428 -3.35 17.09 1.43
C LYS B 428 -3.41 17.34 -0.07
N PRO B 429 -2.87 16.45 -0.90
CA PRO B 429 -2.91 16.67 -2.35
C PRO B 429 -4.34 16.61 -2.88
N LEU B 430 -4.55 17.32 -3.99
CA LEU B 430 -5.82 17.27 -4.70
C LEU B 430 -5.81 16.05 -5.62
N ILE B 431 -6.70 15.11 -5.37
CA ILE B 431 -6.71 13.82 -6.04
C ILE B 431 -8.04 13.63 -6.74
N VAL B 432 -7.98 13.23 -8.01
CA VAL B 432 -9.17 12.81 -8.75
C VAL B 432 -9.33 11.31 -8.57
N SER B 433 -10.53 10.89 -8.19
CA SER B 433 -10.82 9.50 -7.92
C SER B 433 -11.94 9.01 -8.83
N GLY B 434 -11.87 7.74 -9.20
CA GLY B 434 -12.93 7.16 -9.99
C GLY B 434 -14.03 6.62 -9.11
N ALA B 435 -15.06 7.45 -8.86
CA ALA B 435 -16.16 7.12 -7.96
C ALA B 435 -15.65 6.61 -6.61
N LYS B 436 -14.53 7.16 -6.15
CA LYS B 436 -13.91 6.82 -4.88
C LYS B 436 -13.42 5.38 -4.84
N PHE B 437 -13.52 4.65 -5.95
CA PHE B 437 -13.04 3.27 -5.98
C PHE B 437 -11.51 3.22 -5.99
N PHE B 438 -10.88 4.18 -6.66
CA PHE B 438 -9.42 4.22 -6.77
C PHE B 438 -9.02 5.65 -7.03
N ASN B 439 -7.72 5.92 -6.86
CA ASN B 439 -7.15 7.24 -7.10
C ASN B 439 -6.50 7.25 -8.48
N VAL B 440 -6.79 8.28 -9.27
CA VAL B 440 -6.22 8.41 -10.61
C VAL B 440 -4.80 8.94 -10.46
N SER B 441 -3.81 8.11 -10.75
CA SER B 441 -2.41 8.47 -10.66
C SER B 441 -1.63 7.41 -11.43
N LEU B 442 -0.31 7.60 -11.53
CA LEU B 442 0.52 6.60 -12.16
C LEU B 442 0.62 5.33 -11.34
N ASP B 443 0.23 5.37 -10.07
CA ASP B 443 0.20 4.17 -9.25
C ASP B 443 -0.81 3.16 -9.78
N LEU B 444 -1.98 3.66 -10.21
CA LEU B 444 -2.98 2.78 -10.80
C LEU B 444 -2.48 2.13 -12.08
N PHE B 445 -1.83 2.92 -12.95
CA PHE B 445 -1.28 2.37 -14.18
C PHE B 445 -0.21 1.33 -13.88
N ALA B 446 0.67 1.63 -12.92
CA ALA B 446 1.73 0.69 -12.58
C ALA B 446 1.17 -0.60 -12.01
N SER B 447 0.16 -0.50 -11.15
CA SER B 447 -0.45 -1.68 -10.57
C SER B 447 -1.16 -2.51 -11.64
N VAL B 448 -1.87 -1.86 -12.56
CA VAL B 448 -2.53 -2.59 -13.64
C VAL B 448 -1.50 -3.29 -14.52
N LEU B 449 -0.42 -2.60 -14.87
CA LEU B 449 0.61 -3.21 -15.70
C LEU B 449 1.27 -4.38 -14.99
N GLY B 450 1.55 -4.23 -13.69
CA GLY B 450 2.12 -5.33 -12.93
C GLY B 450 1.19 -6.52 -12.86
N ALA B 451 -0.11 -6.28 -12.66
CA ALA B 451 -1.07 -7.37 -12.63
C ALA B 451 -1.13 -8.10 -13.97
N VAL B 452 -1.15 -7.34 -15.07
CA VAL B 452 -1.20 -7.97 -16.38
C VAL B 452 0.06 -8.78 -16.65
N VAL B 453 1.22 -8.24 -16.31
CA VAL B 453 2.47 -8.95 -16.54
C VAL B 453 2.55 -10.20 -15.69
N THR B 454 2.11 -10.11 -14.43
CA THR B 454 2.11 -11.29 -13.56
C THR B 454 1.16 -12.36 -14.09
N TYR B 455 -0.02 -11.96 -14.55
CA TYR B 455 -0.96 -12.92 -15.12
C TYR B 455 -0.37 -13.59 -16.37
N PHE B 456 0.29 -12.80 -17.22
CA PHE B 456 0.90 -13.37 -18.41
C PHE B 456 2.00 -14.36 -18.04
N MET B 457 2.82 -14.02 -17.04
CA MET B 457 3.86 -14.95 -16.60
C MET B 457 3.27 -16.23 -16.04
N VAL B 458 2.20 -16.11 -15.26
CA VAL B 458 1.55 -17.29 -14.70
C VAL B 458 1.01 -18.17 -15.81
N LEU B 459 0.34 -17.57 -16.80
CA LEU B 459 -0.21 -18.35 -17.90
C LEU B 459 0.89 -19.01 -18.72
N VAL B 460 1.98 -18.30 -18.97
CA VAL B 460 3.06 -18.87 -19.78
C VAL B 460 3.73 -20.03 -19.05
N GLN B 461 4.03 -19.86 -17.76
CA GLN B 461 4.70 -20.92 -17.02
C GLN B 461 3.78 -22.13 -16.82
N LEU B 462 2.50 -21.88 -16.55
CA LEU B 462 1.58 -22.97 -16.27
C LEU B 462 1.24 -23.75 -17.54
N LYS B 463 0.96 -23.05 -18.63
CA LYS B 463 0.59 -23.69 -19.89
C LYS B 463 1.82 -24.19 -20.63
N LYS C 5 38.94 24.26 -6.52
CA LYS C 5 37.61 23.69 -6.35
C LYS C 5 37.09 23.92 -4.93
N ASP C 6 35.77 23.96 -4.79
CA ASP C 6 35.13 24.17 -3.50
C ASP C 6 33.72 23.61 -3.55
N GLY C 7 33.13 23.44 -2.38
CA GLY C 7 31.77 22.95 -2.30
C GLY C 7 31.68 21.45 -2.52
N LEU C 8 30.61 21.03 -3.19
CA LEU C 8 30.39 19.60 -3.42
C LEU C 8 31.42 19.01 -4.35
N ILE C 9 31.93 19.79 -5.30
CA ILE C 9 32.91 19.28 -6.25
C ILE C 9 34.20 18.90 -5.53
N LYS C 10 34.68 19.77 -4.63
CA LYS C 10 35.91 19.47 -3.90
C LYS C 10 35.74 18.26 -3.00
N ASP C 11 34.60 18.15 -2.33
CA ASP C 11 34.34 16.99 -1.48
C ASP C 11 34.26 15.72 -2.30
N LEU C 12 33.61 15.77 -3.47
CA LEU C 12 33.46 14.62 -4.35
C LEU C 12 34.55 14.55 -5.41
N TRP C 13 35.74 15.06 -5.14
CA TRP C 13 36.79 15.14 -6.15
C TRP C 13 37.24 13.78 -6.67
N PRO C 14 37.54 12.78 -5.83
CA PRO C 14 38.02 11.50 -6.40
C PRO C 14 37.03 10.84 -7.34
N ASN C 15 35.74 10.87 -7.03
CA ASN C 15 34.75 10.25 -7.90
C ASN C 15 34.68 10.96 -9.25
N ILE C 16 34.66 12.30 -9.23
CA ILE C 16 34.61 13.05 -10.48
C ILE C 16 35.88 12.82 -11.30
N ARG C 17 37.03 12.78 -10.63
CA ARG C 17 38.28 12.51 -11.34
C ARG C 17 38.27 11.13 -11.98
N LEU C 18 37.78 10.12 -11.25
CA LEU C 18 37.68 8.78 -11.81
C LEU C 18 36.73 8.76 -13.01
N ILE C 19 35.63 9.51 -12.92
CA ILE C 19 34.71 9.61 -14.05
C ILE C 19 35.41 10.21 -15.26
N GLN C 20 36.18 11.28 -15.04
CA GLN C 20 36.91 11.92 -16.12
C GLN C 20 37.95 10.99 -16.73
N LEU C 21 38.56 10.13 -15.92
CA LEU C 21 39.58 9.22 -16.40
C LEU C 21 39.01 7.90 -16.93
N SER C 22 37.71 7.67 -16.78
CA SER C 22 37.11 6.39 -17.15
C SER C 22 36.45 6.40 -18.52
N GLY C 23 36.54 7.50 -19.26
CA GLY C 23 36.02 7.57 -20.62
C GLY C 23 34.68 8.26 -20.75
N LEU C 24 33.95 8.47 -19.66
CA LEU C 24 32.68 9.18 -19.74
C LEU C 24 32.92 10.63 -20.17
N PHE C 25 31.94 11.18 -20.89
CA PHE C 25 32.06 12.52 -21.44
C PHE C 25 31.94 13.54 -20.31
N ILE C 26 33.07 14.12 -19.91
CA ILE C 26 33.12 15.21 -18.94
C ILE C 26 33.78 16.40 -19.62
N SER C 27 33.12 17.55 -19.57
CA SER C 27 33.66 18.78 -20.16
C SER C 27 34.13 19.78 -19.13
N GLU C 28 33.57 19.76 -17.92
CA GLU C 28 33.93 20.73 -16.89
C GLU C 28 34.88 20.10 -15.89
N TYR C 29 35.20 20.87 -14.85
CA TYR C 29 36.09 20.43 -13.75
C TYR C 29 37.45 20.00 -14.27
N TYR C 30 37.95 20.70 -15.28
CA TYR C 30 39.27 20.46 -15.85
C TYR C 30 40.06 21.76 -15.81
N ASP C 31 41.33 21.68 -15.44
CA ASP C 31 42.20 22.86 -15.33
C ASP C 31 43.20 22.95 -16.48
N ASP C 32 42.91 22.32 -17.61
CA ASP C 32 43.80 22.29 -18.77
C ASP C 32 43.03 22.62 -20.04
N TYR C 33 42.24 23.69 -20.00
CA TYR C 33 41.43 24.10 -21.14
C TYR C 33 42.33 24.66 -22.23
N SER C 34 42.91 23.75 -23.01
CA SER C 34 43.77 24.09 -24.14
C SER C 34 43.19 23.50 -25.41
N GLY C 35 43.86 23.78 -26.53
CA GLY C 35 43.41 23.26 -27.82
C GLY C 35 43.81 21.83 -28.10
N LEU C 36 44.74 21.28 -27.32
CA LEU C 36 45.20 19.90 -27.51
C LEU C 36 44.68 18.94 -26.45
N ALA C 37 44.64 19.37 -25.18
CA ALA C 37 44.13 18.50 -24.13
C ALA C 37 42.66 18.17 -24.36
N VAL C 38 41.86 19.17 -24.74
CA VAL C 38 40.44 18.94 -24.99
C VAL C 38 40.25 18.00 -26.17
N LEU C 39 41.01 18.22 -27.24
CA LEU C 39 40.88 17.38 -28.43
C LEU C 39 41.27 15.94 -28.12
N PHE C 40 42.37 15.73 -27.41
CA PHE C 40 42.79 14.38 -27.06
C PHE C 40 41.81 13.73 -26.11
N ARG C 41 41.24 14.50 -25.18
CA ARG C 41 40.25 13.96 -24.26
C ARG C 41 39.00 13.50 -25.01
N LYS C 42 38.53 14.31 -25.95
CA LYS C 42 37.36 13.92 -26.75
C LYS C 42 37.67 12.71 -27.61
N ILE C 43 38.87 12.65 -28.18
CA ILE C 43 39.26 11.50 -28.98
C ILE C 43 39.27 10.24 -28.13
N TYR C 44 39.84 10.32 -26.93
CA TYR C 44 39.89 9.15 -26.05
C TYR C 44 38.49 8.72 -25.62
N SER C 45 37.62 9.68 -25.31
CA SER C 45 36.25 9.34 -24.93
C SER C 45 35.51 8.67 -26.08
N TRP C 46 35.66 9.19 -27.29
CA TRP C 46 35.00 8.59 -28.45
C TRP C 46 35.54 7.18 -28.71
N ILE C 47 36.86 7.00 -28.60
CA ILE C 47 37.45 5.67 -28.79
C ILE C 47 36.92 4.70 -27.75
N THR C 48 36.85 5.14 -26.49
CA THR C 48 36.34 4.29 -25.43
C THR C 48 34.90 3.88 -25.71
N ALA C 49 34.04 4.85 -26.05
CA ALA C 49 32.64 4.55 -26.34
C ALA C 49 32.50 3.60 -27.51
N ILE C 50 33.32 3.80 -28.55
CA ILE C 50 33.31 2.89 -29.69
C ILE C 50 33.66 1.48 -29.24
N ILE C 51 34.65 1.36 -28.35
CA ILE C 51 35.04 0.04 -27.85
C ILE C 51 33.88 -0.61 -27.11
N ILE C 52 33.25 0.12 -26.17
CA ILE C 52 32.19 -0.49 -25.37
C ILE C 52 31.05 -0.94 -26.28
N TYR C 53 30.62 -0.08 -27.19
CA TYR C 53 29.46 -0.43 -27.99
C TYR C 53 29.75 -1.44 -29.08
N SER C 54 30.98 -1.47 -29.62
CA SER C 54 31.34 -2.57 -30.51
C SER C 54 31.32 -3.89 -29.78
N GLN C 55 31.85 -3.93 -28.56
CA GLN C 55 31.80 -5.19 -27.80
C GLN C 55 30.37 -5.59 -27.49
N PHE C 56 29.51 -4.62 -27.14
CA PHE C 56 28.11 -4.94 -26.87
C PHE C 56 27.40 -5.47 -28.12
N ILE C 57 27.68 -4.86 -29.28
CA ILE C 57 27.10 -5.36 -30.52
C ILE C 57 27.59 -6.78 -30.81
N PHE C 58 28.85 -7.07 -30.51
CA PHE C 58 29.36 -8.42 -30.71
C PHE C 58 28.66 -9.41 -29.80
N ILE C 59 28.44 -9.03 -28.53
CA ILE C 59 27.70 -9.90 -27.62
C ILE C 59 26.29 -10.15 -28.14
N VAL C 60 25.63 -9.10 -28.63
CA VAL C 60 24.27 -9.27 -29.18
C VAL C 60 24.31 -10.20 -30.38
N ILE C 61 25.34 -10.08 -31.22
CA ILE C 61 25.45 -10.96 -32.39
C ILE C 61 25.58 -12.41 -31.97
N PHE C 62 26.43 -12.68 -30.98
CA PHE C 62 26.62 -14.06 -30.53
C PHE C 62 25.33 -14.53 -29.86
N MET C 63 24.55 -13.61 -29.33
CA MET C 63 23.31 -13.96 -28.64
C MET C 63 22.19 -14.47 -29.55
N VAL C 64 22.19 -14.16 -30.85
CA VAL C 64 21.06 -14.53 -31.69
C VAL C 64 21.51 -15.46 -32.81
N THR C 65 22.77 -15.36 -33.23
CA THR C 65 23.27 -16.20 -34.31
C THR C 65 24.00 -17.44 -33.83
N LYS C 66 24.08 -17.65 -32.51
CA LYS C 66 24.73 -18.86 -32.00
C LYS C 66 23.97 -19.47 -30.83
N SER C 67 22.74 -19.04 -30.57
CA SER C 67 21.92 -19.58 -29.49
C SER C 67 20.88 -20.52 -30.09
N ASN C 68 20.86 -21.76 -29.61
CA ASN C 68 19.94 -22.77 -30.10
C ASN C 68 18.97 -23.26 -29.03
N ASP C 69 19.48 -23.69 -27.88
CA ASP C 69 18.62 -24.20 -26.82
C ASP C 69 18.08 -23.04 -25.98
N SER C 70 17.06 -23.35 -25.17
CA SER C 70 16.46 -22.33 -24.32
C SER C 70 17.42 -21.88 -23.22
N ASP C 71 18.21 -22.80 -22.68
CA ASP C 71 19.12 -22.44 -21.59
C ASP C 71 20.25 -21.53 -22.09
N GLN C 72 20.78 -21.81 -23.28
CA GLN C 72 21.79 -20.93 -23.86
C GLN C 72 21.22 -19.55 -24.10
N LEU C 73 19.98 -19.48 -24.59
CA LEU C 73 19.34 -18.19 -24.78
C LEU C 73 19.16 -17.46 -23.46
N ALA C 74 18.77 -18.19 -22.41
CA ALA C 74 18.61 -17.55 -21.10
C ALA C 74 19.93 -16.99 -20.60
N ALA C 75 21.02 -17.75 -20.73
CA ALA C 75 22.32 -17.26 -20.28
C ALA C 75 22.76 -16.05 -21.11
N GLY C 76 22.56 -16.10 -22.43
CA GLY C 76 22.95 -14.97 -23.27
C GLY C 76 22.16 -13.71 -22.95
N VAL C 77 20.85 -13.85 -22.76
CA VAL C 77 20.04 -12.69 -22.39
C VAL C 77 20.44 -12.17 -21.02
N VAL C 78 20.82 -13.07 -20.10
CA VAL C 78 21.27 -12.63 -18.78
C VAL C 78 22.51 -11.77 -18.91
N THR C 79 23.50 -12.24 -19.68
CA THR C 79 24.73 -11.45 -19.83
C THR C 79 24.46 -10.13 -20.54
N THR C 80 23.65 -10.16 -21.61
CA THR C 80 23.35 -8.95 -22.35
C THR C 80 22.65 -7.93 -21.48
N LEU C 81 21.68 -8.37 -20.68
CA LEU C 81 20.98 -7.44 -19.79
C LEU C 81 21.85 -7.00 -18.63
N PHE C 82 22.81 -7.84 -18.22
CA PHE C 82 23.74 -7.45 -17.17
C PHE C 82 24.62 -6.30 -17.63
N PHE C 83 25.08 -6.33 -18.87
CA PHE C 83 25.88 -5.22 -19.37
C PHE C 83 25.05 -4.10 -19.99
N THR C 84 23.75 -4.32 -20.18
CA THR C 84 22.87 -3.24 -20.62
C THR C 84 22.78 -2.14 -19.59
N HIS C 85 22.98 -2.46 -18.31
CA HIS C 85 23.01 -1.43 -17.28
C HIS C 85 24.06 -0.38 -17.59
N SER C 86 25.30 -0.82 -17.82
CA SER C 86 26.37 0.11 -18.17
C SER C 86 26.16 0.70 -19.55
N MET C 87 25.59 -0.07 -20.48
CA MET C 87 25.25 0.47 -21.80
C MET C 87 24.39 1.72 -21.66
N ILE C 88 23.33 1.62 -20.85
CA ILE C 88 22.40 2.73 -20.68
C ILE C 88 23.06 3.85 -19.89
N LYS C 89 23.78 3.51 -18.81
CA LYS C 89 24.34 4.54 -17.95
C LYS C 89 25.39 5.40 -18.66
N PHE C 90 26.15 4.82 -19.60
CA PHE C 90 27.14 5.60 -20.33
C PHE C 90 26.50 6.77 -21.06
N VAL C 91 25.48 6.49 -21.88
CA VAL C 91 24.81 7.55 -22.61
C VAL C 91 23.91 8.38 -21.70
N TYR C 92 23.49 7.83 -20.56
CA TYR C 92 22.70 8.62 -19.63
C TYR C 92 23.52 9.76 -19.04
N PHE C 93 24.73 9.46 -18.59
CA PHE C 93 25.57 10.54 -18.05
C PHE C 93 26.17 11.39 -19.16
N SER C 94 26.60 10.77 -20.26
CA SER C 94 27.32 11.52 -21.29
C SER C 94 26.42 12.54 -21.97
N THR C 95 25.15 12.19 -22.18
CA THR C 95 24.20 13.09 -22.81
C THR C 95 23.33 13.84 -21.81
N GLY C 96 23.60 13.69 -20.50
CA GLY C 96 22.82 14.37 -19.49
C GLY C 96 23.67 15.05 -18.44
N THR C 97 24.83 15.58 -18.85
CA THR C 97 25.77 16.17 -17.91
C THR C 97 25.23 17.44 -17.26
N LYS C 98 24.25 18.11 -17.86
CA LYS C 98 23.80 19.39 -17.33
C LYS C 98 23.15 19.23 -15.96
N SER C 99 22.30 18.21 -15.79
CA SER C 99 21.65 17.99 -14.51
C SER C 99 22.67 17.63 -13.43
N PHE C 100 23.65 16.80 -13.77
CA PHE C 100 24.70 16.45 -12.80
C PHE C 100 25.50 17.69 -12.42
N TYR C 101 25.81 18.54 -13.40
CA TYR C 101 26.55 19.76 -13.11
C TYR C 101 25.74 20.68 -12.20
N ARG C 102 24.44 20.78 -12.43
CA ARG C 102 23.59 21.57 -11.54
C ARG C 102 23.61 21.00 -10.13
N THR C 103 23.54 19.67 -10.00
CA THR C 103 23.55 19.06 -8.67
C THR C 103 24.86 19.33 -7.95
N LEU C 104 25.99 19.23 -8.66
CA LEU C 104 27.27 19.56 -8.03
C LEU C 104 27.40 21.03 -7.71
N SER C 105 26.76 21.91 -8.49
CA SER C 105 26.84 23.34 -8.26
C SER C 105 25.80 23.84 -7.28
N CYS C 106 24.90 22.99 -6.79
CA CYS C 106 23.94 23.43 -5.80
C CYS C 106 24.62 23.91 -4.53
N TRP C 107 25.63 23.18 -4.07
CA TRP C 107 26.44 23.60 -2.92
C TRP C 107 27.72 24.23 -3.46
N ASN C 108 27.61 25.49 -3.86
CA ASN C 108 28.73 26.23 -4.43
C ASN C 108 29.21 27.37 -3.55
N ASN C 109 28.29 28.23 -3.09
CA ASN C 109 28.65 29.36 -2.24
C ASN C 109 27.93 29.34 -0.90
N THR C 110 27.53 28.16 -0.44
CA THR C 110 26.85 28.04 0.85
C THR C 110 27.88 28.12 1.97
N SER C 111 27.65 29.02 2.92
CA SER C 111 28.57 29.24 4.02
C SER C 111 27.85 29.03 5.35
N PRO C 112 28.45 28.30 6.30
CA PRO C 112 27.78 28.09 7.58
C PRO C 112 27.71 29.37 8.40
N HIS C 113 26.72 29.41 9.30
CA HIS C 113 26.57 30.53 10.21
C HIS C 113 27.77 30.60 11.14
N PRO C 114 28.23 31.81 11.51
CA PRO C 114 29.39 31.89 12.41
C PRO C 114 29.19 31.18 13.73
N LEU C 115 27.97 31.19 14.26
CA LEU C 115 27.70 30.52 15.53
C LEU C 115 27.49 29.02 15.36
N PHE C 116 27.15 28.56 14.16
CA PHE C 116 26.98 27.14 13.87
C PHE C 116 28.11 26.58 13.02
N ALA C 117 29.25 27.26 12.95
CA ALA C 117 30.32 26.82 12.07
C ALA C 117 30.90 25.48 12.51
N GLU C 118 31.27 25.38 13.79
CA GLU C 118 31.89 24.15 14.30
C GLU C 118 31.03 22.94 14.01
N SER C 119 29.75 23.02 14.37
CA SER C 119 28.81 21.94 14.10
C SER C 119 28.88 21.52 12.64
N HIS C 120 28.85 22.50 11.74
CA HIS C 120 28.92 22.21 10.31
C HIS C 120 30.14 21.35 10.00
N SER C 121 31.31 21.76 10.52
CA SER C 121 32.51 20.97 10.30
C SER C 121 32.34 19.56 10.82
N ARG C 122 31.77 19.41 12.02
CA ARG C 122 31.61 18.09 12.61
C ARG C 122 30.75 17.18 11.74
N PHE C 123 29.92 17.77 10.86
CA PHE C 123 29.13 16.96 9.94
C PHE C 123 29.64 17.04 8.51
N HIS C 124 30.52 17.99 8.21
CA HIS C 124 31.10 18.04 6.87
C HIS C 124 32.17 16.97 6.70
N ALA C 125 32.95 16.70 7.75
CA ALA C 125 33.99 15.69 7.67
C ALA C 125 33.40 14.29 7.65
N LYS C 126 32.42 14.01 8.52
CA LYS C 126 31.85 12.68 8.61
C LYS C 126 31.29 12.24 7.27
N SER C 127 30.55 13.13 6.60
CA SER C 127 30.06 12.84 5.25
C SER C 127 31.20 12.38 4.37
N LEU C 128 32.29 13.15 4.36
CA LEU C 128 33.46 12.80 3.56
C LEU C 128 33.89 11.36 3.84
N SER C 129 33.97 10.99 5.12
CA SER C 129 34.35 9.63 5.46
C SER C 129 33.43 8.63 4.78
N ARG C 130 32.11 8.79 4.95
CA ARG C 130 31.18 7.93 4.25
C ARG C 130 31.34 8.10 2.75
N MET C 131 31.48 9.34 2.28
CA MET C 131 31.64 9.58 0.86
C MET C 131 32.93 8.97 0.32
N ARG C 132 33.86 8.60 1.20
CA ARG C 132 35.00 7.81 0.79
C ARG C 132 34.88 6.35 1.20
N GLN C 133 34.15 6.06 2.28
CA GLN C 133 33.96 4.66 2.67
C GLN C 133 33.24 3.89 1.58
N LEU C 134 32.14 4.44 1.08
CA LEU C 134 31.50 3.87 -0.11
C LEU C 134 32.49 3.80 -1.26
N LEU C 135 33.29 4.85 -1.44
CA LEU C 135 34.31 4.83 -2.49
C LEU C 135 35.23 3.64 -2.35
N ILE C 136 35.51 3.22 -1.11
CA ILE C 136 36.32 2.02 -0.91
C ILE C 136 35.54 0.79 -1.35
N ILE C 137 34.29 0.67 -0.91
CA ILE C 137 33.55 -0.59 -1.07
C ILE C 137 33.40 -0.93 -2.54
N VAL C 138 32.91 0.02 -3.33
CA VAL C 138 32.80 -0.18 -4.77
C VAL C 138 34.18 -0.52 -5.34
N SER C 139 35.20 0.27 -4.96
CA SER C 139 36.54 0.05 -5.48
C SER C 139 37.03 -1.35 -5.19
N ILE C 140 36.51 -1.98 -4.14
CA ILE C 140 36.85 -3.37 -3.89
C ILE C 140 35.98 -4.27 -4.77
N VAL C 141 34.66 -4.14 -4.65
CA VAL C 141 33.76 -5.13 -5.25
C VAL C 141 33.96 -5.20 -6.75
N THR C 142 33.95 -4.03 -7.41
CA THR C 142 34.21 -3.99 -8.84
C THR C 142 35.50 -4.73 -9.18
N ILE C 143 36.58 -4.41 -8.47
CA ILE C 143 37.84 -5.09 -8.73
C ILE C 143 37.68 -6.59 -8.54
N PHE C 144 37.01 -6.99 -7.45
CA PHE C 144 36.77 -8.41 -7.23
C PHE C 144 35.95 -8.98 -8.38
N THR C 145 34.92 -8.24 -8.81
CA THR C 145 34.11 -8.71 -9.93
C THR C 145 34.95 -8.84 -11.20
N THR C 146 35.99 -8.03 -11.33
CA THR C 146 36.93 -8.20 -12.42
C THR C 146 37.82 -9.41 -12.23
N ILE C 147 38.28 -9.68 -11.00
CA ILE C 147 39.13 -10.84 -10.74
C ILE C 147 38.33 -12.12 -10.77
N SER C 148 37.15 -12.12 -10.14
CA SER C 148 36.31 -13.32 -10.12
C SER C 148 35.81 -13.70 -11.51
N TRP C 149 35.83 -12.77 -12.46
CA TRP C 149 35.47 -13.11 -13.83
C TRP C 149 36.60 -13.82 -14.58
N THR C 150 37.81 -13.81 -14.03
CA THR C 150 38.94 -14.49 -14.64
C THR C 150 39.29 -15.80 -13.94
N THR C 151 38.56 -16.17 -12.90
CA THR C 151 38.80 -17.41 -12.18
C THR C 151 37.67 -18.41 -12.30
N ILE C 152 36.54 -18.03 -12.88
CA ILE C 152 35.46 -18.98 -13.12
C ILE C 152 35.45 -19.48 -14.56
N THR C 153 36.10 -18.77 -15.48
CA THR C 153 36.14 -19.19 -16.87
C THR C 153 37.15 -20.29 -17.12
N PHE C 154 38.07 -20.54 -16.19
CA PHE C 154 39.06 -21.59 -16.31
C PHE C 154 38.67 -22.87 -15.58
N PHE C 155 37.48 -22.92 -14.97
CA PHE C 155 37.06 -24.06 -14.17
C PHE C 155 35.89 -24.80 -14.78
N GLY C 156 35.72 -24.71 -16.11
CA GLY C 156 34.64 -25.38 -16.78
C GLY C 156 35.06 -25.88 -18.14
N PRO C 175 34.01 -27.41 -29.74
CA PRO C 175 34.98 -26.62 -28.96
C PRO C 175 34.71 -25.13 -29.06
N VAL C 176 35.05 -24.43 -27.99
CA VAL C 176 34.81 -23.00 -27.83
C VAL C 176 36.09 -22.37 -27.32
N PRO C 177 36.57 -21.26 -27.90
CA PRO C 177 37.77 -20.63 -27.37
C PRO C 177 37.50 -19.94 -26.04
N ARG C 178 38.35 -20.21 -25.06
CA ARG C 178 38.06 -19.87 -23.67
C ARG C 178 38.19 -18.36 -23.43
N LEU C 179 37.07 -17.65 -23.59
CA LEU C 179 37.00 -16.23 -23.33
C LEU C 179 36.01 -15.98 -22.19
N MET C 180 36.18 -14.83 -21.53
CA MET C 180 35.27 -14.48 -20.45
C MET C 180 33.86 -14.22 -20.96
N LEU C 181 33.73 -13.71 -22.18
CA LEU C 181 32.44 -13.42 -22.78
C LEU C 181 32.31 -14.19 -24.09
N HIS C 182 31.15 -14.80 -24.30
CA HIS C 182 30.87 -15.45 -25.58
C HIS C 182 30.57 -14.37 -26.62
N SER C 183 31.60 -13.89 -27.30
CA SER C 183 31.49 -12.76 -28.19
C SER C 183 31.94 -13.15 -29.59
N TRP C 184 31.13 -12.80 -30.59
CA TRP C 184 31.55 -12.96 -31.98
C TRP C 184 32.58 -11.90 -32.34
N TYR C 185 33.51 -12.27 -33.21
CA TYR C 185 34.55 -11.35 -33.64
C TYR C 185 34.78 -11.50 -35.13
N PRO C 186 35.14 -10.41 -35.82
CA PRO C 186 35.47 -10.53 -37.25
C PRO C 186 36.64 -11.44 -37.53
N TRP C 187 37.62 -11.51 -36.63
CA TRP C 187 38.77 -12.38 -36.79
C TRP C 187 38.58 -13.67 -35.99
N ASP C 188 39.44 -14.65 -36.28
CA ASP C 188 39.39 -15.94 -35.60
C ASP C 188 40.07 -15.79 -34.24
N SER C 189 39.26 -15.84 -33.17
CA SER C 189 39.75 -15.69 -31.81
C SER C 189 40.04 -17.02 -31.14
N GLY C 190 40.40 -18.04 -31.91
CA GLY C 190 40.66 -19.35 -31.35
C GLY C 190 42.11 -19.58 -30.98
N HIS C 191 43.02 -19.28 -31.91
CA HIS C 191 44.44 -19.52 -31.71
C HIS C 191 45.24 -18.30 -32.15
N GLY C 192 46.44 -18.19 -31.59
CA GLY C 192 47.35 -17.14 -32.00
C GLY C 192 47.12 -15.82 -31.27
N LEU C 193 47.57 -14.75 -31.92
CA LEU C 193 47.44 -13.42 -31.33
C LEU C 193 45.98 -12.99 -31.22
N GLY C 194 45.11 -13.54 -32.06
CA GLY C 194 43.70 -13.18 -31.99
C GLY C 194 43.07 -13.53 -30.65
N TYR C 195 43.40 -14.71 -30.12
CA TYR C 195 42.87 -15.11 -28.83
C TYR C 195 43.32 -14.17 -27.71
N ILE C 196 44.61 -13.81 -27.70
CA ILE C 196 45.12 -12.91 -26.67
C ILE C 196 44.50 -11.54 -26.80
N VAL C 197 44.36 -11.04 -28.03
CA VAL C 197 43.76 -9.72 -28.24
C VAL C 197 42.31 -9.73 -27.77
N ALA C 198 41.56 -10.79 -28.10
CA ALA C 198 40.17 -10.88 -27.65
C ALA C 198 40.09 -10.95 -26.13
N PHE C 199 40.99 -11.70 -25.50
CA PHE C 199 40.98 -11.81 -24.05
C PHE C 199 41.26 -10.45 -23.39
N VAL C 200 42.26 -9.73 -23.91
CA VAL C 200 42.60 -8.42 -23.34
C VAL C 200 41.46 -7.44 -23.54
N LEU C 201 40.86 -7.45 -24.74
CA LEU C 201 39.74 -6.55 -25.00
C LEU C 201 38.55 -6.87 -24.11
N GLN C 202 38.26 -8.15 -23.90
CA GLN C 202 37.17 -8.51 -23.00
C GLN C 202 37.46 -8.08 -21.57
N PHE C 203 38.71 -8.24 -21.12
CA PHE C 203 39.09 -7.80 -19.79
C PHE C 203 38.87 -6.30 -19.63
N TYR C 204 39.38 -5.51 -20.57
CA TYR C 204 39.24 -4.06 -20.49
C TYR C 204 37.77 -3.65 -20.56
N TRP C 205 37.00 -4.30 -21.44
CA TRP C 205 35.58 -3.96 -21.58
C TRP C 205 34.82 -4.25 -20.30
N VAL C 206 35.06 -5.42 -19.71
CA VAL C 206 34.38 -5.76 -18.46
C VAL C 206 34.74 -4.77 -17.37
N PHE C 207 36.03 -4.46 -17.25
CA PHE C 207 36.45 -3.52 -16.20
C PHE C 207 35.82 -2.15 -16.40
N ILE C 208 35.81 -1.65 -17.65
CA ILE C 208 35.28 -0.32 -17.91
C ILE C 208 33.78 -0.26 -17.67
N THR C 209 33.04 -1.28 -18.14
CA THR C 209 31.60 -1.28 -17.95
C THR C 209 31.23 -1.38 -16.48
N LEU C 210 31.91 -2.25 -15.73
CA LEU C 210 31.64 -2.35 -14.30
C LEU C 210 32.00 -1.05 -13.59
N SER C 211 33.11 -0.43 -13.98
CA SER C 211 33.51 0.84 -13.38
C SER C 211 32.46 1.91 -13.60
N HIS C 212 31.91 2.00 -14.83
CA HIS C 212 30.85 2.97 -15.08
C HIS C 212 29.62 2.69 -14.22
N SER C 213 29.13 1.45 -14.29
CA SER C 213 27.88 1.11 -13.60
C SER C 213 28.01 1.20 -12.09
N ASN C 214 29.23 1.12 -11.56
CA ASN C 214 29.42 1.29 -10.13
C ASN C 214 29.72 2.73 -9.72
N LEU C 215 30.47 3.47 -10.54
CA LEU C 215 30.73 4.88 -10.25
C LEU C 215 29.44 5.67 -10.25
N MET C 216 28.49 5.30 -11.11
CA MET C 216 27.27 6.10 -11.19
C MET C 216 26.43 5.95 -9.93
N GLU C 217 26.23 4.72 -9.48
CA GLU C 217 25.53 4.49 -8.22
C GLU C 217 26.31 5.05 -7.05
N LEU C 218 27.64 5.05 -7.14
CA LEU C 218 28.45 5.67 -6.10
C LEU C 218 28.19 7.17 -6.01
N LEU C 219 28.08 7.84 -7.16
CA LEU C 219 27.78 9.27 -7.17
C LEU C 219 26.40 9.54 -6.56
N PHE C 220 25.41 8.73 -6.95
CA PHE C 220 24.06 8.90 -6.41
C PHE C 220 24.05 8.72 -4.89
N SER C 221 24.71 7.66 -4.42
CA SER C 221 24.77 7.42 -2.98
C SER C 221 25.56 8.50 -2.24
N SER C 222 26.60 9.05 -2.86
CA SER C 222 27.33 10.14 -2.24
C SER C 222 26.45 11.37 -2.08
N PHE C 223 25.65 11.69 -3.10
CA PHE C 223 24.64 12.73 -2.97
C PHE C 223 23.74 12.46 -1.76
N LEU C 224 23.26 11.22 -1.67
CA LEU C 224 22.32 10.87 -0.61
C LEU C 224 22.93 10.89 0.78
N VAL C 225 24.24 10.67 0.91
CA VAL C 225 24.86 10.78 2.24
C VAL C 225 25.13 12.25 2.56
N HIS C 226 25.44 13.06 1.54
CA HIS C 226 25.64 14.48 1.79
C HIS C 226 24.37 15.14 2.30
N ALA C 227 23.23 14.82 1.69
CA ALA C 227 21.96 15.36 2.15
C ALA C 227 21.66 14.91 3.58
N CYS C 228 21.94 13.64 3.89
CA CYS C 228 21.66 13.12 5.23
C CYS C 228 22.48 13.83 6.28
N GLU C 229 23.78 14.04 6.02
CA GLU C 229 24.58 14.74 7.01
C GLU C 229 24.22 16.22 7.14
N GLN C 230 23.81 16.88 6.06
CA GLN C 230 23.30 18.23 6.21
C GLN C 230 22.05 18.27 7.06
N LEU C 231 21.15 17.30 6.87
CA LEU C 231 19.93 17.23 7.69
C LEU C 231 20.28 16.98 9.16
N GLN C 232 21.27 16.13 9.42
CA GLN C 232 21.68 15.89 10.80
C GLN C 232 22.25 17.14 11.43
N HIS C 233 23.04 17.90 10.68
CA HIS C 233 23.55 19.17 11.17
C HIS C 233 22.42 20.13 11.51
N LEU C 234 21.42 20.23 10.62
CA LEU C 234 20.28 21.08 10.89
C LEU C 234 19.53 20.65 12.14
N LYS C 235 19.30 19.35 12.30
CA LYS C 235 18.60 18.86 13.47
C LYS C 235 19.38 19.16 14.74
N GLU C 236 20.70 19.03 14.69
CA GLU C 236 21.49 19.23 15.91
C GLU C 236 21.54 20.69 16.31
N ILE C 237 21.64 21.61 15.34
CA ILE C 237 21.78 23.02 15.69
C ILE C 237 20.48 23.70 16.09
N LEU C 238 19.37 22.97 16.18
CA LEU C 238 18.12 23.59 16.61
C LEU C 238 18.17 23.95 18.09
N ASN C 239 18.77 23.10 18.92
CA ASN C 239 18.82 23.39 20.36
C ASN C 239 19.60 24.66 20.68
N PRO C 240 20.81 24.88 20.17
CA PRO C 240 21.48 26.16 20.45
C PRO C 240 20.68 27.36 20.00
N LEU C 241 19.98 27.25 18.87
CA LEU C 241 19.12 28.32 18.41
C LEU C 241 18.09 28.68 19.47
N ILE C 242 17.42 27.66 20.03
CA ILE C 242 16.34 27.92 20.97
C ILE C 242 16.88 28.47 22.29
N GLU C 243 18.01 27.94 22.77
CA GLU C 243 18.55 28.50 24.01
C GLU C 243 19.04 29.93 23.78
N LEU C 244 19.40 30.28 22.55
CA LEU C 244 19.62 31.69 22.23
C LEU C 244 18.31 32.48 22.31
N SER C 245 17.25 31.93 21.75
CA SER C 245 15.96 32.64 21.70
C SER C 245 15.22 32.61 23.03
N ALA C 246 15.68 31.83 24.00
CA ALA C 246 14.96 31.69 25.26
C ALA C 246 14.91 33.01 26.01
N THR C 247 13.82 33.22 26.75
CA THR C 247 13.63 34.42 27.56
C THR C 247 14.16 34.25 28.97
N LEU C 248 15.17 33.40 29.16
CA LEU C 248 15.71 33.14 30.48
C LEU C 248 16.33 34.40 31.08
N ASP C 249 16.19 34.55 32.39
CA ASP C 249 16.71 35.71 33.10
C ASP C 249 18.18 35.52 33.44
N LEU C 303 12.87 40.13 24.76
CA LEU C 303 14.30 40.12 24.50
C LEU C 303 14.78 41.49 24.01
N THR C 304 16.08 41.71 24.07
CA THR C 304 16.66 42.96 23.60
C THR C 304 16.74 42.97 22.08
N SER C 305 17.12 44.13 21.53
CA SER C 305 17.26 44.26 20.09
C SER C 305 18.36 43.34 19.57
N ASN C 306 19.48 43.26 20.28
CA ASN C 306 20.56 42.37 19.86
C ASN C 306 20.12 40.91 19.87
N GLN C 307 19.38 40.51 20.90
CA GLN C 307 18.86 39.14 20.96
C GLN C 307 17.90 38.87 19.82
N GLU C 308 17.03 39.83 19.51
CA GLU C 308 16.12 39.65 18.38
C GLU C 308 16.87 39.52 17.07
N VAL C 309 17.90 40.34 16.88
CA VAL C 309 18.71 40.26 15.65
C VAL C 309 19.39 38.90 15.55
N LEU C 310 19.97 38.42 16.65
CA LEU C 310 20.65 37.13 16.63
C LEU C 310 19.67 36.00 16.34
N VAL C 311 18.49 36.04 16.96
CA VAL C 311 17.49 34.99 16.73
C VAL C 311 17.01 35.03 15.29
N ARG C 312 16.80 36.23 14.73
CA ARG C 312 16.37 36.34 13.34
C ARG C 312 17.43 35.81 12.40
N SER C 313 18.71 36.10 12.67
CA SER C 313 19.78 35.57 11.84
C SER C 313 19.84 34.05 11.94
N ALA C 314 19.62 33.51 13.14
CA ALA C 314 19.64 32.06 13.30
C ALA C 314 18.48 31.39 12.56
N ILE C 315 17.28 31.97 12.65
CA ILE C 315 16.15 31.50 11.85
C ILE C 315 16.49 31.56 10.37
N LYS C 316 17.05 32.68 9.93
CA LYS C 316 17.41 32.83 8.53
C LYS C 316 18.36 31.72 8.09
N TYR C 317 19.42 31.49 8.87
CA TYR C 317 20.40 30.48 8.48
C TYR C 317 19.78 29.09 8.45
N TRP C 318 19.00 28.75 9.48
CA TRP C 318 18.40 27.42 9.53
C TRP C 318 17.45 27.20 8.35
N VAL C 319 16.62 28.20 8.04
CA VAL C 319 15.67 28.02 6.95
C VAL C 319 16.38 28.01 5.60
N GLU C 320 17.40 28.86 5.40
CA GLU C 320 18.17 28.77 4.16
C GLU C 320 18.79 27.39 3.99
N ARG C 321 19.37 26.83 5.06
CA ARG C 321 20.01 25.53 4.92
C ARG C 321 18.98 24.44 4.67
N HIS C 322 17.81 24.53 5.31
CA HIS C 322 16.77 23.54 5.06
C HIS C 322 16.25 23.61 3.63
N LYS C 323 16.02 24.82 3.12
CA LYS C 323 15.57 24.96 1.74
C LYS C 323 16.65 24.53 0.75
N HIS C 324 17.91 24.76 1.09
CA HIS C 324 19.00 24.25 0.26
C HIS C 324 18.98 22.73 0.23
N VAL C 325 18.76 22.09 1.37
CA VAL C 325 18.69 20.62 1.40
C VAL C 325 17.51 20.14 0.56
N VAL C 326 16.36 20.80 0.67
CA VAL C 326 15.18 20.37 -0.07
C VAL C 326 15.42 20.52 -1.58
N LYS C 327 15.97 21.66 -1.99
CA LYS C 327 16.26 21.87 -3.40
C LYS C 327 17.32 20.91 -3.91
N TYR C 328 18.31 20.60 -3.07
CA TYR C 328 19.34 19.63 -3.43
C TYR C 328 18.76 18.25 -3.63
N VAL C 329 17.82 17.84 -2.77
CA VAL C 329 17.18 16.54 -2.93
C VAL C 329 16.32 16.52 -4.18
N SER C 330 15.65 17.63 -4.49
CA SER C 330 14.89 17.70 -5.73
C SER C 330 15.81 17.57 -6.94
N LEU C 331 16.97 18.23 -6.90
CA LEU C 331 17.95 18.10 -7.98
C LEU C 331 18.45 16.68 -8.11
N ILE C 332 18.67 15.99 -6.98
CA ILE C 332 19.08 14.60 -7.02
C ILE C 332 18.00 13.75 -7.69
N THR C 333 16.74 13.97 -7.29
CA THR C 333 15.65 13.18 -7.85
C THR C 333 15.52 13.39 -9.34
N GLU C 334 15.68 14.63 -9.81
CA GLU C 334 15.57 14.88 -11.25
C GLU C 334 16.82 14.41 -11.99
N CYS C 335 17.98 14.41 -11.33
CA CYS C 335 19.22 14.03 -11.99
C CYS C 335 19.26 12.53 -12.28
N TYR C 336 18.95 11.71 -11.28
CA TYR C 336 19.05 10.26 -11.39
C TYR C 336 17.70 9.62 -11.14
N GLY C 337 16.64 10.18 -11.73
CA GLY C 337 15.32 9.64 -11.55
C GLY C 337 14.95 8.62 -12.62
N SER C 338 15.07 9.02 -13.88
CA SER C 338 14.80 8.08 -14.98
C SER C 338 15.89 7.05 -15.12
N ALA C 339 17.11 7.34 -14.66
CA ALA C 339 18.16 6.34 -14.64
C ALA C 339 17.77 5.17 -13.76
N LEU C 340 17.21 5.45 -12.57
CA LEU C 340 16.75 4.38 -11.71
C LEU C 340 15.56 3.64 -12.32
N LEU C 341 14.70 4.35 -13.06
CA LEU C 341 13.59 3.67 -13.73
C LEU C 341 14.10 2.67 -14.76
N PHE C 342 15.07 3.09 -15.57
CA PHE C 342 15.66 2.17 -16.55
C PHE C 342 16.37 1.01 -15.86
N HIS C 343 17.10 1.31 -14.78
CA HIS C 343 17.79 0.26 -14.04
C HIS C 343 16.81 -0.77 -13.49
N MET C 344 15.68 -0.30 -12.93
CA MET C 344 14.68 -1.22 -12.41
C MET C 344 14.03 -2.02 -13.53
N LEU C 345 13.76 -1.38 -14.67
CA LEU C 345 13.16 -2.10 -15.79
C LEU C 345 14.07 -3.23 -16.27
N VAL C 346 15.37 -2.96 -16.38
CA VAL C 346 16.30 -4.01 -16.80
C VAL C 346 16.47 -5.06 -15.72
N SER C 347 16.55 -4.64 -14.45
CA SER C 347 16.82 -5.57 -13.38
C SER C 347 15.63 -6.49 -13.09
N THR C 348 14.41 -6.03 -13.36
CA THR C 348 13.26 -6.92 -13.21
C THR C 348 13.37 -8.11 -14.15
N VAL C 349 13.69 -7.85 -15.42
CA VAL C 349 13.84 -8.94 -16.39
C VAL C 349 15.02 -9.82 -16.02
N ILE C 350 16.16 -9.22 -15.66
CA ILE C 350 17.33 -10.04 -15.36
C ILE C 350 17.07 -10.89 -14.12
N LEU C 351 16.32 -10.37 -13.15
CA LEU C 351 16.03 -11.16 -11.96
C LEU C 351 15.01 -12.24 -12.25
N THR C 352 14.09 -12.00 -13.19
CA THR C 352 13.20 -13.07 -13.62
C THR C 352 13.99 -14.22 -14.26
N ILE C 353 14.94 -13.88 -15.12
CA ILE C 353 15.70 -14.93 -15.80
C ILE C 353 16.61 -15.65 -14.81
N LEU C 354 17.23 -14.93 -13.87
CA LEU C 354 18.02 -15.60 -12.84
C LEU C 354 17.16 -16.43 -11.90
N ALA C 355 15.93 -16.00 -11.64
CA ALA C 355 15.02 -16.83 -10.85
C ALA C 355 14.67 -18.12 -11.59
N TYR C 356 14.52 -18.04 -12.91
CA TYR C 356 14.33 -19.26 -13.69
C TYR C 356 15.56 -20.16 -13.62
N GLN C 357 16.74 -19.57 -13.79
CA GLN C 357 17.95 -20.39 -13.86
C GLN C 357 18.37 -20.94 -12.50
N ALA C 358 17.96 -20.31 -11.40
CA ALA C 358 18.28 -20.83 -10.08
C ALA C 358 17.63 -22.18 -9.81
N THR C 359 16.57 -22.51 -10.55
CA THR C 359 15.98 -23.84 -10.43
C THR C 359 16.87 -24.91 -11.06
N LYS C 360 17.80 -24.52 -11.92
CA LYS C 360 18.73 -25.46 -12.55
C LYS C 360 20.06 -25.45 -11.81
N ILE C 361 20.03 -25.98 -10.60
CA ILE C 361 21.22 -26.13 -9.76
C ILE C 361 21.51 -27.60 -9.58
N ASN C 362 22.72 -28.03 -9.93
CA ASN C 362 23.13 -29.42 -9.86
C ASN C 362 24.41 -29.55 -9.03
N GLY C 363 24.41 -28.92 -7.86
CA GLY C 363 25.57 -28.96 -6.98
C GLY C 363 26.59 -27.89 -7.32
N VAL C 364 27.72 -27.97 -6.62
CA VAL C 364 28.81 -27.02 -6.83
C VAL C 364 29.38 -27.23 -8.23
N ASN C 365 29.34 -26.20 -9.04
CA ASN C 365 29.81 -26.24 -10.42
C ASN C 365 29.88 -24.81 -10.94
N VAL C 366 30.16 -24.65 -12.23
CA VAL C 366 30.29 -23.31 -12.80
C VAL C 366 28.92 -22.63 -12.86
N PHE C 367 27.87 -23.38 -13.19
CA PHE C 367 26.55 -22.76 -13.33
C PHE C 367 26.04 -22.21 -12.00
N ALA C 368 26.21 -22.97 -10.91
CA ALA C 368 25.75 -22.50 -9.62
C ALA C 368 26.49 -21.24 -9.19
N PHE C 369 27.80 -21.21 -9.38
CA PHE C 369 28.57 -20.02 -9.02
C PHE C 369 28.18 -18.83 -9.89
N SER C 370 27.96 -19.07 -11.19
CA SER C 370 27.55 -17.99 -12.08
C SER C 370 26.21 -17.40 -11.66
N THR C 371 25.23 -18.27 -11.35
CA THR C 371 23.92 -17.79 -10.92
C THR C 371 24.02 -17.03 -9.61
N ILE C 372 24.79 -17.56 -8.66
CA ILE C 372 24.95 -16.90 -7.37
C ILE C 372 25.61 -15.52 -7.54
N GLY C 373 26.64 -15.45 -8.38
CA GLY C 373 27.30 -14.18 -8.61
C GLY C 373 26.40 -13.16 -9.28
N TYR C 374 25.64 -13.59 -10.28
CA TYR C 374 24.71 -12.67 -10.94
C TYR C 374 23.67 -12.15 -9.97
N LEU C 375 23.10 -13.05 -9.15
CA LEU C 375 22.10 -12.61 -8.18
C LEU C 375 22.71 -11.67 -7.16
N MET C 376 23.92 -11.99 -6.67
CA MET C 376 24.58 -11.14 -5.69
C MET C 376 24.83 -9.75 -6.23
N TYR C 377 25.35 -9.65 -7.46
CA TYR C 377 25.62 -8.33 -8.04
C TYR C 377 24.35 -7.56 -8.30
N SER C 378 23.34 -8.22 -8.91
CA SER C 378 22.10 -7.53 -9.23
C SER C 378 21.30 -7.16 -8.00
N PHE C 379 21.57 -7.78 -6.85
CA PHE C 379 20.92 -7.36 -5.63
C PHE C 379 21.74 -6.31 -4.88
N ALA C 380 23.06 -6.38 -4.94
CA ALA C 380 23.88 -5.34 -4.33
C ALA C 380 23.66 -4.00 -5.02
N GLN C 381 23.51 -4.01 -6.35
CA GLN C 381 23.31 -2.76 -7.07
C GLN C 381 22.05 -2.05 -6.61
N ILE C 382 20.95 -2.79 -6.47
CA ILE C 382 19.70 -2.17 -6.03
C ILE C 382 19.76 -1.80 -4.55
N PHE C 383 20.33 -2.68 -3.72
CA PHE C 383 20.37 -2.43 -2.28
C PHE C 383 21.20 -1.20 -1.95
N MET C 384 22.28 -0.96 -2.69
CA MET C 384 23.16 0.15 -2.39
C MET C 384 22.41 1.48 -2.37
N PHE C 385 21.49 1.68 -3.31
CA PHE C 385 20.72 2.91 -3.30
C PHE C 385 19.39 2.78 -2.55
N CYS C 386 18.85 1.57 -2.40
CA CYS C 386 17.63 1.43 -1.61
C CYS C 386 17.87 1.79 -0.15
N ILE C 387 18.99 1.33 0.43
CA ILE C 387 19.24 1.63 1.83
C ILE C 387 19.49 3.12 2.04
N HIS C 388 20.16 3.77 1.08
CA HIS C 388 20.41 5.20 1.21
C HIS C 388 19.13 6.01 1.03
N GLY C 389 18.24 5.56 0.13
CA GLY C 389 16.94 6.21 0.03
C GLY C 389 16.13 6.08 1.30
N ASN C 390 16.15 4.90 1.91
CA ASN C 390 15.44 4.71 3.18
C ASN C 390 16.03 5.59 4.27
N GLU C 391 17.35 5.69 4.32
CA GLU C 391 18.00 6.55 5.31
C GLU C 391 17.61 8.00 5.09
N LEU C 392 17.56 8.44 3.83
CA LEU C 392 17.15 9.82 3.55
C LEU C 392 15.72 10.07 4.00
N ILE C 393 14.82 9.12 3.73
CA ILE C 393 13.42 9.29 4.12
C ILE C 393 13.31 9.42 5.65
N GLU C 394 13.92 8.50 6.38
CA GLU C 394 13.79 8.52 7.83
C GLU C 394 14.65 9.58 8.50
N GLU C 395 15.58 10.20 7.77
CA GLU C 395 16.31 11.35 8.29
C GLU C 395 15.53 12.64 8.09
N SER C 396 14.84 12.76 6.94
CA SER C 396 14.00 13.92 6.72
C SER C 396 12.77 13.90 7.62
N SER C 397 12.29 12.70 7.98
CA SER C 397 11.11 12.62 8.84
C SER C 397 11.38 12.97 10.30
N SER C 398 12.64 12.97 10.73
CA SER C 398 12.98 13.17 12.13
C SER C 398 13.29 14.60 12.51
N VAL C 399 13.27 15.53 11.54
CA VAL C 399 13.51 16.93 11.89
C VAL C 399 12.36 17.45 12.75
N MET C 400 11.18 16.83 12.66
CA MET C 400 10.08 17.21 13.52
C MET C 400 10.35 16.85 14.97
N GLU C 401 10.86 15.64 15.22
CA GLU C 401 11.25 15.29 16.58
C GLU C 401 12.41 16.17 17.05
N ALA C 402 13.29 16.57 16.13
CA ALA C 402 14.35 17.50 16.48
C ALA C 402 13.78 18.85 16.93
N ALA C 403 12.79 19.36 16.20
CA ALA C 403 12.17 20.64 16.53
C ALA C 403 11.31 20.56 17.79
N TYR C 404 10.80 19.38 18.12
CA TYR C 404 10.15 19.19 19.42
C TYR C 404 11.18 19.06 20.54
N GLY C 405 12.37 18.54 20.22
CA GLY C 405 13.38 18.33 21.25
C GLY C 405 13.82 19.63 21.91
N CYS C 406 13.90 20.70 21.13
CA CYS C 406 14.27 21.99 21.69
C CYS C 406 13.16 22.53 22.57
N HIS C 407 13.53 23.42 23.48
CA HIS C 407 12.61 23.93 24.49
C HIS C 407 11.86 25.15 23.95
N TRP C 408 11.00 24.87 22.96
CA TRP C 408 10.27 25.93 22.28
C TRP C 408 9.30 26.65 23.19
N TYR C 409 8.95 26.07 24.34
CA TYR C 409 8.04 26.73 25.26
C TYR C 409 8.70 27.95 25.91
N ASP C 410 10.03 27.94 26.03
CA ASP C 410 10.77 29.05 26.62
C ASP C 410 11.13 30.13 25.60
N GLY C 411 10.92 29.89 24.32
CA GLY C 411 11.32 30.83 23.29
C GLY C 411 10.39 32.01 23.15
N SER C 412 10.78 32.92 22.28
CA SER C 412 9.96 34.09 21.98
C SER C 412 8.88 33.72 20.98
N GLU C 413 7.96 34.65 20.73
CA GLU C 413 6.81 34.37 19.87
C GLU C 413 7.25 34.02 18.45
N GLU C 414 8.22 34.74 17.91
CA GLU C 414 8.69 34.45 16.56
C GLU C 414 9.32 33.07 16.49
N ALA C 415 10.00 32.65 17.56
CA ALA C 415 10.51 31.28 17.61
C ALA C 415 9.36 30.29 17.60
N LYS C 416 8.25 30.61 18.28
CA LYS C 416 7.08 29.73 18.25
C LYS C 416 6.54 29.59 16.83
N THR C 417 6.41 30.71 16.11
CA THR C 417 5.92 30.66 14.74
C THR C 417 6.88 29.90 13.83
N PHE C 418 8.18 30.10 13.97
CA PHE C 418 9.16 29.36 13.20
C PHE C 418 9.07 27.86 13.47
N VAL C 419 8.94 27.47 14.74
CA VAL C 419 8.82 26.06 15.07
C VAL C 419 7.54 25.48 14.48
N GLN C 420 6.44 26.23 14.54
CA GLN C 420 5.19 25.73 13.98
C GLN C 420 5.29 25.53 12.47
N ILE C 421 5.89 26.50 11.76
CA ILE C 421 6.00 26.36 10.31
C ILE C 421 6.94 25.22 9.94
N VAL C 422 8.02 25.03 10.71
CA VAL C 422 8.93 23.92 10.44
C VAL C 422 8.24 22.59 10.71
N CYS C 423 7.41 22.53 11.76
CA CYS C 423 6.64 21.32 12.04
C CYS C 423 5.66 21.02 10.91
N GLN C 424 5.03 22.05 10.36
CA GLN C 424 4.18 21.87 9.19
C GLN C 424 4.98 21.31 8.01
N GLN C 425 6.16 21.88 7.77
CA GLN C 425 6.97 21.48 6.62
C GLN C 425 7.48 20.06 6.76
N CYS C 426 7.83 19.63 7.97
CA CYS C 426 8.42 18.33 8.19
C CYS C 426 7.40 17.19 8.19
N GLN C 427 6.12 17.48 7.94
CA GLN C 427 5.15 16.42 7.72
C GLN C 427 5.16 15.97 6.27
N LYS C 428 6.34 15.74 5.74
CA LYS C 428 6.54 15.30 4.36
C LYS C 428 7.95 14.75 4.23
N PRO C 429 8.17 13.47 4.49
CA PRO C 429 9.52 12.91 4.35
C PRO C 429 10.04 13.10 2.94
N LEU C 430 11.32 13.43 2.83
CA LEU C 430 11.95 13.60 1.53
C LEU C 430 12.18 12.22 0.92
N ILE C 431 11.61 11.99 -0.25
CA ILE C 431 11.66 10.70 -0.93
C ILE C 431 12.26 10.90 -2.31
N VAL C 432 13.20 10.05 -2.68
CA VAL C 432 13.69 9.98 -4.04
C VAL C 432 12.76 9.06 -4.82
N SER C 433 12.19 9.57 -5.90
CA SER C 433 11.20 8.84 -6.68
C SER C 433 11.76 8.52 -8.06
N GLY C 434 11.52 7.29 -8.51
CA GLY C 434 11.95 6.87 -9.83
C GLY C 434 10.99 7.29 -10.92
N ALA C 435 11.00 8.58 -11.26
CA ALA C 435 10.13 9.14 -12.29
C ALA C 435 8.65 8.89 -11.95
N LYS C 436 8.27 9.26 -10.73
CA LYS C 436 6.89 9.26 -10.26
C LYS C 436 6.29 7.86 -10.21
N PHE C 437 7.05 6.84 -10.58
CA PHE C 437 6.51 5.48 -10.61
C PHE C 437 6.64 4.78 -9.27
N PHE C 438 7.79 4.90 -8.61
CA PHE C 438 8.04 4.18 -7.38
C PHE C 438 8.97 5.00 -6.50
N ASN C 439 8.96 4.66 -5.21
CA ASN C 439 9.76 5.36 -4.21
C ASN C 439 10.95 4.50 -3.82
N VAL C 440 12.14 5.08 -3.87
CA VAL C 440 13.38 4.35 -3.59
C VAL C 440 13.54 4.25 -2.08
N SER C 441 13.35 3.06 -1.54
CA SER C 441 13.49 2.81 -0.11
C SER C 441 13.69 1.31 0.09
N LEU C 442 13.91 0.92 1.35
CA LEU C 442 14.09 -0.50 1.65
C LEU C 442 12.83 -1.31 1.38
N ASP C 443 11.67 -0.66 1.34
CA ASP C 443 10.45 -1.37 0.98
C ASP C 443 10.45 -1.77 -0.49
N LEU C 444 11.02 -0.94 -1.35
CA LEU C 444 11.17 -1.32 -2.76
C LEU C 444 12.07 -2.53 -2.91
N PHE C 445 13.20 -2.54 -2.20
CA PHE C 445 14.10 -3.68 -2.24
C PHE C 445 13.43 -4.93 -1.68
N ALA C 446 12.67 -4.77 -0.60
CA ALA C 446 11.94 -5.90 -0.03
C ALA C 446 10.92 -6.45 -1.02
N SER C 447 10.20 -5.55 -1.72
CA SER C 447 9.22 -6.00 -2.70
C SER C 447 9.89 -6.73 -3.86
N VAL C 448 11.03 -6.21 -4.34
CA VAL C 448 11.73 -6.87 -5.44
C VAL C 448 12.22 -8.25 -4.99
N LEU C 449 12.82 -8.33 -3.81
CA LEU C 449 13.32 -9.61 -3.31
C LEU C 449 12.19 -10.59 -3.09
N GLY C 450 11.07 -10.13 -2.53
CA GLY C 450 9.93 -11.01 -2.31
C GLY C 450 9.31 -11.50 -3.60
N ALA C 451 9.23 -10.62 -4.60
CA ALA C 451 8.74 -11.06 -5.91
C ALA C 451 9.65 -12.10 -6.53
N VAL C 452 10.97 -11.90 -6.41
CA VAL C 452 11.91 -12.89 -6.94
C VAL C 452 11.76 -14.23 -6.23
N VAL C 453 11.65 -14.20 -4.90
CA VAL C 453 11.54 -15.43 -4.13
C VAL C 453 10.22 -16.13 -4.43
N THR C 454 9.12 -15.37 -4.54
CA THR C 454 7.83 -15.96 -4.87
C THR C 454 7.85 -16.58 -6.27
N TYR C 455 8.47 -15.90 -7.23
CA TYR C 455 8.60 -16.46 -8.57
C TYR C 455 9.41 -17.74 -8.55
N PHE C 456 10.49 -17.76 -7.77
CA PHE C 456 11.29 -18.98 -7.65
C PHE C 456 10.48 -20.12 -7.05
N MET C 457 9.69 -19.83 -6.01
CA MET C 457 8.86 -20.86 -5.40
C MET C 457 7.82 -21.38 -6.37
N VAL C 458 7.19 -20.48 -7.14
CA VAL C 458 6.18 -20.90 -8.12
C VAL C 458 6.83 -21.78 -9.19
N LEU C 459 8.01 -21.39 -9.66
CA LEU C 459 8.71 -22.20 -10.66
C LEU C 459 9.06 -23.58 -10.10
N VAL C 460 9.53 -23.62 -8.85
CA VAL C 460 9.89 -24.90 -8.24
C VAL C 460 8.67 -25.80 -8.09
N GLN C 461 7.55 -25.23 -7.63
CA GLN C 461 6.34 -26.04 -7.46
C GLN C 461 5.79 -26.52 -8.79
N LEU C 462 5.79 -25.66 -9.81
CA LEU C 462 5.28 -26.06 -11.12
C LEU C 462 6.11 -27.17 -11.73
N LYS C 463 7.44 -27.08 -11.64
CA LYS C 463 8.32 -28.06 -12.23
C LYS C 463 8.46 -29.29 -11.34
N ILE D 4 -37.00 6.06 8.97
CA ILE D 4 -37.54 5.96 10.33
C ILE D 4 -38.52 4.80 10.43
N ASP D 5 -38.95 4.27 9.28
CA ASP D 5 -39.84 3.12 9.28
C ASP D 5 -39.17 1.92 9.92
N THR D 6 -37.95 1.60 9.48
CA THR D 6 -37.22 0.45 10.01
C THR D 6 -36.30 0.83 11.16
N ILE D 7 -35.87 2.09 11.23
CA ILE D 7 -34.99 2.49 12.32
C ILE D 7 -35.73 2.42 13.65
N ASN D 8 -37.00 2.85 13.68
CA ASN D 8 -37.78 2.76 14.90
C ASN D 8 -37.96 1.32 15.34
N MET D 9 -38.23 0.43 14.38
CA MET D 9 -38.35 -1.00 14.71
C MET D 9 -37.04 -1.54 15.25
N PHE D 10 -35.92 -1.13 14.66
CA PHE D 10 -34.61 -1.55 15.14
C PHE D 10 -34.39 -1.10 16.58
N LEU D 11 -34.73 0.16 16.87
CA LEU D 11 -34.55 0.69 18.21
C LEU D 11 -35.43 -0.03 19.22
N GLN D 12 -36.69 -0.31 18.85
CA GLN D 12 -37.58 -1.00 19.77
C GLN D 12 -37.12 -2.43 20.03
N MET D 13 -36.85 -3.19 18.98
CA MET D 13 -36.43 -4.58 19.18
C MET D 13 -35.01 -4.71 19.69
N THR D 14 -34.24 -3.64 19.71
CA THR D 14 -32.93 -3.68 20.36
C THR D 14 -33.03 -3.43 21.85
N GLY D 15 -34.17 -2.92 22.33
CA GLY D 15 -34.34 -2.60 23.73
C GLY D 15 -33.98 -1.18 24.11
N CYS D 16 -33.64 -0.33 23.14
CA CYS D 16 -33.27 1.04 23.45
C CYS D 16 -34.46 1.83 23.98
N THR D 17 -35.64 1.63 23.41
CA THR D 17 -36.83 2.34 23.84
C THR D 17 -37.38 1.75 25.12
N ASP D 18 -38.42 2.39 25.65
CA ASP D 18 -39.03 1.94 26.90
C ASP D 18 -39.84 0.67 26.70
N SER D 19 -40.48 0.52 25.55
CA SER D 19 -41.34 -0.65 25.30
C SER D 19 -40.50 -1.92 25.28
N LYS D 20 -40.83 -2.85 26.17
CA LYS D 20 -40.09 -4.10 26.28
C LYS D 20 -40.64 -5.22 25.41
N ALA D 21 -41.83 -5.05 24.82
CA ALA D 21 -42.44 -6.13 24.05
C ALA D 21 -41.58 -6.51 22.85
N MET D 22 -41.04 -5.52 22.14
CA MET D 22 -40.18 -5.82 21.00
C MET D 22 -38.89 -6.48 21.44
N LEU D 23 -38.43 -6.21 22.67
CA LEU D 23 -37.29 -6.96 23.20
C LEU D 23 -37.62 -8.42 23.37
N TYR D 24 -38.84 -8.73 23.83
CA TYR D 24 -39.25 -10.12 23.91
C TYR D 24 -39.37 -10.75 22.53
N LEU D 25 -39.82 -9.97 21.54
CA LEU D 25 -39.84 -10.47 20.17
C LEU D 25 -38.43 -10.79 19.68
N THR D 26 -37.46 -9.94 20.01
CA THR D 26 -36.07 -10.22 19.67
C THR D 26 -35.58 -11.49 20.36
N TYR D 27 -35.94 -11.67 21.62
CA TYR D 27 -35.56 -12.90 22.32
C TYR D 27 -36.15 -14.13 21.66
N PHE D 28 -37.42 -14.05 21.24
CA PHE D 28 -38.06 -15.16 20.55
C PHE D 28 -37.36 -15.46 19.23
N GLU D 29 -37.00 -14.42 18.47
CA GLU D 29 -36.29 -14.62 17.23
C GLU D 29 -34.92 -15.27 17.47
N PHE D 30 -34.23 -14.85 18.53
CA PHE D 30 -32.96 -15.47 18.88
C PHE D 30 -33.14 -16.94 19.22
N LEU D 31 -34.19 -17.28 19.98
CA LEU D 31 -34.44 -18.67 20.32
C LEU D 31 -34.73 -19.51 19.09
N ILE D 32 -35.55 -18.96 18.17
CA ILE D 32 -35.88 -19.70 16.95
C ILE D 32 -34.63 -19.91 16.11
N THR D 33 -33.79 -18.88 15.98
CA THR D 33 -32.56 -19.02 15.22
C THR D 33 -31.62 -20.05 15.85
N PHE D 34 -31.52 -20.05 17.17
CA PHE D 34 -30.69 -21.04 17.85
C PHE D 34 -31.21 -22.45 17.61
N TYR D 35 -32.53 -22.65 17.71
CA TYR D 35 -33.08 -23.97 17.47
C TYR D 35 -32.83 -24.42 16.03
N TYR D 36 -32.99 -23.51 15.07
CA TYR D 36 -32.72 -23.87 13.68
C TYR D 36 -31.25 -24.21 13.47
N LEU D 37 -30.35 -23.48 14.11
CA LEU D 37 -28.93 -23.77 13.99
C LEU D 37 -28.60 -25.16 14.54
N ILE D 38 -29.13 -25.48 15.72
CA ILE D 38 -28.82 -26.79 16.30
C ILE D 38 -29.48 -27.90 15.50
N ALA D 39 -30.68 -27.67 14.97
CA ALA D 39 -31.33 -28.69 14.15
C ALA D 39 -30.56 -28.94 12.86
N THR D 40 -30.08 -27.87 12.22
CA THR D 40 -29.29 -28.04 11.00
C THR D 40 -27.97 -28.74 11.30
N TYR D 41 -27.34 -28.42 12.42
CA TYR D 41 -26.11 -29.12 12.80
C TYR D 41 -26.37 -30.61 13.03
N ALA D 42 -27.46 -30.93 13.73
CA ALA D 42 -27.80 -32.33 13.96
C ALA D 42 -28.07 -33.06 12.64
N SER D 43 -28.77 -32.41 11.72
CA SER D 43 -29.02 -33.00 10.41
C SER D 43 -27.72 -33.23 9.65
N ILE D 44 -26.79 -32.27 9.74
CA ILE D 44 -25.52 -32.41 9.04
C ILE D 44 -24.71 -33.58 9.61
N VAL D 45 -24.64 -33.68 10.93
CA VAL D 45 -23.76 -34.66 11.56
C VAL D 45 -24.51 -35.95 11.84
N HIS D 46 -25.52 -35.89 12.71
CA HIS D 46 -26.20 -37.10 13.19
C HIS D 46 -27.39 -37.47 12.31
N PHE D 47 -27.16 -37.56 11.00
CA PHE D 47 -28.19 -37.98 10.07
C PHE D 47 -27.52 -38.43 8.78
N GLU D 48 -28.30 -39.13 7.95
CA GLU D 48 -27.83 -39.65 6.68
C GLU D 48 -28.51 -38.88 5.56
N GLN D 49 -27.74 -38.09 4.81
CA GLN D 49 -28.28 -37.22 3.78
C GLN D 49 -27.38 -37.27 2.55
N SER D 50 -27.95 -36.88 1.41
CA SER D 50 -27.23 -36.86 0.15
C SER D 50 -26.38 -35.60 0.04
N VAL D 51 -25.58 -35.54 -1.04
CA VAL D 51 -24.70 -34.39 -1.26
C VAL D 51 -25.52 -33.12 -1.50
N THR D 52 -26.55 -33.22 -2.32
CA THR D 52 -27.41 -32.06 -2.58
C THR D 52 -28.10 -31.59 -1.31
N ILE D 53 -28.26 -32.47 -0.33
CA ILE D 53 -28.82 -32.07 0.94
C ILE D 53 -27.73 -31.59 1.88
N GLN D 54 -26.53 -32.16 1.80
CA GLN D 54 -25.42 -31.67 2.61
C GLN D 54 -25.10 -30.22 2.29
N LEU D 55 -25.08 -29.86 1.01
CA LEU D 55 -24.78 -28.49 0.64
C LEU D 55 -25.87 -27.54 1.09
N PHE D 56 -27.14 -27.93 0.92
CA PHE D 56 -28.25 -27.10 1.39
C PHE D 56 -28.20 -26.91 2.90
N ALA D 57 -27.90 -27.98 3.63
CA ALA D 57 -27.80 -27.88 5.08
C ALA D 57 -26.64 -27.00 5.51
N LEU D 58 -25.51 -27.09 4.81
CA LEU D 58 -24.39 -26.22 5.13
C LEU D 58 -24.75 -24.75 4.90
N LEU D 59 -25.42 -24.46 3.79
CA LEU D 59 -25.84 -23.09 3.54
C LEU D 59 -26.81 -22.60 4.61
N CYS D 60 -27.78 -23.44 4.98
CA CYS D 60 -28.74 -23.05 6.00
C CYS D 60 -28.06 -22.82 7.34
N MET D 61 -27.10 -23.67 7.71
CA MET D 61 -26.37 -23.50 8.95
C MET D 61 -25.60 -22.19 8.95
N LEU D 62 -24.94 -21.87 7.83
CA LEU D 62 -24.19 -20.62 7.75
C LEU D 62 -25.12 -19.42 7.87
N ILE D 63 -26.28 -19.46 7.19
CA ILE D 63 -27.21 -18.34 7.26
C ILE D 63 -27.72 -18.15 8.68
N GLU D 64 -28.09 -19.25 9.33
CA GLU D 64 -28.61 -19.15 10.69
C GLU D 64 -27.54 -18.66 11.66
N CYS D 65 -26.30 -19.11 11.47
CA CYS D 65 -25.21 -18.64 12.33
C CYS D 65 -24.99 -17.14 12.16
N VAL D 66 -25.01 -16.65 10.92
CA VAL D 66 -24.86 -15.23 10.69
C VAL D 66 -26.00 -14.43 11.31
N ILE D 67 -27.24 -14.89 11.16
CA ILE D 67 -28.36 -14.16 11.74
C ILE D 67 -28.27 -14.13 13.26
N LEU D 68 -27.92 -15.26 13.87
CA LEU D 68 -27.77 -15.31 15.33
C LEU D 68 -26.66 -14.38 15.80
N LEU D 69 -25.53 -14.37 15.07
CA LEU D 69 -24.43 -13.48 15.44
C LEU D 69 -24.85 -12.02 15.33
N ASN D 70 -25.61 -11.68 14.28
CA ASN D 70 -26.06 -10.30 14.14
C ASN D 70 -27.01 -9.90 15.26
N ILE D 71 -27.91 -10.80 15.65
CA ILE D 71 -28.81 -10.51 16.77
C ILE D 71 -28.00 -10.27 18.04
N THR D 72 -27.02 -11.14 18.30
CA THR D 72 -26.19 -10.97 19.49
C THR D 72 -25.41 -9.67 19.44
N PHE D 73 -24.87 -9.32 18.27
CA PHE D 73 -24.08 -8.10 18.13
C PHE D 73 -24.93 -6.88 18.41
N ARG D 74 -26.14 -6.83 17.87
CA ARG D 74 -26.97 -5.65 18.09
C ARG D 74 -27.56 -5.62 19.49
N LEU D 75 -27.73 -6.77 20.14
CA LEU D 75 -28.17 -6.76 21.54
C LEU D 75 -27.04 -6.39 22.50
N TYR D 76 -25.80 -6.66 22.13
CA TYR D 76 -24.69 -6.44 23.04
C TYR D 76 -24.34 -4.96 23.16
N HIS D 77 -24.77 -4.14 22.21
CA HIS D 77 -24.44 -2.71 22.17
C HIS D 77 -25.67 -1.84 22.33
N LYS D 78 -26.61 -2.22 23.19
CA LYS D 78 -27.86 -1.48 23.28
C LYS D 78 -27.64 -0.08 23.84
N ASN D 79 -26.72 0.07 24.80
CA ASN D 79 -26.47 1.40 25.37
C ASN D 79 -25.81 2.33 24.38
N HIS D 80 -24.83 1.82 23.62
CA HIS D 80 -24.19 2.65 22.60
C HIS D 80 -25.16 3.04 21.50
N ILE D 81 -26.04 2.11 21.10
CA ILE D 81 -27.06 2.45 20.12
C ILE D 81 -28.02 3.49 20.67
N ARG D 82 -28.32 3.41 21.97
CA ARG D 82 -29.15 4.42 22.60
C ARG D 82 -28.48 5.80 22.56
N GLU D 83 -27.18 5.84 22.83
CA GLU D 83 -26.45 7.10 22.73
C GLU D 83 -26.45 7.65 21.30
N MET D 84 -26.27 6.76 20.31
CA MET D 84 -26.29 7.19 18.92
C MET D 84 -27.66 7.75 18.54
N HIS D 85 -28.73 7.10 18.99
CA HIS D 85 -30.07 7.62 18.71
C HIS D 85 -30.30 8.96 19.41
N GLN D 86 -29.79 9.09 20.64
CA GLN D 86 -29.92 10.35 21.35
C GLN D 86 -29.24 11.47 20.58
N TYR D 87 -28.05 11.19 20.03
CA TYR D 87 -27.38 12.18 19.19
C TYR D 87 -28.20 12.48 17.94
N SER D 88 -28.78 11.46 17.32
CA SER D 88 -29.48 11.64 16.05
C SER D 88 -30.87 12.24 16.21
N ARG D 89 -31.38 12.39 17.43
CA ARG D 89 -32.73 12.92 17.61
C ARG D 89 -32.88 14.36 17.13
N ARG D 90 -31.79 15.11 17.04
CA ARG D 90 -31.90 16.55 16.76
C ARG D 90 -32.11 16.81 15.27
N LEU D 91 -31.13 16.44 14.45
CA LEU D 91 -31.24 16.57 13.00
C LEU D 91 -31.55 15.22 12.36
N GLY D 92 -32.12 15.28 11.17
CA GLY D 92 -32.46 14.07 10.45
C GLY D 92 -31.31 13.55 9.62
N ILE D 93 -31.60 13.10 8.40
CA ILE D 93 -30.59 12.60 7.47
C ILE D 93 -30.84 13.23 6.11
N PRO D 94 -29.83 13.23 5.24
CA PRO D 94 -30.05 13.70 3.87
C PRO D 94 -31.14 12.89 3.18
N ASP D 95 -31.92 13.57 2.33
CA ASP D 95 -33.03 12.91 1.67
C ASP D 95 -32.57 11.77 0.78
N SER D 96 -31.37 11.86 0.22
CA SER D 96 -30.83 10.75 -0.57
C SER D 96 -30.66 9.50 0.29
N TYR D 97 -30.18 9.68 1.52
CA TYR D 97 -30.04 8.54 2.42
C TYR D 97 -31.40 7.92 2.74
N ARG D 98 -32.41 8.75 2.96
CA ARG D 98 -33.74 8.23 3.23
C ARG D 98 -34.30 7.48 2.02
N SER D 99 -34.04 7.99 0.81
CA SER D 99 -34.49 7.29 -0.39
C SER D 99 -33.81 5.94 -0.52
N VAL D 100 -32.51 5.88 -0.23
CA VAL D 100 -31.79 4.60 -0.29
C VAL D 100 -32.34 3.63 0.76
N ILE D 101 -32.64 4.14 1.96
CA ILE D 101 -33.20 3.30 3.00
C ILE D 101 -34.55 2.73 2.58
N ASN D 102 -35.40 3.57 1.98
CA ASN D 102 -36.69 3.10 1.50
C ASN D 102 -36.52 2.05 0.41
N VAL D 103 -35.58 2.27 -0.52
CA VAL D 103 -35.34 1.31 -1.58
C VAL D 103 -34.90 -0.03 -1.00
N ILE D 104 -34.01 -0.01 -0.02
CA ILE D 104 -33.51 -1.25 0.57
C ILE D 104 -34.60 -1.96 1.34
N THR D 105 -35.44 -1.21 2.06
CA THR D 105 -36.55 -1.84 2.77
C THR D 105 -37.51 -2.52 1.81
N LYS D 106 -37.86 -1.84 0.72
CA LYS D 106 -38.74 -2.44 -0.28
C LYS D 106 -38.09 -3.67 -0.90
N TYR D 107 -36.79 -3.60 -1.18
CA TYR D 107 -36.10 -4.76 -1.75
C TYR D 107 -36.15 -5.94 -0.81
N HIS D 108 -35.90 -5.70 0.48
CA HIS D 108 -35.91 -6.81 1.43
C HIS D 108 -37.29 -7.43 1.55
N LEU D 109 -38.34 -6.59 1.60
CA LEU D 109 -39.69 -7.13 1.63
C LEU D 109 -39.97 -8.00 0.41
N ILE D 110 -39.66 -7.48 -0.78
CA ILE D 110 -39.94 -8.20 -2.02
C ILE D 110 -39.14 -9.50 -2.08
N ALA D 111 -37.86 -9.44 -1.73
CA ALA D 111 -37.01 -10.63 -1.82
C ALA D 111 -37.44 -11.70 -0.83
N SER D 112 -37.78 -11.30 0.40
CA SER D 112 -38.25 -12.28 1.37
C SER D 112 -39.53 -12.94 0.90
N ASN D 113 -40.48 -12.13 0.39
CA ASN D 113 -41.73 -12.69 -0.09
C ASN D 113 -41.54 -13.60 -1.29
N ILE D 114 -40.60 -13.29 -2.18
CA ILE D 114 -40.33 -14.13 -3.33
C ILE D 114 -39.68 -15.44 -2.93
N PHE D 115 -38.67 -15.38 -2.05
CA PHE D 115 -37.98 -16.59 -1.63
C PHE D 115 -38.90 -17.51 -0.85
N VAL D 116 -39.76 -16.95 -0.01
CA VAL D 116 -40.72 -17.77 0.72
C VAL D 116 -41.68 -18.45 -0.24
N VAL D 117 -42.13 -17.72 -1.26
CA VAL D 117 -43.15 -18.24 -2.17
C VAL D 117 -42.58 -19.33 -3.07
N PHE D 118 -41.34 -19.16 -3.54
CA PHE D 118 -40.87 -19.97 -4.65
C PHE D 118 -40.94 -21.48 -4.44
N PRO D 119 -40.60 -22.04 -3.27
CA PRO D 119 -40.83 -23.47 -3.05
C PRO D 119 -42.17 -23.99 -3.54
N VAL D 120 -43.26 -23.25 -3.29
CA VAL D 120 -44.58 -23.69 -3.74
C VAL D 120 -44.62 -23.77 -5.26
N THR D 121 -44.09 -22.74 -5.94
CA THR D 121 -44.07 -22.76 -7.39
C THR D 121 -43.25 -23.94 -7.92
N TYR D 122 -42.10 -24.20 -7.30
CA TYR D 122 -41.29 -25.36 -7.67
C TYR D 122 -42.01 -26.67 -7.42
N ALA D 123 -42.93 -26.71 -6.46
CA ALA D 123 -43.74 -27.90 -6.21
C ALA D 123 -44.97 -27.96 -7.09
N ILE D 124 -45.32 -26.87 -7.78
CA ILE D 124 -46.45 -26.86 -8.71
C ILE D 124 -45.86 -26.94 -10.11
N PHE D 125 -44.56 -27.23 -10.19
CA PHE D 125 -43.87 -27.42 -11.46
C PHE D 125 -42.91 -28.60 -11.28
N CYS D 126 -42.24 -28.98 -12.38
CA CYS D 126 -41.30 -30.10 -12.35
C CYS D 126 -41.96 -31.34 -11.76
N ASP D 127 -42.96 -31.87 -12.45
CA ASP D 127 -43.81 -32.94 -11.92
C ASP D 127 -43.03 -34.13 -11.39
N SER D 128 -41.74 -34.25 -11.70
CA SER D 128 -40.92 -35.28 -11.09
C SER D 128 -40.80 -35.11 -9.59
N VAL D 129 -41.06 -33.91 -9.06
CA VAL D 129 -41.05 -33.66 -7.63
C VAL D 129 -42.48 -33.42 -7.16
N ARG D 130 -42.67 -33.63 -5.86
CA ARG D 130 -43.99 -33.54 -5.23
C ARG D 130 -43.82 -32.83 -3.90
N VAL D 131 -44.91 -32.37 -3.31
CA VAL D 131 -44.83 -31.69 -2.02
C VAL D 131 -44.39 -32.66 -0.93
N GLY D 132 -43.36 -32.30 -0.17
CA GLY D 132 -43.01 -33.07 1.01
C GLY D 132 -41.60 -33.64 1.07
N ASP D 133 -40.74 -33.25 0.14
CA ASP D 133 -39.40 -33.80 0.09
C ASP D 133 -38.42 -32.69 -0.32
N PRO D 134 -37.13 -32.98 -0.50
CA PRO D 134 -36.08 -32.10 0.07
C PRO D 134 -36.18 -30.62 -0.28
N PHE D 135 -36.57 -30.24 -1.50
CA PHE D 135 -36.52 -28.83 -1.85
C PHE D 135 -37.88 -28.19 -2.03
N THR D 136 -38.91 -28.69 -1.34
CA THR D 136 -40.24 -28.10 -1.41
C THR D 136 -40.54 -27.17 -0.23
N PHE D 137 -39.52 -26.80 0.54
CA PHE D 137 -39.66 -25.94 1.70
C PHE D 137 -38.68 -24.77 1.58
N PRO D 138 -39.04 -23.60 2.12
CA PRO D 138 -38.08 -22.49 2.13
C PRO D 138 -36.82 -22.80 2.92
N PHE D 139 -36.93 -23.61 3.97
CA PHE D 139 -35.80 -24.03 4.80
C PHE D 139 -35.62 -25.54 4.65
N LEU D 140 -34.54 -26.04 5.23
CA LEU D 140 -34.31 -27.48 5.26
C LEU D 140 -35.37 -28.17 6.11
N ASP D 141 -35.76 -29.37 5.69
CA ASP D 141 -36.76 -30.15 6.41
C ASP D 141 -36.12 -30.73 7.68
N VAL D 142 -36.16 -29.94 8.75
CA VAL D 142 -35.52 -30.31 10.01
C VAL D 142 -36.53 -30.63 11.11
N LEU D 143 -37.82 -30.34 10.91
CA LEU D 143 -38.80 -30.63 11.95
C LEU D 143 -38.93 -32.13 12.14
N PRO D 144 -39.12 -32.59 13.38
CA PRO D 144 -39.25 -34.04 13.62
C PRO D 144 -40.46 -34.66 12.95
N MET D 145 -41.49 -33.89 12.66
CA MET D 145 -42.68 -34.44 12.02
C MET D 145 -42.37 -34.87 10.59
N HIS D 146 -43.03 -35.94 10.16
CA HIS D 146 -42.86 -36.48 8.82
C HIS D 146 -43.86 -35.84 7.86
N THR D 147 -43.62 -36.05 6.57
CA THR D 147 -44.52 -35.53 5.55
C THR D 147 -45.89 -36.19 5.68
N ASP D 148 -46.94 -35.37 5.56
CA ASP D 148 -48.30 -35.83 5.76
C ASP D 148 -49.20 -35.00 4.85
N ASN D 149 -50.50 -34.97 5.18
CA ASN D 149 -51.49 -34.24 4.38
C ASN D 149 -51.14 -32.76 4.27
N LEU D 150 -51.85 -32.04 3.39
CA LEU D 150 -51.51 -30.67 3.07
C LEU D 150 -51.54 -29.75 4.29
N ALA D 151 -52.28 -30.10 5.33
CA ALA D 151 -52.31 -29.27 6.53
C ALA D 151 -50.95 -29.25 7.22
N ILE D 152 -50.37 -30.44 7.42
CA ILE D 152 -49.04 -30.52 8.03
C ILE D 152 -48.00 -29.87 7.12
N TYR D 153 -48.16 -30.07 5.81
CA TYR D 153 -47.25 -29.43 4.85
C TYR D 153 -47.28 -27.91 5.00
N ALA D 154 -48.48 -27.34 5.08
CA ALA D 154 -48.60 -25.89 5.21
C ALA D 154 -48.05 -25.41 6.55
N CYS D 155 -48.30 -26.16 7.63
CA CYS D 155 -47.78 -25.76 8.93
C CYS D 155 -46.26 -25.75 8.92
N LYS D 156 -45.64 -26.80 8.37
CA LYS D 156 -44.19 -26.82 8.26
C LYS D 156 -43.68 -25.71 7.37
N TYR D 157 -44.40 -25.42 6.28
CA TYR D 157 -44.00 -24.35 5.38
C TYR D 157 -43.98 -23.01 6.09
N LEU D 158 -45.02 -22.71 6.87
CA LEU D 158 -45.04 -21.44 7.61
C LEU D 158 -43.95 -21.40 8.68
N VAL D 159 -43.75 -22.52 9.38
CA VAL D 159 -42.71 -22.55 10.42
C VAL D 159 -41.34 -22.30 9.81
N TYR D 160 -41.09 -22.84 8.62
CA TYR D 160 -39.82 -22.63 7.95
C TYR D 160 -39.70 -21.22 7.38
N ALA D 161 -40.80 -20.68 6.85
CA ALA D 161 -40.79 -19.31 6.32
C ALA D 161 -40.57 -18.27 7.40
N ILE D 162 -40.91 -18.61 8.64
CA ILE D 162 -40.60 -17.70 9.76
C ILE D 162 -39.10 -17.45 9.82
N SER D 163 -38.29 -18.48 9.58
CA SER D 163 -36.84 -18.31 9.59
C SER D 163 -36.37 -17.37 8.50
N VAL D 164 -36.92 -17.50 7.28
CA VAL D 164 -36.54 -16.62 6.18
C VAL D 164 -36.91 -15.18 6.51
N TYR D 165 -38.12 -14.97 7.06
CA TYR D 165 -38.53 -13.63 7.43
C TYR D 165 -37.63 -13.04 8.50
N ILE D 166 -37.25 -13.86 9.50
CA ILE D 166 -36.36 -13.39 10.55
C ILE D 166 -35.00 -13.00 9.97
N ALA D 167 -34.46 -13.83 9.08
CA ALA D 167 -33.18 -13.52 8.47
C ALA D 167 -33.25 -12.21 7.69
N HIS D 168 -34.32 -12.00 6.93
CA HIS D 168 -34.44 -10.78 6.14
C HIS D 168 -34.62 -9.56 7.04
N VAL D 169 -35.36 -9.71 8.14
CA VAL D 169 -35.52 -8.59 9.07
C VAL D 169 -34.18 -8.20 9.66
N GLU D 170 -33.40 -9.19 10.11
CA GLU D 170 -32.11 -8.88 10.70
C GLU D 170 -31.09 -8.40 9.67
N LEU D 171 -31.26 -8.74 8.39
CA LEU D 171 -30.40 -8.17 7.36
C LEU D 171 -30.78 -6.72 7.08
N CYS D 172 -32.08 -6.42 7.03
CA CYS D 172 -32.52 -5.05 6.84
C CYS D 172 -32.06 -4.17 7.99
N PHE D 173 -32.06 -4.71 9.21
CA PHE D 173 -31.65 -3.91 10.36
C PHE D 173 -30.21 -3.46 10.25
N ILE D 174 -29.30 -4.33 9.79
CA ILE D 174 -27.92 -3.93 9.64
C ILE D 174 -27.67 -3.15 8.35
N ASN D 175 -28.52 -3.31 7.34
CA ASN D 175 -28.34 -2.56 6.10
C ASN D 175 -28.79 -1.11 6.24
N THR D 176 -29.88 -0.87 6.96
CA THR D 176 -30.45 0.47 7.00
C THR D 176 -29.87 1.33 8.11
N THR D 177 -29.47 0.74 9.24
CA THR D 177 -28.97 1.54 10.36
C THR D 177 -27.63 2.19 10.03
N PHE D 178 -26.74 1.46 9.34
CA PHE D 178 -25.46 2.06 8.97
C PHE D 178 -25.67 3.28 8.08
N ILE D 179 -26.57 3.16 7.11
CA ILE D 179 -26.87 4.29 6.23
C ILE D 179 -27.48 5.43 7.03
N TYR D 180 -28.41 5.14 7.92
CA TYR D 180 -29.06 6.19 8.69
C TYR D 180 -28.07 6.95 9.56
N TYR D 181 -27.16 6.23 10.21
CA TYR D 181 -26.24 6.91 11.12
C TYR D 181 -25.10 7.59 10.40
N VAL D 182 -24.66 7.05 9.26
CA VAL D 182 -23.71 7.79 8.42
C VAL D 182 -24.37 9.07 7.90
N GLY D 183 -25.66 9.01 7.57
CA GLY D 183 -26.37 10.21 7.16
C GLY D 183 -26.49 11.22 8.28
N VAL D 184 -26.72 10.76 9.51
CA VAL D 184 -26.75 11.67 10.65
C VAL D 184 -25.39 12.36 10.80
N LEU D 185 -24.31 11.60 10.68
CA LEU D 185 -22.98 12.18 10.75
C LEU D 185 -22.78 13.23 9.67
N LYS D 186 -23.16 12.91 8.43
CA LYS D 186 -22.99 13.85 7.32
C LYS D 186 -23.80 15.11 7.53
N HIS D 187 -25.04 14.98 7.99
CA HIS D 187 -25.89 16.15 8.19
C HIS D 187 -25.33 17.06 9.27
N ARG D 188 -24.87 16.48 10.39
CA ARG D 188 -24.24 17.30 11.41
C ARG D 188 -22.96 17.95 10.91
N LEU D 189 -22.21 17.25 10.04
CA LEU D 189 -21.01 17.83 9.46
C LEU D 189 -21.34 19.07 8.62
N GLU D 190 -22.38 18.96 7.80
CA GLU D 190 -22.76 20.12 6.98
C GLU D 190 -23.26 21.26 7.85
N THR D 191 -23.96 20.96 8.94
CA THR D 191 -24.38 22.01 9.85
C THR D 191 -23.17 22.70 10.48
N ILE D 192 -22.14 21.92 10.83
CA ILE D 192 -20.91 22.51 11.36
C ILE D 192 -20.26 23.42 10.33
N VAL D 193 -20.22 22.98 9.07
CA VAL D 193 -19.63 23.81 8.01
C VAL D 193 -20.40 25.11 7.85
N GLN D 194 -21.73 25.04 7.89
CA GLN D 194 -22.56 26.23 7.78
C GLN D 194 -22.32 27.18 8.97
N THR D 195 -22.15 26.62 10.17
CA THR D 195 -21.85 27.46 11.33
C THR D 195 -20.51 28.14 11.19
N ILE D 196 -19.50 27.43 10.67
CA ILE D 196 -18.20 28.03 10.43
C ILE D 196 -18.32 29.16 9.40
N GLY D 197 -19.11 28.94 8.35
CA GLY D 197 -19.33 30.00 7.37
C GLY D 197 -19.98 31.22 7.98
N GLU D 198 -20.95 31.02 8.88
CA GLU D 198 -21.54 32.15 9.59
C GLU D 198 -20.52 32.86 10.46
N ALA D 199 -19.66 32.10 11.15
CA ALA D 199 -18.65 32.71 12.00
C ALA D 199 -17.66 33.53 11.19
N PHE D 200 -17.36 33.10 9.96
CA PHE D 200 -16.51 33.90 9.09
C PHE D 200 -17.35 34.96 8.36
N ALA D 201 -18.20 35.66 9.10
CA ALA D 201 -18.94 36.79 8.56
C ALA D 201 -19.09 37.92 9.56
N ASP D 202 -18.80 37.71 10.84
CA ASP D 202 -18.99 38.72 11.86
C ASP D 202 -17.81 38.81 12.81
N ASN D 203 -16.72 38.09 12.55
CA ASN D 203 -15.62 37.93 13.50
C ASN D 203 -16.15 37.43 14.84
N ASP D 204 -17.09 36.50 14.78
CA ASP D 204 -17.75 35.96 15.97
C ASP D 204 -16.92 34.77 16.45
N GLU D 205 -15.97 35.03 17.33
CA GLU D 205 -15.16 33.95 17.88
C GLU D 205 -15.98 33.04 18.76
N GLN D 206 -17.04 33.55 19.38
CA GLN D 206 -17.91 32.71 20.20
C GLN D 206 -18.67 31.69 19.34
N LYS D 207 -19.14 32.12 18.17
CA LYS D 207 -19.79 31.16 17.27
C LYS D 207 -18.80 30.14 16.73
N PHE D 208 -17.54 30.53 16.55
CA PHE D 208 -16.53 29.55 16.17
C PHE D 208 -16.25 28.57 17.31
N LYS D 209 -16.28 29.03 18.55
CA LYS D 209 -16.18 28.11 19.68
C LYS D 209 -17.35 27.13 19.68
N TYR D 210 -18.54 27.63 19.35
CA TYR D 210 -19.70 26.75 19.22
C TYR D 210 -19.49 25.70 18.14
N ALA D 211 -18.93 26.12 17.00
CA ALA D 211 -18.64 25.18 15.93
C ALA D 211 -17.61 24.14 16.37
N ILE D 212 -16.60 24.57 17.12
CA ILE D 212 -15.60 23.62 17.63
C ILE D 212 -16.25 22.61 18.56
N ILE D 213 -17.14 23.07 19.44
CA ILE D 213 -17.84 22.17 20.34
C ILE D 213 -18.68 21.17 19.55
N GLN D 214 -19.38 21.65 18.52
CA GLN D 214 -20.17 20.75 17.69
C GLN D 214 -19.29 19.73 16.99
N HIS D 215 -18.12 20.14 16.51
CA HIS D 215 -17.22 19.20 15.85
C HIS D 215 -16.70 18.15 16.83
N GLN D 216 -16.38 18.56 18.06
CA GLN D 216 -15.93 17.59 19.07
C GLN D 216 -17.02 16.58 19.39
N LYS D 217 -18.25 17.06 19.54
CA LYS D 217 -19.36 16.13 19.78
C LYS D 217 -19.56 15.20 18.59
N LEU D 218 -19.39 15.71 17.37
CA LEU D 218 -19.50 14.86 16.19
C LEU D 218 -18.43 13.78 16.20
N LEU D 219 -17.21 14.13 16.61
CA LEU D 219 -16.14 13.14 16.66
C LEU D 219 -16.42 12.08 17.73
N SER D 220 -16.96 12.49 18.88
CA SER D 220 -17.35 11.50 19.88
C SER D 220 -18.44 10.57 19.34
N TYR D 221 -19.42 11.12 18.64
CA TYR D 221 -20.46 10.29 18.04
C TYR D 221 -19.87 9.35 17.01
N PHE D 222 -18.87 9.80 16.25
CA PHE D 222 -18.23 8.94 15.27
C PHE D 222 -17.51 7.77 15.95
N ASN D 223 -16.85 8.05 17.07
CA ASN D 223 -16.23 6.96 17.84
C ASN D 223 -17.27 5.97 18.33
N THR D 224 -18.40 6.47 18.82
CA THR D 224 -19.48 5.59 19.25
C THR D 224 -19.99 4.75 18.07
N MET D 225 -20.12 5.36 16.89
CA MET D 225 -20.56 4.63 15.71
C MET D 225 -19.58 3.52 15.35
N LYS D 226 -18.28 3.81 15.41
CA LYS D 226 -17.29 2.79 15.15
C LYS D 226 -17.40 1.64 16.15
N ILE D 227 -17.60 1.97 17.42
CA ILE D 227 -17.75 0.94 18.44
C ILE D 227 -18.96 0.06 18.14
N VAL D 228 -20.07 0.69 17.74
CA VAL D 228 -21.29 -0.08 17.49
C VAL D 228 -21.13 -0.98 16.28
N PHE D 229 -20.58 -0.46 15.19
CA PHE D 229 -20.57 -1.17 13.92
C PHE D 229 -19.29 -1.95 13.67
N SER D 230 -18.37 -2.02 14.63
CA SER D 230 -17.14 -2.77 14.41
C SER D 230 -17.41 -4.25 14.15
N LYS D 231 -18.29 -4.88 14.92
CA LYS D 231 -18.48 -6.32 14.82
C LYS D 231 -19.32 -6.73 13.61
N PRO D 232 -20.48 -6.10 13.36
CA PRO D 232 -21.25 -6.48 12.16
C PRO D 232 -20.46 -6.33 10.87
N ILE D 233 -19.63 -5.29 10.77
CA ILE D 233 -18.88 -5.08 9.54
C ILE D 233 -17.84 -6.17 9.32
N LEU D 234 -17.12 -6.55 10.38
CA LEU D 234 -16.14 -7.64 10.26
C LEU D 234 -16.82 -8.96 9.92
N LEU D 235 -17.94 -9.24 10.58
CA LEU D 235 -18.68 -10.46 10.27
C LEU D 235 -19.12 -10.48 8.81
N SER D 236 -19.67 -9.36 8.33
CA SER D 236 -20.09 -9.29 6.94
C SER D 236 -18.91 -9.48 6.01
N MET D 237 -17.78 -8.85 6.30
CA MET D 237 -16.60 -8.98 5.46
C MET D 237 -16.18 -10.45 5.31
N SER D 238 -15.89 -11.10 6.44
CA SER D 238 -15.35 -12.45 6.39
C SER D 238 -16.37 -13.44 5.82
N PHE D 239 -17.61 -13.36 6.31
CA PHE D 239 -18.63 -14.29 5.83
C PHE D 239 -18.91 -14.07 4.35
N ASN D 240 -18.94 -12.82 3.90
CA ASN D 240 -19.18 -12.56 2.49
C ASN D 240 -18.07 -13.11 1.63
N ALA D 241 -16.81 -12.98 2.08
CA ALA D 241 -15.71 -13.57 1.31
C ALA D 241 -15.90 -15.07 1.15
N ILE D 242 -15.96 -15.80 2.27
CA ILE D 242 -16.03 -17.26 2.17
C ILE D 242 -17.34 -17.70 1.50
N TYR D 243 -18.41 -16.92 1.68
CA TYR D 243 -19.72 -17.28 1.15
C TYR D 243 -19.81 -17.03 -0.34
N PHE D 244 -19.20 -15.96 -0.84
CA PHE D 244 -19.10 -15.77 -2.27
C PHE D 244 -18.32 -16.92 -2.90
N GLY D 245 -17.20 -17.31 -2.28
CA GLY D 245 -16.49 -18.46 -2.79
C GLY D 245 -17.35 -19.71 -2.86
N LEU D 246 -17.98 -20.04 -1.73
CA LEU D 246 -18.77 -21.27 -1.65
C LEU D 246 -19.95 -21.25 -2.62
N THR D 247 -20.67 -20.13 -2.68
CA THR D 247 -21.88 -20.07 -3.49
C THR D 247 -21.56 -20.00 -4.97
N THR D 248 -20.44 -19.38 -5.36
CA THR D 248 -20.03 -19.44 -6.75
C THR D 248 -19.63 -20.85 -7.14
N SER D 249 -18.94 -21.57 -6.24
CA SER D 249 -18.63 -22.97 -6.49
C SER D 249 -19.90 -23.79 -6.68
N PHE D 250 -20.89 -23.58 -5.82
CA PHE D 250 -22.14 -24.34 -5.92
C PHE D 250 -22.88 -24.02 -7.22
N VAL D 251 -22.93 -22.74 -7.60
CA VAL D 251 -23.60 -22.35 -8.83
C VAL D 251 -22.91 -22.97 -10.04
N ILE D 252 -21.58 -22.93 -10.07
CA ILE D 252 -20.84 -23.50 -11.18
C ILE D 252 -21.10 -25.01 -11.27
N GLN D 253 -21.05 -25.70 -10.13
CA GLN D 253 -21.29 -27.14 -10.14
C GLN D 253 -22.69 -27.47 -10.63
N ALA D 254 -23.70 -26.74 -10.14
CA ALA D 254 -25.07 -27.04 -10.51
C ALA D 254 -25.33 -26.71 -11.98
N ILE D 255 -24.69 -25.67 -12.50
CA ILE D 255 -24.75 -25.40 -13.94
C ILE D 255 -24.13 -26.57 -14.71
N ARG D 256 -23.01 -27.10 -14.20
CA ARG D 256 -22.42 -28.29 -14.78
C ARG D 256 -23.24 -29.54 -14.52
N GLY D 257 -24.26 -29.47 -13.66
CA GLY D 257 -25.14 -30.59 -13.41
C GLY D 257 -24.67 -31.56 -12.36
N TYR D 258 -23.59 -31.27 -11.65
CA TYR D 258 -23.09 -32.18 -10.63
C TYR D 258 -24.07 -32.31 -9.47
N ILE D 259 -24.70 -31.21 -9.08
CA ILE D 259 -25.65 -31.19 -7.97
C ILE D 259 -27.01 -30.78 -8.50
N ASN D 260 -28.00 -30.79 -7.61
CA ASN D 260 -29.34 -30.37 -7.98
C ASN D 260 -29.36 -28.89 -8.32
N GLN D 261 -30.05 -28.55 -9.40
CA GLN D 261 -30.08 -27.17 -9.88
C GLN D 261 -30.90 -26.26 -8.97
N ALA D 262 -31.91 -26.80 -8.29
CA ALA D 262 -32.79 -25.97 -7.47
C ALA D 262 -32.03 -25.27 -6.34
N ILE D 263 -30.82 -25.72 -6.02
CA ILE D 263 -30.01 -25.07 -5.01
C ILE D 263 -29.73 -23.61 -5.38
N LEU D 264 -29.76 -23.27 -6.68
CA LEU D 264 -29.60 -21.87 -7.05
C LEU D 264 -30.62 -20.98 -6.37
N SER D 265 -31.80 -21.53 -6.06
CA SER D 265 -32.83 -20.74 -5.39
C SER D 265 -32.31 -20.12 -4.10
N ILE D 266 -31.36 -20.79 -3.44
CA ILE D 266 -30.69 -20.18 -2.31
C ILE D 266 -29.47 -19.39 -2.78
N CYS D 267 -28.66 -19.98 -3.65
CA CYS D 267 -27.39 -19.37 -4.03
C CYS D 267 -27.61 -18.03 -4.72
N ILE D 268 -28.62 -17.95 -5.59
CA ILE D 268 -28.94 -16.67 -6.21
C ILE D 268 -29.43 -15.67 -5.18
N ALA D 269 -30.13 -16.14 -4.15
CA ALA D 269 -30.75 -15.20 -3.20
C ALA D 269 -29.83 -14.89 -2.03
N SER D 270 -29.20 -15.87 -1.44
CA SER D 270 -28.34 -15.69 -0.26
C SER D 270 -27.01 -15.07 -0.64
N SER D 271 -26.73 -14.86 -1.90
CA SER D 271 -25.51 -14.12 -2.26
C SER D 271 -25.95 -12.80 -2.81
N ALA D 272 -27.23 -12.67 -3.14
CA ALA D 272 -27.64 -11.32 -3.49
C ALA D 272 -27.80 -10.46 -2.24
N ALA D 273 -28.30 -11.05 -1.15
CA ALA D 273 -28.39 -10.35 0.11
C ALA D 273 -27.03 -10.16 0.77
N ALA D 274 -26.00 -10.86 0.30
CA ALA D 274 -24.66 -10.70 0.85
C ALA D 274 -23.87 -9.62 0.13
N VAL D 275 -23.91 -9.61 -1.21
CA VAL D 275 -23.18 -8.60 -1.96
C VAL D 275 -23.69 -7.21 -1.65
N ILE D 276 -24.95 -7.09 -1.21
CA ILE D 276 -25.46 -5.81 -0.78
C ILE D 276 -24.84 -5.41 0.55
N ASN D 277 -24.72 -6.35 1.49
CA ASN D 277 -24.30 -6.01 2.84
C ASN D 277 -22.91 -5.37 2.84
N ILE D 278 -21.98 -5.96 2.09
CA ILE D 278 -20.64 -5.39 2.01
C ILE D 278 -20.58 -4.19 1.07
N THR D 279 -21.56 -4.04 0.17
CA THR D 279 -21.56 -2.86 -0.69
C THR D 279 -22.00 -1.62 0.09
N ILE D 280 -23.02 -1.77 0.94
CA ILE D 280 -23.49 -0.64 1.74
C ILE D 280 -22.41 -0.18 2.70
N TYR D 281 -21.74 -1.12 3.36
CA TYR D 281 -20.71 -0.77 4.33
C TYR D 281 -19.53 -0.07 3.68
N THR D 282 -19.07 -0.62 2.55
CA THR D 282 -17.89 -0.07 1.89
C THR D 282 -18.21 1.22 1.14
N PHE D 283 -19.43 1.38 0.63
CA PHE D 283 -19.78 2.60 -0.08
C PHE D 283 -19.88 3.77 0.89
N TYR D 284 -20.80 3.69 1.86
CA TYR D 284 -20.96 4.76 2.81
C TYR D 284 -19.78 4.89 3.76
N GLY D 285 -18.92 3.88 3.82
CA GLY D 285 -17.66 4.02 4.53
C GLY D 285 -16.64 4.86 3.81
N SER D 286 -16.80 5.04 2.50
CA SER D 286 -15.94 5.93 1.74
C SER D 286 -16.49 7.34 1.64
N GLU D 287 -17.77 7.53 1.95
CA GLU D 287 -18.34 8.88 2.02
C GLU D 287 -17.89 9.62 3.28
N LEU D 288 -17.38 8.91 4.28
CA LEU D 288 -16.91 9.57 5.49
C LEU D 288 -15.62 10.33 5.25
N MET D 289 -14.77 9.83 4.35
CA MET D 289 -13.49 10.48 4.10
C MET D 289 -13.60 11.74 3.27
N ASP D 290 -14.77 12.01 2.69
CA ASP D 290 -14.97 13.28 2.00
C ASP D 290 -15.55 14.34 2.95
N LEU D 291 -15.90 13.96 4.17
CA LEU D 291 -16.58 14.89 5.07
C LEU D 291 -15.63 15.94 5.61
N HIS D 292 -14.44 15.54 6.07
CA HIS D 292 -13.51 16.49 6.66
C HIS D 292 -12.98 17.49 5.64
N ASP D 293 -12.97 17.13 4.35
CA ASP D 293 -12.55 18.08 3.34
C ASP D 293 -13.47 19.29 3.29
N LYS D 294 -14.75 19.12 3.62
CA LYS D 294 -15.66 20.26 3.64
C LYS D 294 -15.23 21.28 4.67
N ILE D 295 -14.93 20.84 5.90
CA ILE D 295 -14.46 21.76 6.92
C ILE D 295 -13.10 22.34 6.53
N LEU D 296 -12.21 21.50 5.98
CA LEU D 296 -10.89 21.98 5.61
C LEU D 296 -10.96 23.08 4.58
N HIS D 297 -11.84 22.95 3.59
CA HIS D 297 -11.95 23.94 2.54
C HIS D 297 -12.82 25.13 2.93
N VAL D 298 -13.67 24.99 3.95
CA VAL D 298 -14.41 26.15 4.43
C VAL D 298 -13.59 26.98 5.41
N LEU D 299 -12.56 26.39 6.04
CA LEU D 299 -11.72 27.15 6.96
C LEU D 299 -10.77 28.09 6.21
N PHE D 300 -10.27 27.66 5.06
CA PHE D 300 -9.40 28.50 4.23
C PHE D 300 -10.23 29.62 3.65
N ASP D 301 -10.09 30.83 4.20
CA ASP D 301 -10.91 31.95 3.77
C ASP D 301 -10.11 33.23 3.96
N ASN D 302 -10.49 34.26 3.21
CA ASN D 302 -9.85 35.56 3.36
C ASN D 302 -10.17 36.17 4.73
N ALA D 303 -11.33 35.83 5.30
CA ALA D 303 -11.69 36.35 6.61
C ALA D 303 -10.73 35.91 7.70
N PHE D 304 -9.90 34.90 7.43
CA PHE D 304 -8.86 34.50 8.37
C PHE D 304 -7.87 35.63 8.62
N PHE D 305 -7.75 36.57 7.70
CA PHE D 305 -6.74 37.63 7.81
C PHE D 305 -7.26 38.88 8.49
N TYR D 306 -8.49 38.85 9.01
CA TYR D 306 -9.05 40.00 9.72
C TYR D 306 -9.52 39.65 11.13
N VAL D 307 -9.38 38.40 11.55
CA VAL D 307 -9.85 37.94 12.85
C VAL D 307 -8.80 38.25 13.93
N SER D 308 -9.13 37.96 15.19
CA SER D 308 -8.52 38.60 16.35
C SER D 308 -7.30 37.86 16.88
N LYS D 309 -6.59 37.11 16.05
CA LYS D 309 -5.26 36.57 16.36
C LYS D 309 -5.31 35.45 17.40
N SER D 310 -6.46 35.29 18.05
CA SER D 310 -6.78 34.08 18.79
C SER D 310 -7.86 33.27 18.10
N PHE D 311 -8.74 33.95 17.36
CA PHE D 311 -9.54 33.31 16.34
C PHE D 311 -8.64 32.58 15.34
N LYS D 312 -7.50 33.18 14.98
CA LYS D 312 -6.58 32.54 14.05
C LYS D 312 -6.04 31.23 14.61
N SER D 313 -5.70 31.20 15.90
CA SER D 313 -5.18 29.98 16.50
C SER D 313 -6.23 28.87 16.48
N SER D 314 -7.48 29.19 16.80
CA SER D 314 -8.53 28.19 16.76
C SER D 314 -8.75 27.68 15.35
N ILE D 315 -8.73 28.58 14.37
CA ILE D 315 -8.87 28.19 12.97
C ILE D 315 -7.75 27.22 12.60
N LEU D 316 -6.52 27.53 13.00
CA LEU D 316 -5.39 26.69 12.64
C LEU D 316 -5.45 25.33 13.34
N ILE D 317 -5.92 25.29 14.58
CA ILE D 317 -6.02 24.01 15.30
C ILE D 317 -7.06 23.11 14.64
N MET D 318 -8.25 23.64 14.36
CA MET D 318 -9.23 22.83 13.66
C MET D 318 -8.74 22.45 12.26
N MET D 319 -8.06 23.36 11.58
CA MET D 319 -7.51 23.10 10.26
C MET D 319 -6.51 21.96 10.30
N THR D 320 -5.72 21.88 11.37
CA THR D 320 -4.82 20.76 11.57
C THR D 320 -5.61 19.47 11.82
N ARG D 321 -6.70 19.56 12.57
CA ARG D 321 -7.46 18.36 12.90
C ARG D 321 -8.24 17.81 11.72
N VAL D 322 -8.50 18.64 10.70
CA VAL D 322 -9.38 18.20 9.63
C VAL D 322 -8.56 17.78 8.42
N THR D 323 -7.24 17.84 8.54
CA THR D 323 -6.39 17.26 7.49
C THR D 323 -6.34 15.75 7.57
N ILE D 324 -6.91 15.15 8.62
CA ILE D 324 -6.96 13.70 8.78
C ILE D 324 -8.39 13.25 8.48
N PRO D 325 -8.64 12.52 7.41
CA PRO D 325 -10.01 12.11 7.08
C PRO D 325 -10.57 11.14 8.10
N LEU D 326 -11.90 11.10 8.17
CA LEU D 326 -12.59 10.19 9.07
C LEU D 326 -12.53 8.75 8.54
N LYS D 327 -11.55 7.98 9.01
CA LYS D 327 -11.39 6.61 8.57
C LYS D 327 -12.18 5.67 9.49
N PHE D 328 -12.95 4.77 8.89
CA PHE D 328 -13.75 3.79 9.63
C PHE D 328 -12.94 2.50 9.72
N THR D 329 -11.98 2.49 10.65
CA THR D 329 -11.09 1.36 10.83
C THR D 329 -11.69 0.41 11.87
N VAL D 330 -11.83 -0.86 11.49
CA VAL D 330 -12.33 -1.90 12.39
C VAL D 330 -11.41 -3.11 12.30
N GLY D 331 -11.17 -3.76 13.43
CA GLY D 331 -10.33 -4.94 13.45
C GLY D 331 -8.84 -4.67 13.37
N TYR D 332 -8.43 -3.43 13.60
CA TYR D 332 -7.03 -2.98 13.64
C TYR D 332 -6.36 -2.97 12.28
N ILE D 333 -6.99 -3.55 11.26
CA ILE D 333 -6.33 -3.72 9.98
C ILE D 333 -7.18 -3.18 8.84
N PHE D 334 -8.49 -3.18 9.01
CA PHE D 334 -9.43 -3.02 7.92
C PHE D 334 -10.01 -1.62 7.94
N THR D 335 -9.85 -0.90 6.84
CA THR D 335 -10.53 0.38 6.61
C THR D 335 -11.69 0.13 5.67
N ILE D 336 -12.89 0.55 6.08
CA ILE D 336 -14.11 0.21 5.37
C ILE D 336 -14.32 1.25 4.29
N ASN D 337 -13.93 0.92 3.06
CA ASN D 337 -14.13 1.77 1.91
C ASN D 337 -14.17 0.89 0.66
N LEU D 338 -14.36 1.52 -0.49
CA LEU D 338 -14.50 0.77 -1.73
C LEU D 338 -13.23 0.05 -2.13
N ASN D 339 -12.07 0.47 -1.62
CA ASN D 339 -10.84 -0.28 -1.83
C ASN D 339 -10.94 -1.66 -1.18
N LEU D 340 -11.53 -1.73 0.00
CA LEU D 340 -11.78 -3.03 0.63
C LEU D 340 -12.73 -3.87 -0.21
N LEU D 341 -13.71 -3.23 -0.85
CA LEU D 341 -14.60 -3.94 -1.75
C LEU D 341 -13.82 -4.53 -2.93
N LEU D 342 -12.84 -3.77 -3.45
CA LEU D 342 -11.95 -4.31 -4.48
C LEU D 342 -11.16 -5.49 -3.95
N LYS D 343 -10.65 -5.39 -2.72
CA LYS D 343 -9.73 -6.40 -2.20
C LYS D 343 -10.44 -7.71 -1.86
N ILE D 344 -11.72 -7.65 -1.50
CA ILE D 344 -12.42 -8.86 -1.06
C ILE D 344 -12.56 -9.86 -2.20
N LEU D 345 -12.78 -9.36 -3.42
CA LEU D 345 -13.10 -10.24 -4.54
C LEU D 345 -11.96 -11.20 -4.87
N LYS D 346 -10.71 -10.79 -4.61
CA LYS D 346 -9.58 -11.66 -4.93
C LYS D 346 -9.53 -12.86 -3.99
N MET D 347 -9.74 -12.64 -2.70
CA MET D 347 -9.85 -13.77 -1.76
C MET D 347 -11.05 -14.64 -2.11
N SER D 348 -12.16 -14.01 -2.52
CA SER D 348 -13.32 -14.78 -2.95
C SER D 348 -12.96 -15.70 -4.12
N TYR D 349 -12.23 -15.18 -5.11
CA TYR D 349 -11.84 -15.99 -6.27
C TYR D 349 -10.88 -17.09 -5.87
N THR D 350 -9.97 -16.82 -4.94
CA THR D 350 -9.06 -17.86 -4.47
C THR D 350 -9.84 -19.01 -3.84
N VAL D 351 -10.79 -18.68 -2.97
CA VAL D 351 -11.62 -19.72 -2.35
C VAL D 351 -12.43 -20.46 -3.40
N LEU D 352 -12.96 -19.73 -4.39
CA LEU D 352 -13.72 -20.36 -5.46
C LEU D 352 -12.88 -21.36 -6.23
N ASN D 353 -11.66 -20.97 -6.61
CA ASN D 353 -10.79 -21.88 -7.36
C ASN D 353 -10.43 -23.10 -6.53
N VAL D 354 -10.13 -22.92 -5.25
CA VAL D 354 -9.79 -24.06 -4.41
C VAL D 354 -10.96 -25.03 -4.32
N LEU D 355 -12.16 -24.50 -4.07
CA LEU D 355 -13.33 -25.36 -3.96
C LEU D 355 -13.65 -26.06 -5.27
N LEU D 356 -13.54 -25.35 -6.39
CA LEU D 356 -13.82 -25.96 -7.69
C LEU D 356 -12.83 -27.07 -8.01
N SER D 357 -11.54 -26.84 -7.74
CA SER D 357 -10.54 -27.86 -8.00
C SER D 357 -10.74 -29.07 -7.10
N SER D 358 -11.07 -28.85 -5.83
CA SER D 358 -11.30 -29.99 -4.93
C SER D 358 -12.54 -30.77 -5.34
N GLU D 359 -13.62 -30.08 -5.73
CA GLU D 359 -14.85 -30.77 -6.10
C GLU D 359 -14.66 -31.58 -7.38
N THR D 360 -13.99 -31.01 -8.37
CA THR D 360 -13.80 -31.70 -9.65
C THR D 360 -12.66 -32.72 -9.58
#